data_1SB0
#
_entry.id   1SB0
#
loop_
_entity.id
_entity.type
_entity.pdbx_description
1 polymer 'protein CBP'
2 polymer 'protein c-Myb'
#
loop_
_entity_poly.entity_id
_entity_poly.type
_entity_poly.pdbx_seq_one_letter_code
_entity_poly.pdbx_strand_id
1 'polypeptide(L)'
;GVRKGWHEHVTQDLRSHLVHKLVQAIFPTPDPAALKDRRMENLVAYAKKVEGDMYESANSRDEYYHLLAEKIYKIQKELE
EKRRSRL
;
A
2 'polypeptide(L)' KEKRIKELELLLMSTENELKGQQAL B
#
# COMPACT_ATOMS: atom_id res chain seq x y z
N GLY A 1 -6.83 1.40 0.09
CA GLY A 1 -7.88 1.58 1.11
C GLY A 1 -7.27 2.15 2.38
N VAL A 2 -7.52 1.51 3.53
CA VAL A 2 -7.06 2.01 4.83
C VAL A 2 -5.60 1.64 5.04
N ARG A 3 -5.34 0.36 5.32
CA ARG A 3 -4.02 -0.09 5.77
C ARG A 3 -3.05 -0.38 4.61
N LYS A 4 -3.58 -0.65 3.41
CA LYS A 4 -2.81 -0.97 2.22
C LYS A 4 -3.56 -0.37 1.03
N GLY A 5 -2.85 -0.02 -0.05
CA GLY A 5 -3.48 0.50 -1.26
C GLY A 5 -4.58 -0.43 -1.78
N TRP A 6 -4.33 -1.73 -1.73
CA TRP A 6 -5.26 -2.77 -2.14
C TRP A 6 -6.33 -3.12 -1.10
N HIS A 7 -6.23 -2.61 0.13
CA HIS A 7 -7.04 -3.00 1.28
C HIS A 7 -8.51 -3.26 0.94
N GLU A 8 -9.17 -2.32 0.26
CA GLU A 8 -10.59 -2.38 -0.03
C GLU A 8 -11.01 -3.66 -0.76
N HIS A 9 -10.08 -4.35 -1.44
CA HIS A 9 -10.39 -5.59 -2.12
C HIS A 9 -10.73 -6.72 -1.13
N VAL A 10 -10.18 -6.67 0.10
CA VAL A 10 -10.25 -7.79 1.02
C VAL A 10 -10.72 -7.35 2.41
N THR A 11 -12.00 -7.58 2.70
CA THR A 11 -12.63 -7.36 3.99
C THR A 11 -12.46 -8.58 4.91
N GLN A 12 -12.73 -8.35 6.19
CA GLN A 12 -12.64 -9.31 7.27
C GLN A 12 -13.30 -10.65 6.91
N ASP A 13 -14.46 -10.62 6.26
CA ASP A 13 -15.17 -11.82 5.85
C ASP A 13 -14.33 -12.65 4.88
N LEU A 14 -13.74 -12.02 3.87
CA LEU A 14 -12.87 -12.72 2.94
C LEU A 14 -11.63 -13.21 3.67
N ARG A 15 -11.04 -12.39 4.55
CA ARG A 15 -9.94 -12.84 5.40
C ARG A 15 -10.33 -14.10 6.16
N SER A 16 -11.53 -14.12 6.75
CA SER A 16 -12.07 -15.27 7.48
C SER A 16 -12.17 -16.49 6.57
N HIS A 17 -12.75 -16.33 5.38
CA HIS A 17 -12.88 -17.44 4.45
C HIS A 17 -11.50 -17.95 4.03
N LEU A 18 -10.55 -17.04 3.79
CA LEU A 18 -9.17 -17.40 3.48
C LEU A 18 -8.52 -18.16 4.65
N VAL A 19 -8.68 -17.68 5.89
CA VAL A 19 -8.27 -18.41 7.07
C VAL A 19 -8.87 -19.82 7.05
N HIS A 20 -10.16 -19.97 6.75
CA HIS A 20 -10.73 -21.30 6.58
C HIS A 20 -9.98 -22.08 5.52
N LYS A 21 -9.76 -21.51 4.32
CA LYS A 21 -8.95 -22.15 3.29
C LYS A 21 -7.62 -22.63 3.85
N LEU A 22 -6.90 -21.80 4.62
CA LEU A 22 -5.68 -22.25 5.29
C LEU A 22 -5.97 -23.50 6.12
N VAL A 23 -6.94 -23.44 7.03
CA VAL A 23 -7.27 -24.59 7.87
C VAL A 23 -7.53 -25.83 7.01
N GLN A 24 -8.45 -25.79 6.04
CA GLN A 24 -8.76 -26.98 5.25
C GLN A 24 -7.57 -27.44 4.37
N ALA A 25 -6.79 -26.50 3.83
CA ALA A 25 -5.66 -26.79 2.97
C ALA A 25 -4.53 -27.49 3.75
N ILE A 26 -4.28 -27.03 4.98
CA ILE A 26 -3.34 -27.66 5.88
C ILE A 26 -3.92 -28.99 6.38
N PHE A 27 -5.13 -28.90 6.94
CA PHE A 27 -5.85 -29.91 7.68
C PHE A 27 -7.31 -30.00 7.20
N PRO A 28 -7.63 -30.87 6.24
CA PRO A 28 -8.98 -30.99 5.68
C PRO A 28 -9.95 -31.52 6.75
N THR A 29 -10.40 -30.61 7.61
CA THR A 29 -11.14 -30.91 8.82
C THR A 29 -12.44 -31.66 8.50
N PRO A 30 -12.68 -32.84 9.10
CA PRO A 30 -13.87 -33.65 8.91
C PRO A 30 -15.19 -32.89 9.02
N ASP A 31 -15.38 -32.11 10.09
CA ASP A 31 -16.63 -31.42 10.38
C ASP A 31 -16.33 -30.05 11.00
N PRO A 32 -17.00 -28.96 10.57
CA PRO A 32 -16.90 -27.66 11.21
C PRO A 32 -16.92 -27.72 12.75
N ALA A 33 -17.81 -28.52 13.33
CA ALA A 33 -17.92 -28.67 14.78
C ALA A 33 -16.57 -29.02 15.42
N ALA A 34 -15.75 -29.81 14.71
CA ALA A 34 -14.44 -30.22 15.19
C ALA A 34 -13.55 -29.01 15.53
N LEU A 35 -13.79 -27.87 14.87
CA LEU A 35 -13.03 -26.64 15.11
C LEU A 35 -13.10 -26.20 16.58
N LYS A 36 -14.13 -26.63 17.32
CA LYS A 36 -14.22 -26.34 18.74
C LYS A 36 -13.06 -26.96 19.54
N ASP A 37 -12.47 -28.06 19.07
CA ASP A 37 -11.41 -28.74 19.82
C ASP A 37 -10.18 -27.86 19.94
N ARG A 38 -9.57 -27.80 21.12
CA ARG A 38 -8.38 -26.97 21.41
C ARG A 38 -7.28 -27.15 20.36
N ARG A 39 -7.05 -28.39 19.91
CA ARG A 39 -6.09 -28.69 18.86
C ARG A 39 -6.40 -27.84 17.62
N MET A 40 -7.66 -27.84 17.21
CA MET A 40 -8.09 -27.07 16.06
C MET A 40 -8.02 -25.59 16.37
N GLU A 41 -8.50 -25.16 17.55
CA GLU A 41 -8.44 -23.77 17.98
C GLU A 41 -7.04 -23.20 17.78
N ASN A 42 -6.01 -23.97 18.16
CA ASN A 42 -4.63 -23.58 17.95
C ASN A 42 -4.33 -23.39 16.45
N LEU A 43 -4.75 -24.32 15.60
CA LEU A 43 -4.53 -24.23 14.16
C LEU A 43 -5.27 -23.02 13.57
N VAL A 44 -6.50 -22.78 14.02
CA VAL A 44 -7.30 -21.62 13.65
C VAL A 44 -6.54 -20.34 14.03
N ALA A 45 -6.09 -20.25 15.28
CA ALA A 45 -5.30 -19.11 15.75
C ALA A 45 -4.05 -18.91 14.89
N TYR A 46 -3.30 -19.98 14.63
CA TYR A 46 -2.15 -19.96 13.72
C TYR A 46 -2.57 -19.36 12.38
N ALA A 47 -3.60 -19.93 11.75
CA ALA A 47 -4.07 -19.49 10.45
C ALA A 47 -4.45 -18.01 10.45
N LYS A 48 -5.17 -17.55 11.48
CA LYS A 48 -5.47 -16.14 11.66
C LYS A 48 -4.18 -15.31 11.69
N LYS A 49 -3.24 -15.67 12.57
CA LYS A 49 -1.96 -14.99 12.72
C LYS A 49 -1.25 -14.89 11.38
N VAL A 50 -1.07 -16.03 10.72
CA VAL A 50 -0.43 -16.14 9.42
C VAL A 50 -1.14 -15.25 8.39
N GLU A 51 -2.46 -15.37 8.26
CA GLU A 51 -3.23 -14.53 7.33
C GLU A 51 -2.98 -13.04 7.60
N GLY A 52 -3.10 -12.63 8.86
CA GLY A 52 -2.82 -11.25 9.26
C GLY A 52 -1.41 -10.85 8.80
N ASP A 53 -0.40 -11.64 9.17
CA ASP A 53 0.99 -11.40 8.80
C ASP A 53 1.10 -11.19 7.29
N MET A 54 0.53 -12.09 6.49
CA MET A 54 0.53 -11.96 5.05
C MET A 54 -0.12 -10.66 4.60
N TYR A 55 -1.29 -10.32 5.16
CA TYR A 55 -1.97 -9.07 4.82
C TYR A 55 -1.03 -7.88 4.99
N GLU A 56 -0.39 -7.77 6.15
CA GLU A 56 0.51 -6.66 6.42
C GLU A 56 1.79 -6.73 5.58
N SER A 57 2.28 -7.94 5.26
CA SER A 57 3.45 -8.10 4.41
C SER A 57 3.18 -7.70 2.95
N ALA A 58 2.02 -8.11 2.43
CA ALA A 58 1.68 -8.01 1.02
C ALA A 58 1.51 -6.58 0.54
N ASN A 59 2.43 -6.13 -0.34
CA ASN A 59 2.31 -4.87 -1.06
C ASN A 59 1.08 -4.82 -1.98
N SER A 60 0.53 -5.96 -2.40
CA SER A 60 -0.52 -6.01 -3.40
C SER A 60 -1.36 -7.28 -3.23
N ARG A 61 -2.64 -7.24 -3.60
CA ARG A 61 -3.57 -8.35 -3.42
C ARG A 61 -3.01 -9.64 -4.04
N ASP A 62 -2.60 -9.56 -5.29
CA ASP A 62 -1.90 -10.65 -5.97
C ASP A 62 -0.77 -11.23 -5.10
N GLU A 63 0.04 -10.37 -4.45
CA GLU A 63 1.10 -10.83 -3.57
C GLU A 63 0.48 -11.56 -2.38
N TYR A 64 -0.53 -10.96 -1.74
CA TYR A 64 -1.26 -11.57 -0.64
C TYR A 64 -1.71 -13.00 -1.00
N TYR A 65 -2.31 -13.18 -2.17
CA TYR A 65 -2.64 -14.52 -2.64
C TYR A 65 -1.38 -15.39 -2.79
N HIS A 66 -0.38 -14.88 -3.52
CA HIS A 66 0.86 -15.61 -3.78
C HIS A 66 1.50 -16.11 -2.49
N LEU A 67 1.94 -15.21 -1.60
CA LEU A 67 2.66 -15.65 -0.40
C LEU A 67 1.79 -16.52 0.51
N LEU A 68 0.46 -16.36 0.53
CA LEU A 68 -0.40 -17.30 1.23
C LEU A 68 -0.31 -18.69 0.60
N ALA A 69 -0.62 -18.82 -0.69
CA ALA A 69 -0.56 -20.11 -1.38
C ALA A 69 0.83 -20.74 -1.23
N GLU A 70 1.88 -19.95 -1.41
CA GLU A 70 3.25 -20.38 -1.19
C GLU A 70 3.42 -20.91 0.24
N LYS A 71 2.99 -20.15 1.25
CA LYS A 71 3.07 -20.59 2.64
C LYS A 71 2.37 -21.93 2.83
N ILE A 72 1.13 -22.09 2.35
CA ILE A 72 0.44 -23.37 2.39
C ILE A 72 1.33 -24.45 1.77
N TYR A 73 1.85 -24.18 0.57
CA TYR A 73 2.66 -25.14 -0.14
C TYR A 73 3.84 -25.55 0.73
N LYS A 74 4.57 -24.58 1.28
CA LYS A 74 5.67 -24.85 2.19
C LYS A 74 5.22 -25.72 3.36
N ILE A 75 4.11 -25.38 4.03
CA ILE A 75 3.57 -26.20 5.11
C ILE A 75 3.44 -27.64 4.64
N GLN A 76 2.71 -27.92 3.57
CA GLN A 76 2.57 -29.32 3.15
C GLN A 76 3.91 -29.92 2.70
N LYS A 77 4.74 -29.19 1.97
CA LYS A 77 6.02 -29.70 1.49
C LYS A 77 6.89 -30.15 2.66
N GLU A 78 6.99 -29.29 3.68
CA GLU A 78 7.76 -29.53 4.89
C GLU A 78 7.06 -30.57 5.78
N LEU A 79 5.89 -30.22 6.29
CA LEU A 79 5.14 -30.92 7.33
C LEU A 79 4.31 -32.10 6.81
N GLU A 80 4.13 -32.21 5.49
CA GLU A 80 3.22 -33.09 4.75
C GLU A 80 2.22 -33.85 5.64
N GLU A 81 1.11 -33.19 5.95
CA GLU A 81 0.11 -33.70 6.87
C GLU A 81 -1.21 -34.02 6.20
N LYS A 82 -1.56 -33.36 5.09
CA LYS A 82 -2.87 -33.37 4.43
C LYS A 82 -3.79 -34.54 4.85
N ARG A 83 -3.52 -35.75 4.36
CA ARG A 83 -4.35 -36.92 4.62
C ARG A 83 -4.20 -37.43 6.06
N ARG A 84 -3.02 -37.29 6.65
CA ARG A 84 -2.72 -37.77 7.99
C ARG A 84 -3.51 -36.98 9.04
N SER A 85 -3.56 -35.65 8.87
CA SER A 85 -4.19 -34.62 9.69
C SER A 85 -4.89 -35.12 10.95
N ARG A 86 -6.01 -35.80 10.75
CA ARG A 86 -6.81 -36.49 11.77
C ARG A 86 -5.95 -37.02 12.92
N LEU A 87 -4.94 -37.83 12.59
CA LEU A 87 -3.99 -38.37 13.55
C LEU A 87 -3.17 -37.24 14.18
N LYS B 1 1.87 -35.22 -9.44
CA LYS B 1 2.53 -34.14 -8.67
C LYS B 1 1.97 -32.77 -9.09
N GLU B 2 2.28 -32.33 -10.31
CA GLU B 2 1.85 -31.06 -10.87
C GLU B 2 0.38 -30.73 -10.56
N LYS B 3 -0.51 -31.71 -10.78
CA LYS B 3 -1.92 -31.57 -10.48
C LYS B 3 -2.14 -31.23 -9.01
N ARG B 4 -1.43 -31.93 -8.12
CA ARG B 4 -1.51 -31.70 -6.69
C ARG B 4 -0.98 -30.30 -6.36
N ILE B 5 0.16 -29.91 -6.96
CA ILE B 5 0.71 -28.58 -6.79
C ILE B 5 -0.36 -27.54 -7.10
N LYS B 6 -0.91 -27.62 -8.31
CA LYS B 6 -1.84 -26.64 -8.82
C LYS B 6 -3.15 -26.67 -8.04
N GLU B 7 -3.66 -27.84 -7.65
CA GLU B 7 -4.84 -27.92 -6.80
C GLU B 7 -4.59 -27.21 -5.46
N LEU B 8 -3.53 -27.60 -4.75
CA LEU B 8 -3.23 -27.03 -3.43
C LEU B 8 -3.07 -25.51 -3.53
N GLU B 9 -2.35 -25.04 -4.56
CA GLU B 9 -2.21 -23.61 -4.83
C GLU B 9 -3.58 -22.96 -5.11
N LEU B 10 -4.29 -23.49 -6.12
CA LEU B 10 -5.54 -22.96 -6.64
C LEU B 10 -6.61 -22.88 -5.54
N LEU B 11 -6.66 -23.88 -4.65
CA LEU B 11 -7.61 -23.90 -3.54
C LEU B 11 -7.68 -22.55 -2.84
N LEU B 12 -6.52 -21.98 -2.50
CA LEU B 12 -6.46 -20.68 -1.85
C LEU B 12 -6.91 -19.58 -2.81
N MET B 13 -6.32 -19.54 -4.01
CA MET B 13 -6.58 -18.50 -5.00
C MET B 13 -8.06 -18.39 -5.38
N SER B 14 -8.76 -19.53 -5.44
CA SER B 14 -10.13 -19.61 -5.91
C SER B 14 -11.06 -18.65 -5.14
N THR B 15 -10.95 -18.64 -3.82
CA THR B 15 -11.85 -17.99 -2.86
C THR B 15 -12.65 -16.81 -3.40
N GLU B 16 -12.00 -15.68 -3.70
CA GLU B 16 -12.70 -14.46 -4.11
C GLU B 16 -13.60 -14.72 -5.32
N ASN B 17 -13.11 -15.53 -6.26
CA ASN B 17 -13.83 -15.88 -7.47
C ASN B 17 -15.08 -16.67 -7.09
N GLU B 18 -14.91 -17.69 -6.24
CA GLU B 18 -16.01 -18.49 -5.73
C GLU B 18 -17.05 -17.59 -5.08
N LEU B 19 -16.63 -16.74 -4.15
CA LEU B 19 -17.51 -15.87 -3.40
C LEU B 19 -18.25 -14.90 -4.32
N LYS B 20 -17.54 -14.13 -5.15
CA LYS B 20 -18.21 -13.18 -6.03
C LYS B 20 -19.10 -13.90 -7.05
N GLY B 21 -18.69 -15.09 -7.48
CA GLY B 21 -19.54 -15.95 -8.30
C GLY B 21 -20.84 -16.29 -7.57
N GLN B 22 -20.74 -16.80 -6.35
CA GLN B 22 -21.88 -17.22 -5.54
C GLN B 22 -22.55 -15.99 -4.89
N GLN B 23 -22.92 -15.00 -5.70
CA GLN B 23 -23.61 -13.81 -5.25
C GLN B 23 -25.11 -14.10 -5.07
N ALA B 24 -25.44 -15.06 -4.20
CA ALA B 24 -26.82 -15.51 -4.00
C ALA B 24 -27.15 -15.67 -2.51
N LEU B 25 -26.45 -16.55 -1.78
CA LEU B 25 -26.77 -16.86 -0.39
C LEU B 25 -25.52 -17.07 0.46
N GLY A 1 -5.52 -1.68 0.92
CA GLY A 1 -4.46 -2.33 1.73
C GLY A 1 -3.19 -1.49 1.78
N VAL A 2 -2.56 -1.27 0.62
CA VAL A 2 -1.28 -0.55 0.50
C VAL A 2 -1.49 0.97 0.66
N ARG A 3 -1.98 1.40 1.81
CA ARG A 3 -2.44 2.76 2.09
C ARG A 3 -1.43 3.84 1.68
N LYS A 4 -0.15 3.65 2.01
CA LYS A 4 0.93 4.57 1.70
C LYS A 4 1.68 4.17 0.42
N GLY A 5 1.25 3.14 -0.29
CA GLY A 5 1.98 2.59 -1.43
C GLY A 5 3.24 1.87 -0.94
N TRP A 6 4.25 2.64 -0.55
CA TRP A 6 5.53 2.17 -0.04
C TRP A 6 5.36 1.23 1.17
N HIS A 7 4.23 1.36 1.87
CA HIS A 7 3.78 0.43 2.90
C HIS A 7 3.89 -1.03 2.45
N GLU A 8 3.69 -1.30 1.15
CA GLU A 8 3.84 -2.63 0.56
C GLU A 8 5.21 -3.24 0.87
N HIS A 9 6.23 -2.40 1.05
CA HIS A 9 7.55 -2.81 1.50
C HIS A 9 7.58 -2.90 3.02
N VAL A 10 7.27 -1.78 3.67
CA VAL A 10 7.46 -1.60 5.10
C VAL A 10 6.31 -2.21 5.89
N THR A 11 6.43 -3.50 6.19
CA THR A 11 5.50 -4.27 7.00
C THR A 11 5.75 -4.06 8.49
N GLN A 12 4.77 -4.50 9.29
CA GLN A 12 4.74 -4.47 10.74
C GLN A 12 6.05 -4.99 11.34
N ASP A 13 6.58 -6.08 10.81
CA ASP A 13 7.85 -6.64 11.23
C ASP A 13 8.96 -5.59 11.16
N LEU A 14 9.13 -4.95 9.99
CA LEU A 14 10.16 -3.95 9.78
C LEU A 14 9.88 -2.73 10.67
N ARG A 15 8.63 -2.31 10.79
CA ARG A 15 8.26 -1.23 11.71
C ARG A 15 8.74 -1.54 13.12
N SER A 16 8.42 -2.73 13.63
CA SER A 16 8.81 -3.18 14.96
C SER A 16 10.34 -3.20 15.11
N HIS A 17 11.04 -3.80 14.15
CA HIS A 17 12.49 -3.87 14.18
C HIS A 17 13.10 -2.45 14.16
N LEU A 18 12.54 -1.55 13.35
CA LEU A 18 12.95 -0.15 13.36
C LEU A 18 12.71 0.49 14.73
N VAL A 19 11.52 0.32 15.32
CA VAL A 19 11.25 0.77 16.68
C VAL A 19 12.35 0.29 17.62
N HIS A 20 12.69 -1.01 17.56
CA HIS A 20 13.82 -1.54 18.32
C HIS A 20 15.09 -0.74 18.04
N LYS A 21 15.46 -0.51 16.77
CA LYS A 21 16.63 0.33 16.48
C LYS A 21 16.51 1.72 17.09
N LEU A 22 15.32 2.34 17.11
CA LEU A 22 15.17 3.61 17.82
C LEU A 22 15.55 3.43 19.28
N VAL A 23 14.94 2.46 19.95
CA VAL A 23 15.25 2.18 21.35
C VAL A 23 16.75 2.01 21.53
N GLN A 24 17.41 1.15 20.76
CA GLN A 24 18.87 0.96 20.85
C GLN A 24 19.61 2.28 20.64
N ALA A 25 19.31 3.00 19.56
CA ALA A 25 20.02 4.21 19.19
C ALA A 25 19.93 5.28 20.27
N ILE A 26 18.76 5.40 20.91
CA ILE A 26 18.57 6.30 22.04
C ILE A 26 19.21 5.72 23.32
N PHE A 27 19.04 4.42 23.53
CA PHE A 27 19.34 3.71 24.77
C PHE A 27 19.69 2.24 24.46
N PRO A 28 20.97 1.91 24.23
CA PRO A 28 21.39 0.54 23.96
C PRO A 28 21.00 -0.37 25.13
N THR A 29 20.20 -1.42 24.89
CA THR A 29 19.65 -2.23 25.96
C THR A 29 20.68 -3.27 26.44
N PRO A 30 21.04 -3.33 27.73
CA PRO A 30 21.88 -4.37 28.29
C PRO A 30 21.46 -5.79 27.89
N ASP A 31 20.14 -6.05 27.82
CA ASP A 31 19.59 -7.30 27.33
C ASP A 31 18.26 -6.98 26.64
N PRO A 32 17.96 -7.55 25.47
CA PRO A 32 16.64 -7.44 24.84
C PRO A 32 15.49 -7.71 25.83
N ALA A 33 15.63 -8.72 26.69
CA ALA A 33 14.64 -9.05 27.70
C ALA A 33 14.28 -7.85 28.59
N ALA A 34 15.17 -6.87 28.73
CA ALA A 34 14.93 -5.68 29.52
C ALA A 34 13.80 -4.82 28.93
N LEU A 35 13.52 -4.94 27.62
CA LEU A 35 12.54 -4.10 26.92
C LEU A 35 11.20 -4.01 27.66
N LYS A 36 10.75 -5.12 28.28
CA LYS A 36 9.46 -5.17 28.94
C LYS A 36 9.43 -4.49 30.32
N ASP A 37 10.57 -4.02 30.83
CA ASP A 37 10.66 -3.43 32.17
C ASP A 37 9.81 -2.16 32.29
N ARG A 38 9.20 -1.94 33.46
CA ARG A 38 8.35 -0.79 33.79
C ARG A 38 8.89 0.53 33.25
N ARG A 39 10.20 0.76 33.39
CA ARG A 39 10.85 1.96 32.88
C ARG A 39 10.89 1.92 31.36
N MET A 40 11.50 0.87 30.81
CA MET A 40 11.73 0.70 29.38
C MET A 40 10.43 0.85 28.58
N GLU A 41 9.33 0.26 29.07
CA GLU A 41 8.02 0.33 28.43
C GLU A 41 7.66 1.75 27.97
N ASN A 42 8.04 2.77 28.75
CA ASN A 42 7.78 4.16 28.39
C ASN A 42 8.56 4.55 27.14
N LEU A 43 9.85 4.24 27.11
CA LEU A 43 10.73 4.53 25.99
C LEU A 43 10.28 3.74 24.75
N VAL A 44 9.92 2.47 24.94
CA VAL A 44 9.33 1.64 23.90
C VAL A 44 8.09 2.33 23.34
N ALA A 45 7.16 2.75 24.21
CA ALA A 45 5.95 3.45 23.81
C ALA A 45 6.31 4.71 23.00
N TYR A 46 7.24 5.52 23.49
CA TYR A 46 7.73 6.68 22.76
C TYR A 46 8.21 6.28 21.37
N ALA A 47 9.09 5.28 21.29
CA ALA A 47 9.65 4.81 20.03
C ALA A 47 8.55 4.37 19.07
N LYS A 48 7.58 3.58 19.55
CA LYS A 48 6.41 3.20 18.77
C LYS A 48 5.68 4.44 18.24
N LYS A 49 5.33 5.35 19.14
CA LYS A 49 4.62 6.57 18.81
C LYS A 49 5.36 7.33 17.72
N VAL A 50 6.63 7.61 17.94
CA VAL A 50 7.46 8.38 17.02
C VAL A 50 7.57 7.66 15.67
N GLU A 51 7.83 6.35 15.66
CA GLU A 51 7.86 5.58 14.42
C GLU A 51 6.53 5.71 13.68
N GLY A 52 5.40 5.56 14.39
CA GLY A 52 4.08 5.79 13.83
C GLY A 52 3.98 7.18 13.20
N ASP A 53 4.33 8.22 13.96
CA ASP A 53 4.32 9.61 13.51
C ASP A 53 5.08 9.75 12.19
N MET A 54 6.31 9.21 12.15
CA MET A 54 7.11 9.22 10.94
C MET A 54 6.41 8.47 9.81
N TYR A 55 5.87 7.28 10.09
CA TYR A 55 5.17 6.47 9.09
C TYR A 55 4.06 7.31 8.44
N GLU A 56 3.22 7.95 9.25
CA GLU A 56 2.15 8.79 8.75
C GLU A 56 2.68 10.01 8.01
N SER A 57 3.75 10.65 8.52
CA SER A 57 4.34 11.82 7.88
C SER A 57 4.98 11.48 6.53
N ALA A 58 5.59 10.30 6.42
CA ALA A 58 6.44 9.92 5.32
C ALA A 58 5.69 9.68 3.99
N ASN A 59 5.88 10.61 3.07
CA ASN A 59 5.44 10.50 1.67
C ASN A 59 6.00 9.23 1.00
N SER A 60 7.22 8.81 1.34
CA SER A 60 7.92 7.70 0.71
C SER A 60 8.69 6.92 1.77
N ARG A 61 9.07 5.68 1.42
CA ARG A 61 9.99 4.89 2.22
C ARG A 61 11.32 5.64 2.40
N ASP A 62 11.83 6.24 1.31
CA ASP A 62 13.00 7.10 1.37
C ASP A 62 12.84 8.17 2.45
N GLU A 63 11.73 8.91 2.42
CA GLU A 63 11.42 9.89 3.44
C GLU A 63 11.41 9.23 4.83
N TYR A 64 10.64 8.16 5.00
CA TYR A 64 10.53 7.41 6.25
C TYR A 64 11.91 7.10 6.85
N TYR A 65 12.81 6.54 6.04
CA TYR A 65 14.18 6.32 6.48
C TYR A 65 14.86 7.64 6.84
N HIS A 66 14.82 8.63 5.94
CA HIS A 66 15.47 9.91 6.14
C HIS A 66 15.05 10.56 7.46
N LEU A 67 13.76 10.87 7.64
CA LEU A 67 13.34 11.58 8.85
C LEU A 67 13.53 10.75 10.12
N LEU A 68 13.46 9.42 10.06
CA LEU A 68 13.80 8.60 11.22
C LEU A 68 15.28 8.72 11.58
N ALA A 69 16.18 8.48 10.61
CA ALA A 69 17.61 8.62 10.84
C ALA A 69 17.93 10.03 11.35
N GLU A 70 17.37 11.05 10.70
CA GLU A 70 17.53 12.44 11.11
C GLU A 70 17.03 12.65 12.54
N LYS A 71 15.87 12.10 12.90
CA LYS A 71 15.35 12.17 14.27
C LYS A 71 16.36 11.58 15.25
N ILE A 72 16.84 10.35 15.01
CA ILE A 72 17.87 9.74 15.85
C ILE A 72 19.06 10.70 15.99
N TYR A 73 19.58 11.13 14.85
CA TYR A 73 20.75 12.00 14.75
C TYR A 73 20.53 13.24 15.62
N LYS A 74 19.39 13.91 15.43
CA LYS A 74 18.97 15.03 16.25
C LYS A 74 19.00 14.68 17.72
N ILE A 75 18.39 13.58 18.18
CA ILE A 75 18.46 13.23 19.60
C ILE A 75 19.92 13.18 20.04
N GLN A 76 20.71 12.33 19.37
CA GLN A 76 22.11 12.12 19.69
C GLN A 76 22.94 13.41 19.63
N LYS A 77 22.52 14.40 18.83
CA LYS A 77 23.13 15.73 18.85
C LYS A 77 22.59 16.53 20.04
N GLU A 78 21.31 16.92 19.96
CA GLU A 78 20.60 17.80 20.86
C GLU A 78 20.83 17.43 22.33
N LEU A 79 20.69 16.15 22.69
CA LEU A 79 20.85 15.72 24.07
C LEU A 79 22.30 15.95 24.51
N GLU A 80 23.25 15.27 23.86
CA GLU A 80 24.67 15.36 24.19
C GLU A 80 25.15 16.81 24.24
N GLU A 81 24.78 17.64 23.24
CA GLU A 81 25.25 19.01 23.14
C GLU A 81 24.48 19.98 24.04
N LYS A 82 23.48 19.51 24.81
CA LYS A 82 22.67 20.35 25.68
C LYS A 82 23.52 21.31 26.51
N ARG A 83 24.61 20.80 27.08
CA ARG A 83 25.60 21.56 27.82
C ARG A 83 26.03 22.82 27.06
N ARG A 84 26.29 22.69 25.76
CA ARG A 84 26.65 23.82 24.92
C ARG A 84 25.41 24.67 24.64
N SER A 85 24.29 24.03 24.33
CA SER A 85 23.03 24.71 24.05
C SER A 85 22.61 25.69 25.16
N ARG A 86 22.91 25.37 26.43
CA ARG A 86 22.68 26.30 27.54
C ARG A 86 23.35 27.66 27.31
N LEU A 87 24.46 27.72 26.59
CA LEU A 87 25.21 28.96 26.37
C LEU A 87 24.41 29.90 25.48
N LYS B 1 33.66 11.59 16.20
CA LYS B 1 32.74 12.69 15.82
C LYS B 1 32.06 12.34 14.49
N GLU B 2 32.60 12.80 13.37
CA GLU B 2 32.15 12.44 12.03
C GLU B 2 31.87 10.94 11.89
N LYS B 3 32.79 10.11 12.39
CA LYS B 3 32.67 8.67 12.38
C LYS B 3 31.36 8.27 13.05
N ARG B 4 31.16 8.77 14.28
CA ARG B 4 29.99 8.52 15.11
C ARG B 4 28.74 8.93 14.35
N ILE B 5 28.74 10.14 13.80
CA ILE B 5 27.64 10.64 13.00
C ILE B 5 27.31 9.65 11.87
N LYS B 6 28.34 9.24 11.12
CA LYS B 6 28.12 8.38 9.96
C LYS B 6 27.62 7.00 10.37
N GLU B 7 28.25 6.33 11.35
CA GLU B 7 27.76 5.03 11.79
C GLU B 7 26.33 5.14 12.35
N LEU B 8 26.06 6.19 13.13
CA LEU B 8 24.73 6.46 13.66
C LEU B 8 23.70 6.53 12.53
N GLU B 9 23.96 7.40 11.54
CA GLU B 9 23.09 7.59 10.40
C GLU B 9 22.92 6.25 9.64
N LEU B 10 24.04 5.63 9.29
CA LEU B 10 24.13 4.42 8.50
C LEU B 10 23.38 3.26 9.16
N LEU B 11 23.53 3.09 10.47
CA LEU B 11 22.91 1.99 11.21
C LEU B 11 21.42 1.88 10.89
N LEU B 12 20.67 2.97 11.07
CA LEU B 12 19.23 2.97 10.84
C LEU B 12 18.97 2.65 9.36
N MET B 13 19.59 3.38 8.45
CA MET B 13 19.50 3.14 7.01
C MET B 13 19.75 1.67 6.65
N SER B 14 20.71 1.02 7.31
CA SER B 14 21.06 -0.37 7.04
C SER B 14 19.96 -1.35 7.45
N THR B 15 18.93 -0.92 8.20
CA THR B 15 17.89 -1.84 8.63
C THR B 15 17.19 -2.44 7.42
N GLU B 16 16.80 -1.62 6.43
CA GLU B 16 16.24 -2.16 5.19
C GLU B 16 17.29 -3.01 4.47
N ASN B 17 18.54 -2.53 4.42
CA ASN B 17 19.61 -3.30 3.79
C ASN B 17 19.67 -4.72 4.37
N GLU B 18 19.42 -4.86 5.67
CA GLU B 18 19.36 -6.14 6.36
C GLU B 18 18.08 -6.90 6.02
N LEU B 19 16.91 -6.29 6.25
CA LEU B 19 15.60 -6.98 6.19
C LEU B 19 14.97 -7.12 4.81
N LYS B 20 15.18 -6.18 3.89
CA LYS B 20 14.44 -6.11 2.64
C LYS B 20 14.51 -7.37 1.77
N GLY B 21 15.69 -8.00 1.70
CA GLY B 21 15.94 -9.17 0.87
C GLY B 21 15.79 -8.87 -0.62
N GLN B 22 14.54 -8.74 -1.09
CA GLN B 22 14.18 -8.39 -2.46
C GLN B 22 13.36 -7.09 -2.52
N GLN B 23 12.79 -6.61 -1.41
CA GLN B 23 11.91 -5.45 -1.41
C GLN B 23 12.73 -4.16 -1.58
N ALA B 24 13.22 -3.90 -2.78
CA ALA B 24 13.93 -2.67 -3.12
C ALA B 24 13.00 -1.45 -2.95
N LEU B 25 13.57 -0.31 -2.57
CA LEU B 25 12.82 0.93 -2.36
C LEU B 25 12.30 1.52 -3.67
N GLY A 1 2.57 -0.28 -12.33
CA GLY A 1 2.86 0.97 -13.04
C GLY A 1 2.10 2.16 -12.44
N VAL A 2 2.55 2.64 -11.28
CA VAL A 2 1.86 3.65 -10.48
C VAL A 2 2.03 5.08 -11.03
N ARG A 3 1.82 5.26 -12.33
CA ARG A 3 2.05 6.50 -13.08
C ARG A 3 1.53 7.76 -12.38
N LYS A 4 0.31 7.70 -11.83
CA LYS A 4 -0.35 8.86 -11.21
C LYS A 4 -0.14 8.91 -9.70
N GLY A 5 0.67 8.03 -9.12
CA GLY A 5 0.78 7.89 -7.68
C GLY A 5 -0.47 7.22 -7.09
N TRP A 6 -1.58 7.96 -7.05
CA TRP A 6 -2.86 7.54 -6.44
C TRP A 6 -3.30 6.15 -6.92
N HIS A 7 -3.03 5.88 -8.20
CA HIS A 7 -3.16 4.59 -8.87
C HIS A 7 -2.80 3.43 -7.93
N GLU A 8 -1.70 3.57 -7.17
CA GLU A 8 -1.21 2.55 -6.25
C GLU A 8 -2.26 2.11 -5.23
N HIS A 9 -3.11 3.04 -4.76
CA HIS A 9 -4.13 2.75 -3.78
C HIS A 9 -5.28 1.98 -4.43
N VAL A 10 -5.67 2.44 -5.62
CA VAL A 10 -6.82 1.92 -6.33
C VAL A 10 -6.42 0.64 -7.10
N THR A 11 -6.53 -0.48 -6.39
CA THR A 11 -6.19 -1.80 -6.90
C THR A 11 -7.16 -2.28 -7.97
N GLN A 12 -6.73 -3.34 -8.68
CA GLN A 12 -7.55 -4.05 -9.65
C GLN A 12 -8.90 -4.43 -9.07
N ASP A 13 -8.96 -4.85 -7.81
CA ASP A 13 -10.21 -5.20 -7.15
C ASP A 13 -11.16 -4.01 -7.15
N LEU A 14 -10.69 -2.83 -6.71
CA LEU A 14 -11.53 -1.64 -6.71
C LEU A 14 -11.91 -1.26 -8.14
N ARG A 15 -10.97 -1.28 -9.09
CA ARG A 15 -11.31 -1.08 -10.51
C ARG A 15 -12.47 -2.00 -10.92
N SER A 16 -12.31 -3.30 -10.66
CA SER A 16 -13.27 -4.34 -11.00
C SER A 16 -14.64 -4.06 -10.35
N HIS A 17 -14.62 -3.68 -9.08
CA HIS A 17 -15.84 -3.35 -8.35
C HIS A 17 -16.53 -2.12 -8.96
N LEU A 18 -15.77 -1.07 -9.29
CA LEU A 18 -16.30 0.11 -9.94
C LEU A 18 -16.86 -0.23 -11.33
N VAL A 19 -16.14 -1.03 -12.13
CA VAL A 19 -16.64 -1.60 -13.38
C VAL A 19 -17.99 -2.27 -13.13
N HIS A 20 -18.11 -3.10 -12.09
CA HIS A 20 -19.40 -3.67 -11.73
C HIS A 20 -20.45 -2.56 -11.47
N LYS A 21 -20.13 -1.56 -10.64
CA LYS A 21 -21.02 -0.41 -10.45
C LYS A 21 -21.45 0.22 -11.78
N LEU A 22 -20.52 0.40 -12.74
CA LEU A 22 -20.87 0.88 -14.07
C LEU A 22 -21.91 -0.04 -14.72
N VAL A 23 -21.66 -1.35 -14.77
CA VAL A 23 -22.64 -2.29 -15.32
C VAL A 23 -23.99 -2.11 -14.61
N GLN A 24 -24.02 -2.06 -13.28
CA GLN A 24 -25.26 -1.85 -12.53
C GLN A 24 -25.93 -0.53 -12.93
N ALA A 25 -25.16 0.56 -13.04
CA ALA A 25 -25.69 1.86 -13.42
C ALA A 25 -26.29 1.84 -14.83
N ILE A 26 -25.61 1.20 -15.77
CA ILE A 26 -26.10 1.01 -17.14
C ILE A 26 -27.33 0.10 -17.12
N PHE A 27 -27.33 -0.95 -16.29
CA PHE A 27 -28.29 -2.04 -16.32
C PHE A 27 -28.20 -2.86 -15.02
N PRO A 28 -29.03 -2.56 -14.00
CA PRO A 28 -29.01 -3.27 -12.72
C PRO A 28 -29.23 -4.78 -12.92
N THR A 29 -28.17 -5.56 -12.78
CA THR A 29 -28.13 -6.97 -13.14
C THR A 29 -28.85 -7.82 -12.08
N PRO A 30 -29.87 -8.61 -12.46
CA PRO A 30 -30.60 -9.49 -11.56
C PRO A 30 -29.71 -10.35 -10.68
N ASP A 31 -28.83 -11.15 -11.30
CA ASP A 31 -28.01 -12.16 -10.65
C ASP A 31 -26.58 -12.03 -11.18
N PRO A 32 -25.56 -11.90 -10.32
CA PRO A 32 -24.15 -11.86 -10.72
C PRO A 32 -23.77 -12.88 -11.79
N ALA A 33 -24.28 -14.12 -11.66
CA ALA A 33 -24.06 -15.18 -12.64
C ALA A 33 -24.32 -14.73 -14.09
N ALA A 34 -25.31 -13.85 -14.29
CA ALA A 34 -25.66 -13.31 -15.61
C ALA A 34 -24.45 -12.67 -16.30
N LEU A 35 -23.49 -12.13 -15.54
CA LEU A 35 -22.26 -11.56 -16.07
C LEU A 35 -21.52 -12.54 -16.99
N LYS A 36 -21.72 -13.86 -16.82
CA LYS A 36 -21.12 -14.87 -17.67
C LYS A 36 -21.72 -14.90 -19.09
N ASP A 37 -22.85 -14.22 -19.35
CA ASP A 37 -23.51 -14.24 -20.65
C ASP A 37 -22.94 -13.19 -21.61
N ARG A 38 -22.86 -13.54 -22.90
CA ARG A 38 -22.31 -12.71 -23.97
C ARG A 38 -22.93 -11.29 -24.00
N ARG A 39 -24.23 -11.18 -23.75
CA ARG A 39 -24.90 -9.89 -23.67
C ARG A 39 -24.25 -9.05 -22.57
N MET A 40 -24.22 -9.56 -21.34
CA MET A 40 -23.62 -8.85 -20.23
C MET A 40 -22.14 -8.59 -20.49
N GLU A 41 -21.43 -9.54 -21.10
CA GLU A 41 -20.02 -9.38 -21.48
C GLU A 41 -19.78 -8.08 -22.24
N ASN A 42 -20.74 -7.64 -23.08
CA ASN A 42 -20.63 -6.38 -23.80
C ASN A 42 -20.67 -5.19 -22.83
N LEU A 43 -21.60 -5.20 -21.87
CA LEU A 43 -21.69 -4.14 -20.86
C LEU A 43 -20.42 -4.14 -20.01
N VAL A 44 -19.99 -5.33 -19.57
CA VAL A 44 -18.73 -5.51 -18.84
C VAL A 44 -17.58 -4.92 -19.66
N ALA A 45 -17.45 -5.26 -20.94
CA ALA A 45 -16.41 -4.73 -21.80
C ALA A 45 -16.47 -3.20 -21.88
N TYR A 46 -17.65 -2.64 -22.14
CA TYR A 46 -17.87 -1.19 -22.15
C TYR A 46 -17.35 -0.58 -20.84
N ALA A 47 -17.80 -1.14 -19.72
CA ALA A 47 -17.42 -0.66 -18.40
C ALA A 47 -15.90 -0.77 -18.18
N LYS A 48 -15.28 -1.92 -18.48
CA LYS A 48 -13.84 -2.09 -18.39
C LYS A 48 -13.11 -1.03 -19.20
N LYS A 49 -13.48 -0.88 -20.47
CA LYS A 49 -12.93 0.13 -21.37
C LYS A 49 -13.03 1.51 -20.72
N VAL A 50 -14.25 1.92 -20.40
CA VAL A 50 -14.50 3.27 -19.92
C VAL A 50 -13.79 3.53 -18.57
N GLU A 51 -13.90 2.61 -17.61
CA GLU A 51 -13.17 2.70 -16.36
C GLU A 51 -11.66 2.77 -16.63
N GLY A 52 -11.15 1.97 -17.56
CA GLY A 52 -9.77 2.08 -18.02
C GLY A 52 -9.47 3.52 -18.44
N ASP A 53 -10.26 4.07 -19.36
CA ASP A 53 -10.11 5.44 -19.83
C ASP A 53 -10.05 6.42 -18.65
N MET A 54 -10.97 6.30 -17.70
CA MET A 54 -10.94 7.12 -16.49
C MET A 54 -9.64 6.91 -15.69
N TYR A 55 -9.25 5.66 -15.44
CA TYR A 55 -8.06 5.29 -14.68
C TYR A 55 -6.80 5.89 -15.32
N GLU A 56 -6.73 5.91 -16.66
CA GLU A 56 -5.67 6.58 -17.40
C GLU A 56 -5.79 8.12 -17.29
N SER A 57 -6.99 8.67 -17.48
CA SER A 57 -7.18 10.11 -17.54
C SER A 57 -7.06 10.80 -16.16
N ALA A 58 -7.41 10.11 -15.08
CA ALA A 58 -7.55 10.71 -13.76
C ALA A 58 -6.20 11.03 -13.11
N ASN A 59 -5.98 12.32 -12.85
CA ASN A 59 -4.75 12.84 -12.26
C ASN A 59 -4.76 12.73 -10.73
N SER A 60 -5.92 12.44 -10.14
CA SER A 60 -6.06 12.16 -8.72
C SER A 60 -7.24 11.21 -8.52
N ARG A 61 -7.28 10.57 -7.36
CA ARG A 61 -8.35 9.66 -6.94
C ARG A 61 -9.68 10.42 -6.91
N ASP A 62 -9.65 11.65 -6.39
CA ASP A 62 -10.80 12.55 -6.43
C ASP A 62 -11.32 12.72 -7.86
N GLU A 63 -10.45 12.98 -8.84
CA GLU A 63 -10.84 13.06 -10.24
C GLU A 63 -11.43 11.72 -10.68
N TYR A 64 -10.72 10.62 -10.46
CA TYR A 64 -11.17 9.28 -10.80
C TYR A 64 -12.62 9.03 -10.34
N TYR A 65 -12.92 9.30 -9.07
CA TYR A 65 -14.28 9.20 -8.59
C TYR A 65 -15.21 10.21 -9.29
N HIS A 66 -14.81 11.48 -9.37
CA HIS A 66 -15.63 12.50 -10.00
C HIS A 66 -16.04 12.11 -11.42
N LEU A 67 -15.09 11.91 -12.34
CA LEU A 67 -15.45 11.64 -13.74
C LEU A 67 -16.18 10.30 -13.92
N LEU A 68 -15.92 9.29 -13.09
CA LEU A 68 -16.74 8.07 -13.10
C LEU A 68 -18.17 8.37 -12.66
N ALA A 69 -18.35 9.04 -11.53
CA ALA A 69 -19.67 9.42 -11.04
C ALA A 69 -20.40 10.24 -12.11
N GLU A 70 -19.74 11.26 -12.66
CA GLU A 70 -20.24 12.07 -13.76
C GLU A 70 -20.64 11.19 -14.95
N LYS A 71 -19.80 10.23 -15.34
CA LYS A 71 -20.12 9.32 -16.43
C LYS A 71 -21.43 8.58 -16.13
N ILE A 72 -21.54 7.93 -14.96
CA ILE A 72 -22.78 7.29 -14.54
C ILE A 72 -23.97 8.26 -14.65
N TYR A 73 -23.82 9.43 -14.02
CA TYR A 73 -24.82 10.47 -13.97
C TYR A 73 -25.30 10.80 -15.38
N LYS A 74 -24.36 11.05 -16.29
CA LYS A 74 -24.63 11.27 -17.71
C LYS A 74 -25.39 10.09 -18.32
N ILE A 75 -24.92 8.85 -18.15
CA ILE A 75 -25.64 7.69 -18.68
C ILE A 75 -27.10 7.71 -18.20
N GLN A 76 -27.30 7.77 -16.89
CA GLN A 76 -28.63 7.80 -16.28
C GLN A 76 -29.47 9.00 -16.74
N LYS A 77 -28.86 10.16 -16.97
CA LYS A 77 -29.58 11.33 -17.49
C LYS A 77 -29.97 11.12 -18.95
N GLU A 78 -29.01 10.77 -19.79
CA GLU A 78 -29.14 10.67 -21.24
C GLU A 78 -30.01 9.47 -21.64
N LEU A 79 -29.66 8.27 -21.16
CA LEU A 79 -30.35 7.03 -21.51
C LEU A 79 -31.63 6.83 -20.70
N GLU A 80 -31.71 7.37 -19.49
CA GLU A 80 -32.81 7.30 -18.53
C GLU A 80 -33.78 6.09 -18.70
N GLU A 81 -34.82 6.19 -19.53
CA GLU A 81 -35.91 5.22 -19.61
C GLU A 81 -35.53 3.85 -20.22
N LYS A 82 -34.54 3.15 -19.65
CA LYS A 82 -34.16 1.83 -20.12
C LYS A 82 -35.14 0.77 -19.62
N ARG A 83 -35.17 0.51 -18.31
CA ARG A 83 -36.00 -0.56 -17.76
C ARG A 83 -37.48 -0.36 -18.05
N ARG A 84 -37.93 0.89 -18.23
CA ARG A 84 -39.30 1.21 -18.61
C ARG A 84 -39.52 1.19 -20.13
N SER A 85 -38.46 1.09 -20.94
CA SER A 85 -38.55 1.06 -22.40
C SER A 85 -37.31 0.41 -23.03
N ARG A 86 -36.20 1.16 -23.11
CA ARG A 86 -35.00 0.73 -23.84
C ARG A 86 -34.16 -0.25 -23.01
N LEU A 87 -34.71 -1.43 -22.74
CA LEU A 87 -34.10 -2.45 -21.90
C LEU A 87 -32.68 -2.81 -22.34
N LYS B 1 -36.43 14.40 -8.88
CA LYS B 1 -35.23 13.95 -9.60
C LYS B 1 -33.96 14.15 -8.76
N GLU B 2 -33.81 15.34 -8.16
CA GLU B 2 -32.71 15.70 -7.29
C GLU B 2 -32.24 14.57 -6.35
N LYS B 3 -33.17 13.93 -5.64
CA LYS B 3 -32.87 12.82 -4.75
C LYS B 3 -32.20 11.67 -5.52
N ARG B 4 -32.75 11.34 -6.69
CA ARG B 4 -32.19 10.29 -7.55
C ARG B 4 -30.79 10.70 -7.98
N ILE B 5 -30.62 11.95 -8.41
CA ILE B 5 -29.31 12.49 -8.78
C ILE B 5 -28.31 12.32 -7.63
N LYS B 6 -28.68 12.76 -6.42
CA LYS B 6 -27.78 12.72 -5.28
C LYS B 6 -27.47 11.29 -4.86
N GLU B 7 -28.49 10.44 -4.70
CA GLU B 7 -28.30 9.02 -4.43
C GLU B 7 -27.37 8.40 -5.47
N LEU B 8 -27.63 8.65 -6.75
CA LEU B 8 -26.83 8.14 -7.86
C LEU B 8 -25.38 8.58 -7.74
N GLU B 9 -25.14 9.89 -7.60
CA GLU B 9 -23.79 10.43 -7.50
C GLU B 9 -23.08 9.83 -6.27
N LEU B 10 -23.75 9.84 -5.12
CA LEU B 10 -23.25 9.33 -3.86
C LEU B 10 -22.91 7.84 -3.95
N LEU B 11 -23.78 7.03 -4.57
CA LEU B 11 -23.61 5.59 -4.66
C LEU B 11 -22.22 5.23 -5.19
N LEU B 12 -21.80 5.86 -6.29
CA LEU B 12 -20.50 5.56 -6.87
C LEU B 12 -19.38 5.94 -5.89
N MET B 13 -19.38 7.20 -5.43
CA MET B 13 -18.43 7.68 -4.42
C MET B 13 -18.33 6.72 -3.23
N SER B 14 -19.48 6.23 -2.74
CA SER B 14 -19.60 5.31 -1.62
C SER B 14 -18.95 3.94 -1.88
N THR B 15 -18.53 3.63 -3.10
CA THR B 15 -17.90 2.34 -3.39
C THR B 15 -16.69 2.08 -2.49
N GLU B 16 -15.96 3.12 -2.08
CA GLU B 16 -14.92 2.96 -1.06
C GLU B 16 -15.44 2.14 0.14
N ASN B 17 -16.65 2.45 0.60
CA ASN B 17 -17.29 1.70 1.68
C ASN B 17 -17.90 0.40 1.16
N GLU B 18 -18.65 0.44 0.04
CA GLU B 18 -19.40 -0.71 -0.44
C GLU B 18 -18.47 -1.87 -0.83
N LEU B 19 -17.24 -1.58 -1.27
CA LEU B 19 -16.19 -2.57 -1.48
C LEU B 19 -15.99 -3.43 -0.23
N LYS B 20 -16.04 -2.80 0.95
CA LYS B 20 -15.95 -3.50 2.22
C LYS B 20 -17.32 -4.10 2.54
N GLY B 21 -18.36 -3.26 2.58
CA GLY B 21 -19.75 -3.64 2.81
C GLY B 21 -20.36 -4.29 1.57
N GLN B 22 -19.77 -5.40 1.14
CA GLN B 22 -20.04 -6.10 -0.11
C GLN B 22 -21.41 -6.80 -0.08
N GLN B 23 -22.50 -6.04 -0.20
CA GLN B 23 -23.87 -6.52 -0.09
C GLN B 23 -24.31 -7.38 -1.29
N ALA B 24 -23.73 -8.57 -1.42
CA ALA B 24 -24.03 -9.54 -2.48
C ALA B 24 -25.38 -10.22 -2.24
N LEU B 25 -26.47 -9.45 -2.28
CA LEU B 25 -27.83 -9.96 -2.12
C LEU B 25 -28.23 -10.86 -3.31
N GLY A 1 1.49 -8.03 9.58
CA GLY A 1 0.87 -6.94 8.80
C GLY A 1 0.37 -7.43 7.45
N VAL A 2 -0.70 -8.22 7.46
CA VAL A 2 -1.28 -8.85 6.26
C VAL A 2 -2.09 -7.84 5.44
N ARG A 3 -1.43 -6.74 5.04
CA ARG A 3 -2.00 -5.55 4.43
C ARG A 3 -3.15 -5.83 3.47
N LYS A 4 -2.88 -6.64 2.44
CA LYS A 4 -3.82 -6.89 1.35
C LYS A 4 -4.66 -8.16 1.59
N GLY A 5 -4.61 -8.75 2.78
CA GLY A 5 -5.25 -10.02 3.05
C GLY A 5 -4.51 -11.14 2.33
N TRP A 6 -4.72 -11.25 1.00
CA TRP A 6 -4.07 -12.23 0.14
C TRP A 6 -2.54 -12.20 0.32
N HIS A 7 -2.03 -10.99 0.58
CA HIS A 7 -0.67 -10.67 1.02
C HIS A 7 -0.08 -11.77 1.90
N GLU A 8 -0.86 -12.29 2.86
CA GLU A 8 -0.41 -13.29 3.82
C GLU A 8 0.28 -14.48 3.16
N HIS A 9 -0.22 -14.90 1.99
CA HIS A 9 0.36 -16.00 1.24
C HIS A 9 1.60 -15.51 0.50
N VAL A 10 1.42 -14.43 -0.27
CA VAL A 10 2.44 -13.88 -1.13
C VAL A 10 3.45 -13.09 -0.30
N THR A 11 4.32 -13.86 0.35
CA THR A 11 5.41 -13.41 1.18
C THR A 11 6.55 -12.90 0.31
N GLN A 12 7.47 -12.14 0.93
CA GLN A 12 8.59 -11.51 0.24
C GLN A 12 9.34 -12.48 -0.65
N ASP A 13 9.52 -13.74 -0.25
CA ASP A 13 10.21 -14.72 -1.06
C ASP A 13 9.53 -14.87 -2.42
N LEU A 14 8.20 -15.03 -2.45
CA LEU A 14 7.48 -15.15 -3.70
C LEU A 14 7.55 -13.81 -4.45
N ARG A 15 7.37 -12.69 -3.77
CA ARG A 15 7.54 -11.37 -4.41
C ARG A 15 8.90 -11.30 -5.13
N SER A 16 9.96 -11.68 -4.43
CA SER A 16 11.34 -11.72 -4.92
C SER A 16 11.46 -12.65 -6.14
N HIS A 17 10.89 -13.86 -6.05
CA HIS A 17 10.88 -14.81 -7.15
C HIS A 17 10.18 -14.18 -8.37
N LEU A 18 9.03 -13.54 -8.16
CA LEU A 18 8.30 -12.87 -9.23
C LEU A 18 9.11 -11.72 -9.84
N VAL A 19 9.73 -10.88 -9.01
CA VAL A 19 10.70 -9.88 -9.45
C VAL A 19 11.76 -10.53 -10.35
N HIS A 20 12.38 -11.63 -9.90
CA HIS A 20 13.33 -12.36 -10.73
C HIS A 20 12.69 -12.74 -12.07
N LYS A 21 11.48 -13.31 -12.05
CA LYS A 21 10.76 -13.60 -13.30
C LYS A 21 10.57 -12.35 -14.16
N LEU A 22 10.25 -11.18 -13.58
CA LEU A 22 10.19 -9.95 -14.37
C LEU A 22 11.53 -9.76 -15.08
N VAL A 23 12.63 -9.77 -14.32
CA VAL A 23 13.95 -9.60 -14.89
C VAL A 23 14.16 -10.60 -16.03
N GLN A 24 13.96 -11.90 -15.81
CA GLN A 24 14.14 -12.92 -16.85
C GLN A 24 13.25 -12.66 -18.07
N ALA A 25 11.95 -12.47 -17.85
CA ALA A 25 10.96 -12.37 -18.91
C ALA A 25 11.24 -11.16 -19.80
N ILE A 26 11.70 -10.05 -19.22
CA ILE A 26 12.15 -8.90 -19.97
C ILE A 26 13.52 -9.18 -20.61
N PHE A 27 14.46 -9.64 -19.79
CA PHE A 27 15.88 -9.78 -20.06
C PHE A 27 16.43 -11.08 -19.42
N PRO A 28 16.44 -12.21 -20.14
CA PRO A 28 16.99 -13.46 -19.63
C PRO A 28 18.46 -13.28 -19.23
N THR A 29 18.84 -13.58 -17.98
CA THR A 29 20.19 -13.36 -17.50
C THR A 29 21.04 -14.62 -17.71
N PRO A 30 22.15 -14.56 -18.47
CA PRO A 30 23.07 -15.68 -18.64
C PRO A 30 23.51 -16.33 -17.32
N ASP A 31 23.78 -15.51 -16.28
CA ASP A 31 24.22 -16.00 -14.99
C ASP A 31 23.63 -15.10 -13.90
N PRO A 32 23.08 -15.65 -12.80
CA PRO A 32 22.65 -14.88 -11.64
C PRO A 32 23.65 -13.81 -11.21
N ALA A 33 24.95 -14.12 -11.19
CA ALA A 33 25.98 -13.17 -10.81
C ALA A 33 25.89 -11.88 -11.64
N ALA A 34 25.46 -11.97 -12.90
CA ALA A 34 25.30 -10.83 -13.78
C ALA A 34 24.37 -9.77 -13.18
N LEU A 35 23.45 -10.18 -12.31
CA LEU A 35 22.55 -9.25 -11.60
C LEU A 35 23.33 -8.14 -10.89
N LYS A 36 24.59 -8.37 -10.50
CA LYS A 36 25.43 -7.38 -9.86
C LYS A 36 25.80 -6.21 -10.78
N ASP A 37 25.74 -6.39 -12.10
CA ASP A 37 26.09 -5.33 -13.05
C ASP A 37 25.15 -4.14 -12.88
N ARG A 38 25.68 -2.92 -12.83
CA ARG A 38 24.93 -1.70 -12.54
C ARG A 38 23.63 -1.58 -13.35
N ARG A 39 23.68 -1.89 -14.65
CA ARG A 39 22.50 -1.85 -15.51
C ARG A 39 21.47 -2.87 -15.00
N MET A 40 21.91 -4.08 -14.67
CA MET A 40 21.04 -5.08 -14.11
C MET A 40 20.50 -4.62 -12.77
N GLU A 41 21.33 -4.05 -11.89
CA GLU A 41 20.86 -3.50 -10.63
C GLU A 41 19.72 -2.49 -10.86
N ASN A 42 19.85 -1.63 -11.87
CA ASN A 42 18.76 -0.75 -12.26
C ASN A 42 17.52 -1.53 -12.71
N LEU A 43 17.67 -2.53 -13.58
CA LEU A 43 16.53 -3.31 -14.06
C LEU A 43 15.84 -4.05 -12.91
N VAL A 44 16.63 -4.60 -11.99
CA VAL A 44 16.19 -5.22 -10.76
C VAL A 44 15.40 -4.19 -9.94
N ALA A 45 15.96 -2.99 -9.73
CA ALA A 45 15.27 -1.92 -9.01
C ALA A 45 13.92 -1.62 -9.68
N TYR A 46 13.89 -1.46 -11.00
CA TYR A 46 12.65 -1.27 -11.75
C TYR A 46 11.68 -2.42 -11.45
N ALA A 47 12.13 -3.66 -11.60
CA ALA A 47 11.31 -4.83 -11.36
C ALA A 47 10.73 -4.84 -9.94
N LYS A 48 11.55 -4.54 -8.93
CA LYS A 48 11.10 -4.41 -7.54
C LYS A 48 10.02 -3.34 -7.45
N LYS A 49 10.31 -2.13 -7.94
CA LYS A 49 9.38 -1.01 -7.90
C LYS A 49 8.04 -1.41 -8.51
N VAL A 50 8.09 -1.92 -9.74
CA VAL A 50 6.90 -2.29 -10.49
C VAL A 50 6.14 -3.40 -9.76
N GLU A 51 6.81 -4.46 -9.29
CA GLU A 51 6.17 -5.49 -8.48
C GLU A 51 5.50 -4.86 -7.25
N GLY A 52 6.16 -3.91 -6.59
CA GLY A 52 5.57 -3.13 -5.51
C GLY A 52 4.25 -2.48 -5.97
N ASP A 53 4.31 -1.72 -7.06
CA ASP A 53 3.14 -1.09 -7.65
C ASP A 53 2.02 -2.11 -7.87
N MET A 54 2.34 -3.25 -8.46
CA MET A 54 1.39 -4.32 -8.69
C MET A 54 0.80 -4.83 -7.37
N TYR A 55 1.65 -5.11 -6.38
CA TYR A 55 1.25 -5.59 -5.06
C TYR A 55 0.19 -4.66 -4.45
N GLU A 56 0.40 -3.34 -4.55
CA GLU A 56 -0.56 -2.35 -4.10
C GLU A 56 -1.79 -2.24 -5.00
N SER A 57 -1.62 -2.29 -6.32
CA SER A 57 -2.74 -2.16 -7.25
C SER A 57 -3.71 -3.34 -7.12
N ALA A 58 -3.16 -4.54 -6.98
CA ALA A 58 -3.91 -5.78 -7.07
C ALA A 58 -4.63 -6.11 -5.76
N ASN A 59 -5.93 -5.81 -5.67
CA ASN A 59 -6.72 -6.22 -4.52
C ASN A 59 -7.12 -7.72 -4.60
N SER A 60 -6.23 -8.58 -5.11
CA SER A 60 -6.35 -10.04 -5.08
C SER A 60 -5.05 -10.65 -5.62
N ARG A 61 -4.73 -11.86 -5.17
CA ARG A 61 -3.63 -12.67 -5.70
C ARG A 61 -3.85 -12.92 -7.19
N ASP A 62 -5.08 -13.24 -7.55
CA ASP A 62 -5.51 -13.46 -8.93
C ASP A 62 -5.14 -12.25 -9.78
N GLU A 63 -5.61 -11.06 -9.38
CA GLU A 63 -5.28 -9.83 -10.09
C GLU A 63 -3.77 -9.66 -10.13
N TYR A 64 -3.08 -9.82 -9.00
CA TYR A 64 -1.64 -9.64 -8.91
C TYR A 64 -0.90 -10.47 -9.97
N TYR A 65 -1.21 -11.77 -10.06
CA TYR A 65 -0.65 -12.58 -11.14
C TYR A 65 -1.04 -12.01 -12.51
N HIS A 66 -2.33 -11.74 -12.71
CA HIS A 66 -2.81 -11.22 -13.99
C HIS A 66 -2.04 -9.97 -14.43
N LEU A 67 -2.08 -8.88 -13.66
CA LEU A 67 -1.45 -7.63 -14.09
C LEU A 67 0.07 -7.74 -14.19
N LEU A 68 0.74 -8.58 -13.40
CA LEU A 68 2.17 -8.83 -13.60
C LEU A 68 2.40 -9.50 -14.96
N ALA A 69 1.71 -10.60 -15.23
CA ALA A 69 1.83 -11.28 -16.52
C ALA A 69 1.50 -10.30 -17.66
N GLU A 70 0.41 -9.55 -17.54
CA GLU A 70 0.01 -8.55 -18.52
C GLU A 70 1.11 -7.52 -18.72
N LYS A 71 1.71 -7.02 -17.64
CA LYS A 71 2.82 -6.07 -17.72
C LYS A 71 3.96 -6.66 -18.54
N ILE A 72 4.43 -7.87 -18.21
CA ILE A 72 5.44 -8.56 -19.00
C ILE A 72 5.03 -8.59 -20.47
N TYR A 73 3.84 -9.10 -20.72
CA TYR A 73 3.25 -9.29 -22.04
C TYR A 73 3.36 -7.97 -22.82
N LYS A 74 2.83 -6.89 -22.24
CA LYS A 74 2.86 -5.56 -22.80
C LYS A 74 4.30 -5.12 -23.09
N ILE A 75 5.21 -5.18 -22.11
CA ILE A 75 6.61 -4.85 -22.34
C ILE A 75 7.11 -5.55 -23.60
N GLN A 76 7.06 -6.88 -23.63
CA GLN A 76 7.53 -7.62 -24.78
C GLN A 76 6.90 -7.09 -26.08
N LYS A 77 5.56 -7.07 -26.13
CA LYS A 77 4.82 -6.65 -27.32
C LYS A 77 5.17 -5.22 -27.75
N GLU A 78 4.91 -4.25 -26.89
CA GLU A 78 5.15 -2.84 -27.13
C GLU A 78 6.60 -2.64 -27.59
N LEU A 79 7.55 -3.14 -26.79
CA LEU A 79 8.96 -2.95 -27.00
C LEU A 79 9.38 -3.60 -28.32
N GLU A 80 8.87 -4.80 -28.60
CA GLU A 80 9.11 -5.48 -29.88
C GLU A 80 8.61 -4.63 -31.04
N GLU A 81 7.29 -4.45 -31.09
CA GLU A 81 6.58 -3.87 -32.21
C GLU A 81 6.99 -2.42 -32.46
N LYS A 82 7.06 -1.59 -31.41
CA LYS A 82 7.30 -0.16 -31.57
C LYS A 82 8.79 0.16 -31.62
N ARG A 83 9.61 -0.42 -30.74
CA ARG A 83 11.01 -0.04 -30.60
C ARG A 83 11.90 -0.97 -31.42
N ARG A 84 12.09 -2.20 -30.93
CA ARG A 84 13.08 -3.14 -31.45
C ARG A 84 12.87 -3.41 -32.95
N SER A 85 11.62 -3.44 -33.40
CA SER A 85 11.22 -3.47 -34.80
C SER A 85 12.09 -2.53 -35.65
N ARG A 86 12.27 -1.30 -35.18
CA ARG A 86 13.14 -0.33 -35.84
C ARG A 86 14.59 -0.57 -35.37
N LEU A 87 14.81 -0.49 -34.06
CA LEU A 87 16.11 -0.66 -33.41
C LEU A 87 15.91 -0.56 -31.90
N LYS B 1 2.97 -15.78 -33.27
CA LYS B 1 3.06 -15.04 -32.00
C LYS B 1 2.35 -15.79 -30.86
N GLU B 2 1.20 -16.41 -31.15
CA GLU B 2 0.32 -17.04 -30.16
C GLU B 2 1.07 -17.86 -29.11
N LYS B 3 1.90 -18.80 -29.57
CA LYS B 3 2.66 -19.66 -28.68
C LYS B 3 3.60 -18.83 -27.81
N ARG B 4 4.24 -17.81 -28.39
CA ARG B 4 5.12 -16.93 -27.64
C ARG B 4 4.33 -16.21 -26.56
N ILE B 5 3.17 -15.64 -26.92
CA ILE B 5 2.25 -15.03 -25.98
C ILE B 5 1.95 -16.01 -24.84
N LYS B 6 1.54 -17.23 -25.16
CA LYS B 6 1.12 -18.18 -24.15
C LYS B 6 2.29 -18.55 -23.25
N GLU B 7 3.43 -18.96 -23.81
CA GLU B 7 4.64 -19.27 -23.05
C GLU B 7 5.00 -18.09 -22.12
N LEU B 8 5.03 -16.88 -22.67
CA LEU B 8 5.36 -15.66 -21.94
C LEU B 8 4.42 -15.46 -20.76
N GLU B 9 3.11 -15.55 -21.00
CA GLU B 9 2.11 -15.44 -19.93
C GLU B 9 2.34 -16.53 -18.87
N LEU B 10 2.41 -17.78 -19.33
CA LEU B 10 2.53 -18.97 -18.50
C LEU B 10 3.79 -18.91 -17.62
N LEU B 11 4.92 -18.45 -18.16
CA LEU B 11 6.19 -18.35 -17.45
C LEU B 11 6.00 -17.71 -16.08
N LEU B 12 5.32 -16.56 -16.03
CA LEU B 12 5.08 -15.86 -14.78
C LEU B 12 4.11 -16.66 -13.91
N MET B 13 2.97 -17.07 -14.47
CA MET B 13 1.97 -17.84 -13.72
C MET B 13 2.59 -19.08 -13.03
N SER B 14 3.53 -19.74 -13.72
CA SER B 14 4.21 -20.93 -13.23
C SER B 14 5.04 -20.69 -11.96
N THR B 15 5.24 -19.44 -11.52
CA THR B 15 6.06 -19.19 -10.34
C THR B 15 5.53 -19.93 -9.11
N GLU B 16 4.22 -20.11 -8.96
CA GLU B 16 3.70 -20.94 -7.87
C GLU B 16 4.35 -22.32 -7.89
N ASN B 17 4.26 -22.99 -9.04
CA ASN B 17 4.79 -24.33 -9.25
C ASN B 17 6.29 -24.34 -8.97
N GLU B 18 7.01 -23.39 -9.59
CA GLU B 18 8.45 -23.28 -9.45
C GLU B 18 8.83 -23.10 -7.97
N LEU B 19 8.16 -22.17 -7.30
CA LEU B 19 8.36 -21.85 -5.89
C LEU B 19 8.13 -23.09 -5.03
N LYS B 20 6.98 -23.74 -5.14
CA LYS B 20 6.68 -24.88 -4.28
C LYS B 20 7.65 -26.03 -4.55
N GLY B 21 8.05 -26.26 -5.81
CA GLY B 21 9.09 -27.23 -6.12
C GLY B 21 10.42 -26.85 -5.45
N GLN B 22 10.92 -25.66 -5.75
CA GLN B 22 12.12 -25.07 -5.18
C GLN B 22 12.16 -25.25 -3.66
N GLN B 23 11.04 -24.90 -3.00
CA GLN B 23 10.90 -24.98 -1.55
C GLN B 23 10.17 -26.27 -1.14
N ALA B 24 10.40 -27.37 -1.84
CA ALA B 24 9.82 -28.66 -1.44
C ALA B 24 10.30 -29.04 -0.04
N LEU B 25 11.59 -28.83 0.23
CA LEU B 25 12.15 -29.00 1.56
C LEU B 25 11.64 -27.89 2.48
N GLY A 1 -1.77 5.92 1.39
CA GLY A 1 -2.07 4.56 1.87
C GLY A 1 -1.52 3.49 0.93
N VAL A 2 -0.20 3.33 0.91
CA VAL A 2 0.53 2.46 -0.01
C VAL A 2 0.36 0.96 0.34
N ARG A 3 -0.88 0.47 0.40
CA ARG A 3 -1.22 -0.90 0.72
C ARG A 3 -2.12 -1.45 -0.39
N LYS A 4 -1.61 -2.40 -1.18
CA LYS A 4 -2.33 -3.00 -2.30
C LYS A 4 -2.07 -4.51 -2.44
N GLY A 5 -1.38 -5.14 -1.49
CA GLY A 5 -0.92 -6.51 -1.63
C GLY A 5 0.33 -6.51 -2.51
N TRP A 6 0.18 -6.11 -3.77
CA TRP A 6 1.30 -5.98 -4.70
C TRP A 6 2.32 -4.95 -4.21
N HIS A 7 1.88 -3.97 -3.43
CA HIS A 7 2.70 -2.86 -2.94
C HIS A 7 4.08 -3.33 -2.46
N GLU A 8 4.11 -4.39 -1.66
CA GLU A 8 5.34 -4.92 -1.07
C GLU A 8 6.38 -5.31 -2.14
N HIS A 9 5.93 -5.69 -3.34
CA HIS A 9 6.80 -6.07 -4.44
C HIS A 9 7.43 -4.84 -5.09
N VAL A 10 6.91 -3.64 -4.82
CA VAL A 10 7.39 -2.38 -5.37
C VAL A 10 7.61 -1.39 -4.21
N THR A 11 8.78 -1.50 -3.59
CA THR A 11 9.16 -0.73 -2.42
C THR A 11 9.48 0.71 -2.78
N GLN A 12 9.54 1.55 -1.74
CA GLN A 12 9.81 2.97 -1.86
C GLN A 12 11.03 3.25 -2.74
N ASP A 13 12.10 2.46 -2.64
CA ASP A 13 13.29 2.66 -3.46
C ASP A 13 12.94 2.57 -4.95
N LEU A 14 12.18 1.54 -5.32
CA LEU A 14 11.76 1.36 -6.70
C LEU A 14 10.80 2.50 -7.10
N ARG A 15 9.86 2.85 -6.22
CA ARG A 15 9.01 4.03 -6.44
C ARG A 15 9.85 5.27 -6.73
N SER A 16 10.87 5.51 -5.91
CA SER A 16 11.76 6.66 -5.98
C SER A 16 12.54 6.65 -7.31
N HIS A 17 13.10 5.51 -7.69
CA HIS A 17 13.80 5.42 -8.95
C HIS A 17 12.83 5.57 -10.13
N LEU A 18 11.58 5.11 -9.99
CA LEU A 18 10.55 5.35 -11.00
C LEU A 18 10.23 6.85 -11.07
N VAL A 19 10.09 7.54 -9.94
CA VAL A 19 10.00 9.00 -9.91
C VAL A 19 11.17 9.59 -10.70
N HIS A 20 12.39 9.12 -10.45
CA HIS A 20 13.54 9.51 -11.25
C HIS A 20 13.29 9.30 -12.74
N LYS A 21 12.85 8.10 -13.15
CA LYS A 21 12.50 7.84 -14.54
C LYS A 21 11.48 8.86 -15.06
N LEU A 22 10.45 9.20 -14.28
CA LEU A 22 9.52 10.25 -14.69
C LEU A 22 10.27 11.55 -14.95
N VAL A 23 11.07 12.01 -13.98
CA VAL A 23 11.86 13.22 -14.15
C VAL A 23 12.66 13.13 -15.45
N GLN A 24 13.37 12.03 -15.71
CA GLN A 24 14.16 11.89 -16.92
C GLN A 24 13.29 11.92 -18.18
N ALA A 25 12.19 11.17 -18.18
CA ALA A 25 11.29 11.04 -19.32
C ALA A 25 10.67 12.39 -19.71
N ILE A 26 10.34 13.21 -18.69
CA ILE A 26 9.84 14.57 -18.91
C ILE A 26 11.00 15.51 -19.26
N PHE A 27 12.11 15.37 -18.53
CA PHE A 27 13.24 16.28 -18.52
C PHE A 27 14.56 15.52 -18.27
N PRO A 28 15.29 15.10 -19.32
CA PRO A 28 16.56 14.41 -19.15
C PRO A 28 17.52 15.34 -18.40
N THR A 29 17.83 14.99 -17.15
CA THR A 29 18.53 15.85 -16.22
C THR A 29 20.05 15.82 -16.49
N PRO A 30 20.69 16.99 -16.70
CA PRO A 30 22.12 17.10 -16.93
C PRO A 30 22.98 16.37 -15.87
N ASP A 31 22.69 16.59 -14.58
CA ASP A 31 23.45 16.01 -13.48
C ASP A 31 22.50 15.85 -12.30
N PRO A 32 22.53 14.74 -11.55
CA PRO A 32 21.77 14.57 -10.31
C PRO A 32 21.81 15.80 -9.40
N ALA A 33 22.99 16.43 -9.23
CA ALA A 33 23.13 17.63 -8.41
C ALA A 33 22.16 18.72 -8.83
N ALA A 34 21.88 18.84 -10.13
CA ALA A 34 20.99 19.85 -10.69
C ALA A 34 19.59 19.76 -10.08
N LEU A 35 19.21 18.61 -9.51
CA LEU A 35 17.94 18.46 -8.81
C LEU A 35 17.78 19.48 -7.66
N LYS A 36 18.86 20.10 -7.19
CA LYS A 36 18.77 21.19 -6.22
C LYS A 36 17.95 22.39 -6.75
N ASP A 37 17.97 22.62 -8.06
CA ASP A 37 17.35 23.80 -8.65
C ASP A 37 15.84 23.81 -8.37
N ARG A 38 15.28 24.94 -7.93
CA ARG A 38 13.87 25.10 -7.60
C ARG A 38 12.95 24.48 -8.66
N ARG A 39 13.24 24.75 -9.93
CA ARG A 39 12.56 24.16 -11.08
C ARG A 39 12.47 22.65 -10.92
N MET A 40 13.63 22.01 -10.73
CA MET A 40 13.74 20.58 -10.63
C MET A 40 13.06 20.11 -9.37
N GLU A 41 13.28 20.77 -8.23
CA GLU A 41 12.60 20.46 -6.98
C GLU A 41 11.08 20.39 -7.20
N ASN A 42 10.52 21.36 -7.91
CA ASN A 42 9.10 21.37 -8.26
C ASN A 42 8.76 20.19 -9.17
N LEU A 43 9.56 19.94 -10.21
CA LEU A 43 9.31 18.84 -11.13
C LEU A 43 9.37 17.48 -10.41
N VAL A 44 10.32 17.34 -9.48
CA VAL A 44 10.48 16.21 -8.58
C VAL A 44 9.22 16.07 -7.75
N ALA A 45 8.74 17.16 -7.13
CA ALA A 45 7.50 17.14 -6.38
C ALA A 45 6.35 16.63 -7.26
N TYR A 46 6.19 17.19 -8.47
CA TYR A 46 5.18 16.71 -9.41
C TYR A 46 5.33 15.21 -9.67
N ALA A 47 6.55 14.76 -9.99
CA ALA A 47 6.82 13.36 -10.27
C ALA A 47 6.45 12.48 -9.08
N LYS A 48 6.87 12.85 -7.87
CA LYS A 48 6.48 12.17 -6.64
C LYS A 48 4.96 12.09 -6.54
N LYS A 49 4.28 13.23 -6.65
CA LYS A 49 2.83 13.30 -6.59
C LYS A 49 2.19 12.34 -7.61
N VAL A 50 2.59 12.43 -8.88
CA VAL A 50 1.98 11.63 -9.94
C VAL A 50 2.27 10.14 -9.72
N GLU A 51 3.52 9.76 -9.43
CA GLU A 51 3.86 8.38 -9.13
C GLU A 51 3.04 7.87 -7.94
N GLY A 52 2.93 8.68 -6.88
CA GLY A 52 2.05 8.40 -5.76
C GLY A 52 0.63 8.12 -6.24
N ASP A 53 0.05 9.05 -7.02
CA ASP A 53 -1.29 8.90 -7.57
C ASP A 53 -1.43 7.56 -8.29
N MET A 54 -0.47 7.24 -9.18
CA MET A 54 -0.47 5.96 -9.88
C MET A 54 -0.45 4.79 -8.90
N TYR A 55 0.44 4.83 -7.91
CA TYR A 55 0.56 3.78 -6.90
C TYR A 55 -0.77 3.56 -6.19
N GLU A 56 -1.40 4.65 -5.74
CA GLU A 56 -2.68 4.62 -5.06
C GLU A 56 -3.82 4.16 -5.99
N SER A 57 -3.76 4.52 -7.27
CA SER A 57 -4.77 4.15 -8.26
C SER A 57 -4.68 2.66 -8.60
N ALA A 58 -3.48 2.19 -8.89
CA ALA A 58 -3.23 0.86 -9.44
C ALA A 58 -3.57 -0.28 -8.48
N ASN A 59 -4.66 -0.99 -8.76
CA ASN A 59 -5.06 -2.16 -7.97
C ASN A 59 -4.13 -3.37 -8.20
N SER A 60 -3.18 -3.31 -9.15
CA SER A 60 -2.23 -4.39 -9.43
C SER A 60 -0.96 -3.82 -10.07
N ARG A 61 0.17 -4.52 -9.87
CA ARG A 61 1.49 -4.11 -10.36
C ARG A 61 1.49 -3.86 -11.87
N ASP A 62 0.92 -4.79 -12.64
CA ASP A 62 0.77 -4.63 -14.08
C ASP A 62 0.10 -3.29 -14.41
N GLU A 63 -0.99 -2.95 -13.72
CA GLU A 63 -1.66 -1.67 -13.89
C GLU A 63 -0.68 -0.54 -13.54
N TYR A 64 -0.04 -0.61 -12.39
CA TYR A 64 0.93 0.39 -11.93
C TYR A 64 1.97 0.70 -13.02
N TYR A 65 2.55 -0.34 -13.62
CA TYR A 65 3.47 -0.13 -14.72
C TYR A 65 2.74 0.46 -15.94
N HIS A 66 1.59 -0.12 -16.32
CA HIS A 66 0.83 0.35 -17.47
C HIS A 66 0.53 1.84 -17.39
N LEU A 67 -0.22 2.30 -16.37
CA LEU A 67 -0.64 3.69 -16.33
C LEU A 67 0.54 4.67 -16.20
N LEU A 68 1.66 4.28 -15.58
CA LEU A 68 2.87 5.09 -15.61
C LEU A 68 3.44 5.17 -17.03
N ALA A 69 3.65 4.03 -17.68
CA ALA A 69 4.17 4.01 -19.04
C ALA A 69 3.26 4.82 -19.97
N GLU A 70 1.94 4.65 -19.86
CA GLU A 70 0.95 5.43 -20.57
C GLU A 70 1.15 6.92 -20.28
N LYS A 71 1.24 7.31 -19.00
CA LYS A 71 1.47 8.70 -18.62
C LYS A 71 2.68 9.26 -19.37
N ILE A 72 3.83 8.57 -19.30
CA ILE A 72 5.02 8.97 -20.06
C ILE A 72 4.70 9.11 -21.56
N TYR A 73 4.09 8.08 -22.13
CA TYR A 73 3.72 8.01 -23.54
C TYR A 73 2.97 9.29 -23.93
N LYS A 74 1.88 9.57 -23.22
CA LYS A 74 1.07 10.77 -23.43
C LYS A 74 1.92 12.03 -23.29
N ILE A 75 2.68 12.17 -22.20
CA ILE A 75 3.55 13.34 -22.01
C ILE A 75 4.39 13.56 -23.26
N GLN A 76 5.20 12.58 -23.65
CA GLN A 76 6.05 12.70 -24.83
C GLN A 76 5.22 13.12 -26.05
N LYS A 77 4.14 12.40 -26.35
CA LYS A 77 3.28 12.68 -27.48
C LYS A 77 2.74 14.11 -27.49
N GLU A 78 2.36 14.61 -26.32
CA GLU A 78 1.86 15.98 -26.18
C GLU A 78 3.02 16.99 -26.31
N LEU A 79 4.01 16.88 -25.43
CA LEU A 79 5.14 17.80 -25.34
C LEU A 79 5.84 17.95 -26.69
N GLU A 80 5.99 16.87 -27.46
CA GLU A 80 6.70 16.92 -28.74
C GLU A 80 5.93 17.63 -29.85
N GLU A 81 4.65 17.96 -29.67
CA GLU A 81 3.74 18.43 -30.73
C GLU A 81 4.38 19.27 -31.84
N LYS A 82 5.14 20.31 -31.51
CA LYS A 82 5.94 21.03 -32.49
C LYS A 82 7.14 20.15 -32.89
N ARG A 83 6.88 19.13 -33.71
CA ARG A 83 7.88 18.25 -34.29
C ARG A 83 8.61 18.99 -35.41
N ARG A 84 9.24 18.27 -36.35
CA ARG A 84 9.83 18.81 -37.57
C ARG A 84 8.73 19.38 -38.48
N SER A 85 8.15 20.49 -38.05
CA SER A 85 6.95 21.11 -38.60
C SER A 85 7.24 21.88 -39.89
N ARG A 86 7.79 21.21 -40.90
CA ARG A 86 8.12 21.80 -42.19
C ARG A 86 6.86 21.97 -43.06
N LEU A 87 5.89 22.77 -42.57
CA LEU A 87 4.64 23.02 -43.27
C LEU A 87 4.11 24.39 -42.85
N LYS B 1 7.38 5.79 -36.18
CA LYS B 1 6.63 6.06 -34.95
C LYS B 1 6.60 4.81 -34.06
N GLU B 2 5.96 3.74 -34.55
CA GLU B 2 5.79 2.46 -33.86
C GLU B 2 6.98 2.05 -32.97
N LYS B 3 8.18 2.04 -33.53
CA LYS B 3 9.39 1.67 -32.79
C LYS B 3 9.61 2.61 -31.61
N ARG B 4 9.48 3.91 -31.85
CA ARG B 4 9.66 4.94 -30.83
C ARG B 4 8.60 4.77 -29.74
N ILE B 5 7.35 4.52 -30.15
CA ILE B 5 6.26 4.22 -29.23
C ILE B 5 6.63 3.02 -28.36
N LYS B 6 6.98 1.90 -28.98
CA LYS B 6 7.22 0.66 -28.25
C LYS B 6 8.42 0.79 -27.33
N GLU B 7 9.52 1.38 -27.82
CA GLU B 7 10.69 1.67 -27.01
C GLU B 7 10.29 2.52 -25.79
N LEU B 8 9.60 3.64 -26.02
CA LEU B 8 9.18 4.52 -24.95
C LEU B 8 8.32 3.77 -23.93
N GLU B 9 7.28 3.07 -24.40
CA GLU B 9 6.38 2.30 -23.55
C GLU B 9 7.17 1.27 -22.73
N LEU B 10 8.02 0.50 -23.41
CA LEU B 10 8.82 -0.56 -22.81
C LEU B 10 9.79 -0.01 -21.77
N LEU B 11 10.46 1.11 -22.07
CA LEU B 11 11.52 1.67 -21.24
C LEU B 11 11.14 1.71 -19.75
N LEU B 12 9.98 2.29 -19.43
CA LEU B 12 9.55 2.42 -18.03
C LEU B 12 9.46 1.03 -17.39
N MET B 13 8.74 0.12 -18.05
CA MET B 13 8.58 -1.26 -17.59
C MET B 13 9.95 -1.91 -17.37
N SER B 14 10.87 -1.69 -18.31
CA SER B 14 12.22 -2.22 -18.28
C SER B 14 13.02 -1.76 -17.05
N THR B 15 12.57 -0.73 -16.33
CA THR B 15 13.15 -0.40 -15.03
C THR B 15 13.17 -1.65 -14.13
N GLU B 16 12.14 -2.49 -14.23
CA GLU B 16 12.09 -3.75 -13.49
C GLU B 16 13.25 -4.68 -13.87
N ASN B 17 13.76 -4.60 -15.09
CA ASN B 17 14.97 -5.33 -15.46
C ASN B 17 16.15 -4.65 -14.78
N GLU B 18 16.29 -3.34 -14.98
CA GLU B 18 17.36 -2.53 -14.42
C GLU B 18 17.53 -2.79 -12.91
N LEU B 19 16.42 -2.88 -12.18
CA LEU B 19 16.37 -3.00 -10.73
C LEU B 19 15.96 -4.40 -10.25
N LYS B 20 16.01 -5.41 -11.13
CA LYS B 20 15.48 -6.75 -10.93
C LYS B 20 15.64 -7.29 -9.51
N GLY B 21 16.88 -7.64 -9.14
CA GLY B 21 17.26 -8.27 -7.87
C GLY B 21 16.13 -9.08 -7.23
N GLN B 22 15.58 -8.56 -6.13
CA GLN B 22 14.49 -9.18 -5.40
C GLN B 22 13.14 -8.78 -6.02
N GLN B 23 12.97 -7.48 -6.30
CA GLN B 23 11.70 -6.87 -6.70
C GLN B 23 11.08 -7.55 -7.91
N ALA B 24 11.91 -8.08 -8.82
CA ALA B 24 11.46 -8.94 -9.91
C ALA B 24 12.32 -10.21 -9.93
N LEU B 25 12.46 -10.87 -8.77
CA LEU B 25 13.17 -12.15 -8.67
C LEU B 25 12.59 -13.17 -9.65
N GLY A 1 -6.83 6.68 -12.94
CA GLY A 1 -6.73 5.61 -11.93
C GLY A 1 -6.26 6.16 -10.59
N VAL A 2 -7.18 6.73 -9.81
CA VAL A 2 -6.89 7.38 -8.53
C VAL A 2 -6.60 6.30 -7.47
N ARG A 3 -5.44 5.66 -7.59
CA ARG A 3 -5.01 4.55 -6.74
C ARG A 3 -4.62 5.04 -5.34
N LYS A 4 -5.62 5.47 -4.57
CA LYS A 4 -5.47 5.91 -3.19
C LYS A 4 -5.51 4.72 -2.21
N GLY A 5 -5.45 3.48 -2.71
CA GLY A 5 -5.43 2.28 -1.89
C GLY A 5 -6.85 1.94 -1.42
N TRP A 6 -7.41 2.81 -0.60
CA TRP A 6 -8.80 2.71 -0.17
C TRP A 6 -9.76 2.88 -1.35
N HIS A 7 -9.31 3.58 -2.40
CA HIS A 7 -10.07 3.88 -3.61
C HIS A 7 -10.91 2.68 -4.06
N GLU A 8 -10.30 1.49 -4.09
CA GLU A 8 -10.88 0.23 -4.48
C GLU A 8 -12.23 -0.03 -3.82
N HIS A 9 -12.38 0.38 -2.56
CA HIS A 9 -13.58 0.17 -1.77
C HIS A 9 -14.75 1.01 -2.29
N VAL A 10 -14.45 2.14 -2.92
CA VAL A 10 -15.44 3.14 -3.33
C VAL A 10 -15.43 3.23 -4.86
N THR A 11 -16.33 2.46 -5.48
CA THR A 11 -16.53 2.39 -6.91
C THR A 11 -17.40 3.55 -7.41
N GLN A 12 -17.42 3.73 -8.73
CA GLN A 12 -18.23 4.72 -9.43
C GLN A 12 -19.67 4.75 -8.93
N ASP A 13 -20.27 3.59 -8.69
CA ASP A 13 -21.63 3.49 -8.17
C ASP A 13 -21.76 4.17 -6.81
N LEU A 14 -20.84 3.90 -5.88
CA LEU A 14 -20.90 4.55 -4.57
C LEU A 14 -20.61 6.03 -4.72
N ARG A 15 -19.64 6.42 -5.57
CA ARG A 15 -19.39 7.82 -5.86
C ARG A 15 -20.70 8.50 -6.32
N SER A 16 -21.37 7.89 -7.30
CA SER A 16 -22.66 8.34 -7.81
C SER A 16 -23.70 8.48 -6.70
N HIS A 17 -23.82 7.44 -5.85
CA HIS A 17 -24.74 7.42 -4.73
C HIS A 17 -24.46 8.61 -3.80
N LEU A 18 -23.19 8.78 -3.40
CA LEU A 18 -22.78 9.87 -2.51
C LEU A 18 -23.04 11.22 -3.16
N VAL A 19 -22.69 11.40 -4.44
CA VAL A 19 -23.06 12.59 -5.21
C VAL A 19 -24.56 12.84 -5.10
N HIS A 20 -25.40 11.83 -5.34
CA HIS A 20 -26.84 11.98 -5.18
C HIS A 20 -27.17 12.47 -3.77
N LYS A 21 -26.59 11.85 -2.74
CA LYS A 21 -26.77 12.33 -1.37
C LYS A 21 -26.34 13.79 -1.19
N LEU A 22 -25.22 14.23 -1.80
CA LEU A 22 -24.86 15.64 -1.78
C LEU A 22 -26.01 16.45 -2.34
N VAL A 23 -26.47 16.11 -3.55
CA VAL A 23 -27.56 16.85 -4.19
C VAL A 23 -28.76 16.91 -3.26
N GLN A 24 -29.23 15.78 -2.72
CA GLN A 24 -30.39 15.77 -1.82
C GLN A 24 -30.14 16.62 -0.58
N ALA A 25 -28.97 16.46 0.07
CA ALA A 25 -28.68 17.17 1.30
C ALA A 25 -28.67 18.68 1.06
N ILE A 26 -28.08 19.14 -0.05
CA ILE A 26 -28.04 20.56 -0.40
C ILE A 26 -29.41 21.03 -0.88
N PHE A 27 -30.07 20.21 -1.70
CA PHE A 27 -31.26 20.51 -2.47
C PHE A 27 -32.10 19.23 -2.67
N PRO A 28 -33.01 18.91 -1.75
CA PRO A 28 -33.91 17.78 -1.90
C PRO A 28 -34.65 17.84 -3.24
N THR A 29 -34.39 16.88 -4.11
CA THR A 29 -34.83 16.92 -5.50
C THR A 29 -36.25 16.35 -5.59
N PRO A 30 -37.21 17.06 -6.19
CA PRO A 30 -38.58 16.60 -6.38
C PRO A 30 -38.70 15.20 -6.98
N ASP A 31 -37.95 14.94 -8.06
CA ASP A 31 -38.00 13.69 -8.80
C ASP A 31 -36.69 13.53 -9.55
N PRO A 32 -36.12 12.32 -9.69
CA PRO A 32 -34.96 12.08 -10.54
C PRO A 32 -35.03 12.78 -11.91
N ALA A 33 -36.20 12.73 -12.57
CA ALA A 33 -36.40 13.40 -13.85
C ALA A 33 -36.03 14.89 -13.80
N ALA A 34 -36.27 15.53 -12.64
CA ALA A 34 -35.97 16.94 -12.45
C ALA A 34 -34.49 17.26 -12.72
N LEU A 35 -33.59 16.28 -12.57
CA LEU A 35 -32.18 16.45 -12.90
C LEU A 35 -31.96 16.86 -14.36
N LYS A 36 -32.96 16.68 -15.24
CA LYS A 36 -32.90 17.17 -16.62
C LYS A 36 -32.87 18.70 -16.71
N ASP A 37 -33.30 19.43 -15.66
CA ASP A 37 -33.20 20.88 -15.64
C ASP A 37 -31.73 21.33 -15.65
N ARG A 38 -31.43 22.44 -16.32
CA ARG A 38 -30.04 22.86 -16.53
C ARG A 38 -29.37 23.34 -15.24
N ARG A 39 -30.08 24.09 -14.41
CA ARG A 39 -29.54 24.54 -13.14
C ARG A 39 -29.30 23.32 -12.24
N MET A 40 -30.28 22.42 -12.22
CA MET A 40 -30.16 21.16 -11.50
C MET A 40 -28.93 20.38 -12.00
N GLU A 41 -28.77 20.27 -13.31
CA GLU A 41 -27.60 19.66 -13.94
C GLU A 41 -26.31 20.35 -13.46
N ASN A 42 -26.31 21.67 -13.38
CA ASN A 42 -25.15 22.40 -12.84
C ASN A 42 -24.89 22.00 -11.38
N LEU A 43 -25.94 21.86 -10.56
CA LEU A 43 -25.77 21.44 -9.18
C LEU A 43 -25.20 20.01 -9.13
N VAL A 44 -25.72 19.11 -9.97
CA VAL A 44 -25.17 17.78 -10.14
C VAL A 44 -23.68 17.86 -10.50
N ALA A 45 -23.31 18.69 -11.48
CA ALA A 45 -21.93 18.88 -11.90
C ALA A 45 -21.07 19.32 -10.72
N TYR A 46 -21.52 20.35 -9.98
CA TYR A 46 -20.86 20.79 -8.75
C TYR A 46 -20.67 19.59 -7.80
N ALA A 47 -21.74 18.84 -7.53
CA ALA A 47 -21.68 17.71 -6.61
C ALA A 47 -20.64 16.68 -7.07
N LYS A 48 -20.68 16.31 -8.35
CA LYS A 48 -19.67 15.42 -8.95
C LYS A 48 -18.27 15.98 -8.70
N LYS A 49 -18.04 17.24 -9.08
CA LYS A 49 -16.75 17.89 -8.93
C LYS A 49 -16.27 17.82 -7.49
N VAL A 50 -17.10 18.27 -6.55
CA VAL A 50 -16.75 18.34 -5.15
C VAL A 50 -16.48 16.93 -4.60
N GLU A 51 -17.33 15.94 -4.91
CA GLU A 51 -17.06 14.55 -4.56
C GLU A 51 -15.70 14.10 -5.09
N GLY A 52 -15.43 14.39 -6.37
CA GLY A 52 -14.12 14.12 -6.98
C GLY A 52 -13.00 14.73 -6.14
N ASP A 53 -13.11 16.02 -5.81
CA ASP A 53 -12.14 16.72 -4.99
C ASP A 53 -11.91 15.98 -3.67
N MET A 54 -12.99 15.60 -2.99
CA MET A 54 -12.87 14.84 -1.75
C MET A 54 -12.17 13.50 -2.01
N TYR A 55 -12.52 12.79 -3.07
CA TYR A 55 -11.90 11.52 -3.43
C TYR A 55 -10.39 11.70 -3.57
N GLU A 56 -9.97 12.75 -4.28
CA GLU A 56 -8.56 13.07 -4.48
C GLU A 56 -7.90 13.48 -3.16
N SER A 57 -8.58 14.26 -2.32
CA SER A 57 -8.02 14.78 -1.08
C SER A 57 -7.85 13.69 -0.02
N ALA A 58 -8.89 12.87 0.16
CA ALA A 58 -9.02 11.92 1.25
C ALA A 58 -7.94 10.84 1.26
N ASN A 59 -7.10 10.88 2.30
CA ASN A 59 -6.08 9.85 2.55
C ASN A 59 -6.68 8.47 2.80
N SER A 60 -7.90 8.39 3.37
CA SER A 60 -8.55 7.13 3.76
C SER A 60 -10.05 7.21 3.45
N ARG A 61 -10.71 6.07 3.28
CA ARG A 61 -12.16 6.02 3.07
C ARG A 61 -12.89 6.74 4.21
N ASP A 62 -12.54 6.41 5.44
CA ASP A 62 -13.01 7.09 6.64
C ASP A 62 -12.91 8.61 6.49
N GLU A 63 -11.76 9.10 6.01
CA GLU A 63 -11.54 10.52 5.76
C GLU A 63 -12.55 11.00 4.72
N TYR A 64 -12.62 10.31 3.58
CA TYR A 64 -13.53 10.62 2.49
C TYR A 64 -14.97 10.78 2.98
N TYR A 65 -15.45 9.83 3.79
CA TYR A 65 -16.75 9.97 4.42
C TYR A 65 -16.80 11.20 5.32
N HIS A 66 -15.85 11.32 6.25
CA HIS A 66 -15.81 12.43 7.19
C HIS A 66 -15.89 13.78 6.49
N LEU A 67 -14.93 14.11 5.61
CA LEU A 67 -14.92 15.42 4.99
C LEU A 67 -16.10 15.63 4.04
N LEU A 68 -16.68 14.59 3.44
CA LEU A 68 -17.93 14.75 2.69
C LEU A 68 -19.07 15.15 3.64
N ALA A 69 -19.28 14.39 4.71
CA ALA A 69 -20.30 14.71 5.70
C ALA A 69 -20.09 16.12 6.23
N GLU A 70 -18.86 16.46 6.60
CA GLU A 70 -18.51 17.80 7.07
C GLU A 70 -18.82 18.85 6.00
N LYS A 71 -18.48 18.59 4.74
CA LYS A 71 -18.79 19.49 3.64
C LYS A 71 -20.30 19.74 3.58
N ILE A 72 -21.11 18.68 3.56
CA ILE A 72 -22.56 18.82 3.64
C ILE A 72 -22.94 19.71 4.83
N TYR A 73 -22.45 19.36 6.02
CA TYR A 73 -22.71 20.06 7.27
C TYR A 73 -22.49 21.56 7.08
N LYS A 74 -21.28 21.93 6.64
CA LYS A 74 -20.92 23.31 6.39
C LYS A 74 -21.86 23.95 5.37
N ILE A 75 -22.11 23.30 4.22
CA ILE A 75 -23.02 23.87 3.23
C ILE A 75 -24.35 24.17 3.89
N GLN A 76 -24.97 23.18 4.53
CA GLN A 76 -26.25 23.38 5.20
C GLN A 76 -26.17 24.58 6.15
N LYS A 77 -25.21 24.57 7.08
CA LYS A 77 -25.03 25.69 8.01
C LYS A 77 -24.97 27.04 7.28
N GLU A 78 -23.99 27.18 6.37
CA GLU A 78 -23.77 28.38 5.58
C GLU A 78 -25.06 28.84 4.87
N LEU A 79 -25.66 27.94 4.09
CA LEU A 79 -26.85 28.22 3.29
C LEU A 79 -28.01 28.55 4.21
N GLU A 80 -28.39 27.61 5.07
CA GLU A 80 -29.50 27.71 6.02
C GLU A 80 -29.42 29.03 6.80
N GLU A 81 -28.34 29.22 7.54
CA GLU A 81 -28.26 30.31 8.50
C GLU A 81 -28.11 31.68 7.85
N LYS A 82 -27.32 31.80 6.77
CA LYS A 82 -27.02 33.09 6.18
C LYS A 82 -27.87 33.38 4.94
N ARG A 83 -27.92 32.44 3.98
CA ARG A 83 -28.55 32.74 2.68
C ARG A 83 -30.06 32.58 2.75
N ARG A 84 -30.53 31.44 3.25
CA ARG A 84 -31.93 31.05 3.22
C ARG A 84 -32.71 31.70 4.36
N SER A 85 -32.30 31.40 5.59
CA SER A 85 -32.96 31.70 6.86
C SER A 85 -34.47 31.99 6.72
N ARG A 86 -34.87 33.26 6.61
CA ARG A 86 -36.28 33.64 6.59
C ARG A 86 -37.06 32.99 5.44
N LEU A 87 -36.39 32.74 4.31
CA LEU A 87 -36.96 32.11 3.12
C LEU A 87 -35.83 31.43 2.34
N LYS B 1 -31.23 22.50 16.85
CA LYS B 1 -30.24 22.28 15.77
C LYS B 1 -29.53 20.93 15.93
N GLU B 2 -29.20 20.52 17.15
CA GLU B 2 -28.42 19.31 17.42
C GLU B 2 -28.94 18.10 16.64
N LYS B 3 -30.26 17.90 16.68
CA LYS B 3 -30.91 16.85 15.92
C LYS B 3 -30.61 17.00 14.43
N ARG B 4 -30.74 18.21 13.87
CA ARG B 4 -30.52 18.42 12.45
C ARG B 4 -29.07 18.11 12.11
N ILE B 5 -28.14 18.59 12.94
CA ILE B 5 -26.72 18.27 12.81
C ILE B 5 -26.54 16.75 12.74
N LYS B 6 -27.05 16.02 13.73
CA LYS B 6 -26.79 14.59 13.82
C LYS B 6 -27.45 13.84 12.66
N GLU B 7 -28.72 14.13 12.36
CA GLU B 7 -29.42 13.53 11.24
C GLU B 7 -28.64 13.79 9.93
N LEU B 8 -28.28 15.05 9.70
CA LEU B 8 -27.54 15.47 8.52
C LEU B 8 -26.22 14.68 8.39
N GLU B 9 -25.44 14.65 9.46
CA GLU B 9 -24.18 13.93 9.51
C GLU B 9 -24.40 12.44 9.21
N LEU B 10 -25.30 11.83 9.98
CA LEU B 10 -25.63 10.41 9.91
C LEU B 10 -26.10 10.03 8.51
N LEU B 11 -26.95 10.85 7.89
CA LEU B 11 -27.53 10.57 6.58
C LEU B 11 -26.46 10.17 5.58
N LEU B 12 -25.41 11.00 5.44
CA LEU B 12 -24.33 10.72 4.51
C LEU B 12 -23.60 9.45 4.95
N MET B 13 -23.19 9.39 6.22
CA MET B 13 -22.50 8.23 6.78
C MET B 13 -23.24 6.91 6.48
N SER B 14 -24.58 6.94 6.53
CA SER B 14 -25.41 5.76 6.29
C SER B 14 -25.34 5.24 4.84
N THR B 15 -24.83 6.03 3.88
CA THR B 15 -24.80 5.63 2.48
C THR B 15 -24.22 4.21 2.30
N GLU B 16 -23.08 3.93 2.93
CA GLU B 16 -22.48 2.60 2.87
C GLU B 16 -23.42 1.52 3.39
N ASN B 17 -24.15 1.79 4.47
CA ASN B 17 -25.14 0.85 4.99
C ASN B 17 -26.23 0.60 3.95
N GLU B 18 -26.79 1.67 3.38
CA GLU B 18 -27.81 1.53 2.34
C GLU B 18 -27.26 0.73 1.15
N LEU B 19 -26.04 1.06 0.71
CA LEU B 19 -25.35 0.37 -0.37
C LEU B 19 -25.23 -1.13 -0.06
N LYS B 20 -24.74 -1.46 1.14
CA LYS B 20 -24.64 -2.85 1.58
C LYS B 20 -26.01 -3.51 1.56
N GLY B 21 -27.04 -2.82 2.04
CA GLY B 21 -28.40 -3.32 2.07
C GLY B 21 -28.95 -3.63 0.68
N GLN B 22 -28.84 -2.67 -0.24
CA GLN B 22 -29.33 -2.76 -1.62
C GLN B 22 -28.13 -2.73 -2.56
N GLN B 23 -27.56 -3.92 -2.81
CA GLN B 23 -26.33 -4.11 -3.58
C GLN B 23 -26.40 -3.42 -4.94
N ALA B 24 -27.50 -3.61 -5.68
CA ALA B 24 -27.64 -3.16 -7.05
C ALA B 24 -28.02 -1.68 -7.06
N LEU B 25 -27.15 -0.82 -6.53
CA LEU B 25 -27.38 0.60 -6.47
C LEU B 25 -27.07 1.21 -7.84
N GLY A 1 -3.65 6.59 -2.62
CA GLY A 1 -2.32 6.02 -2.35
C GLY A 1 -1.47 5.98 -3.62
N VAL A 2 -0.53 6.92 -3.75
CA VAL A 2 0.24 7.17 -4.95
C VAL A 2 1.30 6.06 -5.17
N ARG A 3 0.87 4.83 -5.43
CA ARG A 3 1.73 3.67 -5.58
C ARG A 3 1.00 2.51 -6.29
N LYS A 4 0.79 2.64 -7.61
CA LYS A 4 0.02 1.69 -8.41
C LYS A 4 0.61 1.57 -9.83
N GLY A 5 1.91 1.78 -9.99
CA GLY A 5 2.55 1.83 -11.30
C GLY A 5 2.22 3.14 -12.00
N TRP A 6 0.94 3.34 -12.34
CA TRP A 6 0.45 4.52 -13.05
C TRP A 6 0.48 5.78 -12.18
N HIS A 7 0.55 5.61 -10.86
CA HIS A 7 0.43 6.66 -9.86
C HIS A 7 1.21 7.93 -10.21
N GLU A 8 2.44 7.76 -10.73
CA GLU A 8 3.33 8.84 -11.11
C GLU A 8 2.64 9.91 -11.97
N HIS A 9 1.66 9.51 -12.79
CA HIS A 9 0.95 10.42 -13.67
C HIS A 9 -0.04 11.31 -12.91
N VAL A 10 -0.56 10.82 -11.79
CA VAL A 10 -1.68 11.43 -11.07
C VAL A 10 -1.24 11.84 -9.65
N THR A 11 -0.81 13.10 -9.54
CA THR A 11 -0.35 13.73 -8.32
C THR A 11 -1.53 14.22 -7.48
N GLN A 12 -1.23 14.54 -6.21
CA GLN A 12 -2.19 15.09 -5.25
C GLN A 12 -2.97 16.27 -5.84
N ASP A 13 -2.30 17.15 -6.58
CA ASP A 13 -2.92 18.25 -7.30
C ASP A 13 -4.11 17.76 -8.13
N LEU A 14 -3.85 16.82 -9.04
CA LEU A 14 -4.87 16.27 -9.91
C LEU A 14 -5.92 15.51 -9.09
N ARG A 15 -5.51 14.70 -8.12
CA ARG A 15 -6.46 14.03 -7.23
C ARG A 15 -7.44 15.05 -6.63
N SER A 16 -6.92 16.15 -6.07
CA SER A 16 -7.72 17.21 -5.47
C SER A 16 -8.65 17.83 -6.52
N HIS A 17 -8.11 18.15 -7.69
CA HIS A 17 -8.92 18.71 -8.78
C HIS A 17 -10.09 17.75 -9.09
N LEU A 18 -9.79 16.45 -9.23
CA LEU A 18 -10.81 15.44 -9.49
C LEU A 18 -11.83 15.39 -8.36
N VAL A 19 -11.41 15.36 -7.10
CA VAL A 19 -12.31 15.47 -5.95
C VAL A 19 -13.25 16.68 -6.13
N HIS A 20 -12.70 17.86 -6.44
CA HIS A 20 -13.53 19.03 -6.71
C HIS A 20 -14.53 18.73 -7.84
N LYS A 21 -14.07 18.17 -8.96
CA LYS A 21 -14.97 17.77 -10.04
C LYS A 21 -16.07 16.83 -9.55
N LEU A 22 -15.77 15.88 -8.66
CA LEU A 22 -16.81 15.03 -8.08
C LEU A 22 -17.85 15.89 -7.39
N VAL A 23 -17.43 16.79 -6.48
CA VAL A 23 -18.36 17.66 -5.78
C VAL A 23 -19.21 18.43 -6.80
N GLN A 24 -18.57 19.08 -7.78
CA GLN A 24 -19.31 19.84 -8.80
C GLN A 24 -20.30 18.95 -9.56
N ALA A 25 -19.83 17.80 -10.05
CA ALA A 25 -20.61 16.90 -10.88
C ALA A 25 -21.83 16.39 -10.12
N ILE A 26 -21.65 16.03 -8.85
CA ILE A 26 -22.74 15.66 -7.95
C ILE A 26 -23.67 16.86 -7.74
N PHE A 27 -23.09 18.02 -7.41
CA PHE A 27 -23.79 19.22 -6.95
C PHE A 27 -22.91 20.47 -7.16
N PRO A 28 -23.12 21.24 -8.23
CA PRO A 28 -22.35 22.45 -8.51
C PRO A 28 -22.39 23.44 -7.35
N THR A 29 -21.24 23.94 -6.89
CA THR A 29 -21.15 24.82 -5.73
C THR A 29 -21.18 26.29 -6.17
N PRO A 30 -22.16 27.10 -5.74
CA PRO A 30 -22.23 28.52 -6.05
C PRO A 30 -20.94 29.29 -5.72
N ASP A 31 -20.24 28.94 -4.63
CA ASP A 31 -19.07 29.68 -4.19
C ASP A 31 -18.13 28.73 -3.42
N PRO A 32 -16.81 28.76 -3.66
CA PRO A 32 -15.83 28.02 -2.87
C PRO A 32 -16.08 28.08 -1.36
N ALA A 33 -16.38 29.27 -0.82
CA ALA A 33 -16.65 29.44 0.61
C ALA A 33 -17.73 28.48 1.11
N ALA A 34 -18.72 28.18 0.26
CA ALA A 34 -19.81 27.28 0.58
C ALA A 34 -19.30 25.90 1.03
N LEU A 35 -18.11 25.50 0.57
CA LEU A 35 -17.49 24.24 0.97
C LEU A 35 -17.38 24.10 2.50
N LYS A 36 -17.34 25.22 3.24
CA LYS A 36 -17.27 25.20 4.70
C LYS A 36 -18.56 24.67 5.34
N ASP A 37 -19.69 24.69 4.62
CA ASP A 37 -20.97 24.22 5.17
C ASP A 37 -20.88 22.75 5.57
N ARG A 38 -21.47 22.38 6.71
CA ARG A 38 -21.35 21.03 7.27
C ARG A 38 -21.81 19.91 6.33
N ARG A 39 -22.77 20.18 5.44
CA ARG A 39 -23.20 19.23 4.43
C ARG A 39 -22.25 19.23 3.25
N MET A 40 -21.77 20.40 2.81
CA MET A 40 -20.76 20.43 1.77
C MET A 40 -19.51 19.69 2.20
N GLU A 41 -19.06 19.88 3.44
CA GLU A 41 -17.98 19.10 4.02
C GLU A 41 -18.26 17.59 3.86
N ASN A 42 -19.52 17.18 3.97
CA ASN A 42 -19.91 15.79 3.75
C ASN A 42 -19.70 15.38 2.29
N LEU A 43 -20.09 16.23 1.33
CA LEU A 43 -19.87 15.95 -0.09
C LEU A 43 -18.36 15.88 -0.36
N VAL A 44 -17.60 16.85 0.14
CA VAL A 44 -16.16 16.91 0.01
C VAL A 44 -15.55 15.61 0.56
N ALA A 45 -15.90 15.26 1.80
CA ALA A 45 -15.45 14.03 2.44
C ALA A 45 -15.79 12.81 1.59
N TYR A 46 -17.05 12.70 1.13
CA TYR A 46 -17.49 11.63 0.26
C TYR A 46 -16.60 11.56 -0.98
N ALA A 47 -16.42 12.69 -1.68
CA ALA A 47 -15.61 12.77 -2.88
C ALA A 47 -14.17 12.34 -2.60
N LYS A 48 -13.57 12.79 -1.50
CA LYS A 48 -12.25 12.36 -1.08
C LYS A 48 -12.22 10.83 -0.93
N LYS A 49 -13.14 10.30 -0.12
CA LYS A 49 -13.28 8.87 0.13
C LYS A 49 -13.37 8.09 -1.19
N VAL A 50 -14.34 8.46 -2.03
CA VAL A 50 -14.58 7.82 -3.31
C VAL A 50 -13.34 7.92 -4.21
N GLU A 51 -12.74 9.11 -4.36
CA GLU A 51 -11.53 9.27 -5.15
C GLU A 51 -10.42 8.33 -4.64
N GLY A 52 -10.19 8.30 -3.33
CA GLY A 52 -9.24 7.39 -2.72
C GLY A 52 -9.57 5.94 -3.12
N ASP A 53 -10.81 5.51 -2.85
CA ASP A 53 -11.30 4.19 -3.20
C ASP A 53 -10.98 3.84 -4.66
N MET A 54 -11.32 4.74 -5.59
CA MET A 54 -11.04 4.52 -6.99
C MET A 54 -9.53 4.43 -7.24
N TYR A 55 -8.72 5.32 -6.65
CA TYR A 55 -7.27 5.29 -6.82
C TYR A 55 -6.73 3.90 -6.43
N GLU A 56 -7.15 3.40 -5.26
CA GLU A 56 -6.70 2.11 -4.79
C GLU A 56 -7.29 0.94 -5.62
N SER A 57 -8.52 1.06 -6.09
CA SER A 57 -9.15 0.02 -6.89
C SER A 57 -8.56 -0.05 -8.30
N ALA A 58 -8.27 1.10 -8.90
CA ALA A 58 -7.92 1.25 -10.30
C ALA A 58 -6.57 0.63 -10.65
N ASN A 59 -6.60 -0.48 -11.38
CA ASN A 59 -5.39 -1.12 -11.92
C ASN A 59 -4.58 -0.18 -12.81
N SER A 60 -5.24 0.66 -13.60
CA SER A 60 -4.65 1.65 -14.49
C SER A 60 -5.31 3.00 -14.31
N ARG A 61 -4.57 4.06 -14.65
CA ARG A 61 -5.06 5.42 -14.77
C ARG A 61 -6.31 5.44 -15.65
N ASP A 62 -6.30 4.64 -16.72
CA ASP A 62 -7.44 4.51 -17.61
C ASP A 62 -8.68 4.09 -16.82
N GLU A 63 -8.52 3.05 -15.99
CA GLU A 63 -9.58 2.56 -15.12
C GLU A 63 -9.99 3.67 -14.15
N TYR A 64 -9.01 4.27 -13.45
CA TYR A 64 -9.24 5.38 -12.53
C TYR A 64 -10.16 6.44 -13.14
N TYR A 65 -9.83 6.94 -14.33
CA TYR A 65 -10.72 7.86 -15.03
C TYR A 65 -12.08 7.21 -15.31
N HIS A 66 -12.08 6.04 -15.94
CA HIS A 66 -13.30 5.38 -16.35
C HIS A 66 -14.28 5.20 -15.18
N LEU A 67 -13.89 4.48 -14.12
CA LEU A 67 -14.80 4.20 -13.02
C LEU A 67 -15.16 5.46 -12.22
N LEU A 68 -14.32 6.50 -12.19
CA LEU A 68 -14.75 7.77 -11.62
C LEU A 68 -15.90 8.36 -12.43
N ALA A 69 -15.70 8.53 -13.75
CA ALA A 69 -16.77 9.01 -14.62
C ALA A 69 -18.01 8.13 -14.48
N GLU A 70 -17.85 6.80 -14.51
CA GLU A 70 -18.94 5.87 -14.35
C GLU A 70 -19.61 6.03 -12.98
N LYS A 71 -18.87 6.33 -11.91
CA LYS A 71 -19.46 6.57 -10.60
C LYS A 71 -20.33 7.82 -10.61
N ILE A 72 -19.83 8.93 -11.17
CA ILE A 72 -20.62 10.15 -11.32
C ILE A 72 -21.90 9.84 -12.09
N TYR A 73 -21.71 9.23 -13.27
CA TYR A 73 -22.78 8.82 -14.17
C TYR A 73 -23.81 8.01 -13.39
N LYS A 74 -23.35 6.95 -12.71
CA LYS A 74 -24.15 6.13 -11.82
C LYS A 74 -24.97 6.99 -10.89
N ILE A 75 -24.36 7.81 -10.03
CA ILE A 75 -25.11 8.65 -9.09
C ILE A 75 -26.21 9.39 -9.84
N GLN A 76 -25.86 10.26 -10.78
CA GLN A 76 -26.88 11.12 -11.37
C GLN A 76 -27.90 10.34 -12.20
N LYS A 77 -27.54 9.15 -12.71
CA LYS A 77 -28.49 8.31 -13.42
C LYS A 77 -29.36 7.53 -12.44
N GLU A 78 -28.75 6.62 -11.68
CA GLU A 78 -29.39 5.77 -10.67
C GLU A 78 -30.35 6.57 -9.79
N LEU A 79 -29.92 7.76 -9.35
CA LEU A 79 -30.69 8.61 -8.45
C LEU A 79 -32.01 9.10 -9.10
N GLU A 80 -32.12 9.02 -10.43
CA GLU A 80 -33.32 9.36 -11.19
C GLU A 80 -33.94 8.10 -11.81
N GLU A 81 -33.23 7.47 -12.74
CA GLU A 81 -33.65 6.34 -13.55
C GLU A 81 -32.61 5.22 -13.46
N LYS A 82 -32.97 4.11 -12.80
CA LYS A 82 -32.09 2.97 -12.55
C LYS A 82 -31.97 2.13 -13.82
N ARG A 83 -31.42 2.70 -14.89
CA ARG A 83 -31.40 2.08 -16.22
C ARG A 83 -30.00 2.21 -16.86
N ARG A 84 -29.84 3.10 -17.85
CA ARG A 84 -28.66 3.23 -18.69
C ARG A 84 -27.57 4.01 -17.97
N SER A 85 -27.12 3.45 -16.86
CA SER A 85 -26.17 4.03 -15.93
C SER A 85 -24.72 3.66 -16.31
N ARG A 86 -24.46 2.37 -16.50
CA ARG A 86 -23.17 1.87 -16.96
C ARG A 86 -22.83 2.48 -18.33
N LEU A 87 -23.74 2.28 -19.28
CA LEU A 87 -23.69 2.78 -20.65
C LEU A 87 -25.10 3.14 -21.09
N LYS B 1 -30.86 13.97 -23.14
CA LYS B 1 -30.50 12.56 -22.93
C LYS B 1 -29.05 12.31 -23.37
N GLU B 2 -28.81 11.99 -24.64
CA GLU B 2 -27.48 11.62 -25.13
C GLU B 2 -26.43 12.65 -24.71
N LYS B 3 -26.72 13.92 -24.98
CA LYS B 3 -25.86 15.04 -24.59
C LYS B 3 -25.65 15.07 -23.08
N ARG B 4 -26.69 14.81 -22.30
CA ARG B 4 -26.60 14.83 -20.84
C ARG B 4 -25.64 13.74 -20.38
N ILE B 5 -25.88 12.51 -20.85
CA ILE B 5 -25.04 11.35 -20.57
C ILE B 5 -23.58 11.69 -20.92
N LYS B 6 -23.34 12.07 -22.18
CA LYS B 6 -21.99 12.24 -22.68
C LYS B 6 -21.29 13.40 -21.97
N GLU B 7 -21.93 14.56 -21.84
CA GLU B 7 -21.34 15.68 -21.11
C GLU B 7 -21.03 15.26 -19.68
N LEU B 8 -21.96 14.59 -18.99
CA LEU B 8 -21.72 14.12 -17.63
C LEU B 8 -20.49 13.22 -17.57
N GLU B 9 -20.42 12.22 -18.46
CA GLU B 9 -19.27 11.33 -18.56
C GLU B 9 -17.98 12.13 -18.79
N LEU B 10 -18.01 13.02 -19.78
CA LEU B 10 -16.86 13.79 -20.24
C LEU B 10 -16.39 14.82 -19.22
N LEU B 11 -17.29 15.38 -18.41
CA LEU B 11 -16.98 16.39 -17.39
C LEU B 11 -15.76 15.98 -16.57
N LEU B 12 -15.71 14.72 -16.15
CA LEU B 12 -14.61 14.19 -15.36
C LEU B 12 -13.37 14.02 -16.25
N MET B 13 -13.51 13.32 -17.38
CA MET B 13 -12.42 13.12 -18.34
C MET B 13 -11.68 14.43 -18.65
N SER B 14 -12.45 15.51 -18.81
CA SER B 14 -11.96 16.83 -19.17
C SER B 14 -10.90 17.40 -18.21
N THR B 15 -10.89 16.97 -16.93
CA THR B 15 -10.08 17.60 -15.88
C THR B 15 -8.67 17.98 -16.35
N GLU B 16 -8.01 17.07 -17.07
CA GLU B 16 -6.64 17.26 -17.48
C GLU B 16 -6.42 18.56 -18.27
N ASN B 17 -7.40 18.98 -19.07
CA ASN B 17 -7.28 20.24 -19.82
C ASN B 17 -7.32 21.45 -18.87
N GLU B 18 -8.14 21.37 -17.81
CA GLU B 18 -8.18 22.41 -16.78
C GLU B 18 -6.84 22.43 -16.05
N LEU B 19 -6.41 21.24 -15.60
CA LEU B 19 -5.15 21.02 -14.91
C LEU B 19 -4.02 21.66 -15.70
N LYS B 20 -3.94 21.34 -17.00
CA LYS B 20 -2.98 21.89 -17.94
C LYS B 20 -3.14 23.41 -18.02
N GLY B 21 -4.37 23.88 -18.24
CA GLY B 21 -4.73 25.28 -18.34
C GLY B 21 -4.22 26.10 -17.16
N GLN B 22 -4.15 25.50 -15.97
CA GLN B 22 -3.59 26.13 -14.77
C GLN B 22 -2.33 25.38 -14.29
N GLN B 23 -1.57 24.81 -15.24
CA GLN B 23 -0.44 23.88 -15.06
C GLN B 23 -0.25 23.32 -13.64
N ALA B 24 -1.31 22.70 -13.08
CA ALA B 24 -1.33 22.27 -11.70
C ALA B 24 -0.69 20.90 -11.56
N LEU B 25 0.60 20.82 -11.90
CA LEU B 25 1.36 19.58 -11.86
C LEU B 25 1.62 19.16 -10.42
N GLY A 1 -8.24 2.72 -3.19
CA GLY A 1 -7.02 3.18 -3.88
C GLY A 1 -5.78 2.42 -3.41
N VAL A 2 -5.40 2.61 -2.14
CA VAL A 2 -4.27 1.91 -1.54
C VAL A 2 -4.58 0.41 -1.43
N ARG A 3 -3.62 -0.45 -1.78
CA ARG A 3 -3.80 -1.90 -1.77
C ARG A 3 -4.05 -2.40 -0.35
N LYS A 4 -3.05 -2.16 0.50
CA LYS A 4 -3.05 -2.34 1.94
C LYS A 4 -2.96 -0.94 2.56
N GLY A 5 -3.36 -0.74 3.81
CA GLY A 5 -3.20 0.56 4.48
C GLY A 5 -1.78 1.11 4.29
N TRP A 6 -0.79 0.31 4.65
CA TRP A 6 0.63 0.65 4.56
C TRP A 6 1.11 0.92 3.12
N HIS A 7 0.34 0.52 2.09
CA HIS A 7 0.63 0.88 0.70
C HIS A 7 0.66 2.39 0.51
N GLU A 8 -0.05 3.13 1.37
CA GLU A 8 0.05 4.57 1.45
C GLU A 8 1.51 5.04 1.49
N HIS A 9 2.38 4.26 2.14
CA HIS A 9 3.78 4.55 2.33
C HIS A 9 4.63 3.79 1.31
N VAL A 10 4.42 2.48 1.21
CA VAL A 10 5.26 1.65 0.34
C VAL A 10 4.82 1.77 -1.12
N THR A 11 5.42 2.72 -1.85
CA THR A 11 5.14 2.98 -3.24
C THR A 11 5.66 1.88 -4.17
N GLN A 12 5.10 1.85 -5.38
CA GLN A 12 5.51 0.97 -6.46
C GLN A 12 7.01 1.07 -6.74
N ASP A 13 7.57 2.28 -6.69
CA ASP A 13 9.01 2.51 -6.80
C ASP A 13 9.79 1.71 -5.74
N LEU A 14 9.37 1.77 -4.47
CA LEU A 14 10.01 0.98 -3.42
C LEU A 14 9.88 -0.52 -3.74
N ARG A 15 8.67 -0.97 -4.07
CA ARG A 15 8.44 -2.36 -4.47
C ARG A 15 9.41 -2.77 -5.59
N SER A 16 9.55 -1.93 -6.62
CA SER A 16 10.45 -2.13 -7.74
C SER A 16 11.90 -2.27 -7.27
N HIS A 17 12.37 -1.36 -6.41
CA HIS A 17 13.73 -1.43 -5.89
C HIS A 17 13.91 -2.71 -5.06
N LEU A 18 12.91 -3.10 -4.27
CA LEU A 18 12.96 -4.35 -3.53
C LEU A 18 13.06 -5.55 -4.46
N VAL A 19 12.25 -5.62 -5.53
CA VAL A 19 12.40 -6.60 -6.61
C VAL A 19 13.85 -6.59 -7.12
N HIS A 20 14.38 -5.42 -7.46
CA HIS A 20 15.79 -5.29 -7.86
C HIS A 20 16.72 -5.91 -6.80
N LYS A 21 16.53 -5.61 -5.50
CA LYS A 21 17.29 -6.21 -4.42
C LYS A 21 17.19 -7.74 -4.42
N LEU A 22 15.97 -8.30 -4.57
CA LEU A 22 15.80 -9.74 -4.70
C LEU A 22 16.72 -10.27 -5.79
N VAL A 23 16.65 -9.67 -6.99
CA VAL A 23 17.55 -10.06 -8.07
C VAL A 23 19.01 -9.95 -7.59
N GLN A 24 19.45 -8.81 -7.06
CA GLN A 24 20.84 -8.60 -6.65
C GLN A 24 21.32 -9.70 -5.69
N ALA A 25 20.54 -9.96 -4.64
CA ALA A 25 20.93 -10.86 -3.58
C ALA A 25 21.10 -12.28 -4.08
N ILE A 26 20.26 -12.72 -5.03
CA ILE A 26 20.41 -14.01 -5.68
C ILE A 26 21.58 -13.94 -6.68
N PHE A 27 21.53 -12.95 -7.56
CA PHE A 27 22.36 -12.75 -8.75
C PHE A 27 22.77 -11.27 -8.85
N PRO A 28 24.01 -10.91 -8.51
CA PRO A 28 24.45 -9.52 -8.51
C PRO A 28 24.47 -8.98 -9.94
N THR A 29 23.51 -8.12 -10.28
CA THR A 29 23.34 -7.64 -11.65
C THR A 29 24.46 -6.63 -11.96
N PRO A 30 25.13 -6.72 -13.12
CA PRO A 30 26.23 -5.83 -13.46
C PRO A 30 25.75 -4.39 -13.65
N ASP A 31 24.60 -4.18 -14.30
CA ASP A 31 24.03 -2.86 -14.53
C ASP A 31 22.50 -3.01 -14.60
N PRO A 32 21.70 -2.08 -14.04
CA PRO A 32 20.25 -2.09 -14.17
C PRO A 32 19.75 -2.44 -15.58
N ALA A 33 20.35 -1.84 -16.62
CA ALA A 33 19.96 -2.14 -18.01
C ALA A 33 20.02 -3.64 -18.31
N ALA A 34 21.00 -4.34 -17.72
CA ALA A 34 21.19 -5.77 -17.93
C ALA A 34 19.96 -6.58 -17.50
N LEU A 35 19.10 -6.04 -16.64
CA LEU A 35 17.84 -6.68 -16.27
C LEU A 35 16.99 -6.99 -17.51
N LYS A 36 17.14 -6.22 -18.60
CA LYS A 36 16.42 -6.46 -19.84
C LYS A 36 16.88 -7.74 -20.56
N ASP A 37 18.03 -8.30 -20.19
CA ASP A 37 18.54 -9.52 -20.82
C ASP A 37 17.56 -10.69 -20.58
N ARG A 38 17.23 -11.44 -21.63
CA ARG A 38 16.27 -12.55 -21.58
C ARG A 38 16.61 -13.59 -20.50
N ARG A 39 17.88 -13.71 -20.09
CA ARG A 39 18.27 -14.54 -18.97
C ARG A 39 17.80 -13.91 -17.65
N MET A 40 18.06 -12.63 -17.45
CA MET A 40 17.73 -11.91 -16.24
C MET A 40 16.21 -11.78 -16.08
N GLU A 41 15.51 -11.54 -17.19
CA GLU A 41 14.06 -11.45 -17.27
C GLU A 41 13.35 -12.50 -16.41
N ASN A 42 13.88 -13.72 -16.37
CA ASN A 42 13.34 -14.82 -15.57
C ASN A 42 13.43 -14.52 -14.08
N LEU A 43 14.62 -14.12 -13.62
CA LEU A 43 14.85 -13.76 -12.23
C LEU A 43 14.01 -12.55 -11.87
N VAL A 44 13.94 -11.56 -12.77
CA VAL A 44 13.07 -10.40 -12.61
C VAL A 44 11.62 -10.86 -12.40
N ALA A 45 11.10 -11.70 -13.30
CA ALA A 45 9.75 -12.23 -13.21
C ALA A 45 9.51 -12.94 -11.87
N TYR A 46 10.42 -13.86 -11.50
CA TYR A 46 10.34 -14.54 -10.21
C TYR A 46 10.28 -13.52 -9.06
N ALA A 47 11.22 -12.58 -9.04
CA ALA A 47 11.31 -11.57 -8.02
C ALA A 47 10.02 -10.75 -7.94
N LYS A 48 9.49 -10.29 -9.07
CA LYS A 48 8.20 -9.59 -9.13
C LYS A 48 7.10 -10.46 -8.52
N LYS A 49 6.95 -11.70 -9.00
CA LYS A 49 5.94 -12.63 -8.54
C LYS A 49 6.01 -12.78 -7.02
N VAL A 50 7.19 -13.15 -6.52
CA VAL A 50 7.41 -13.37 -5.11
C VAL A 50 7.15 -12.07 -4.31
N GLU A 51 7.65 -10.93 -4.78
CA GLU A 51 7.36 -9.65 -4.15
C GLU A 51 5.85 -9.41 -4.06
N GLY A 52 5.10 -9.67 -5.15
CA GLY A 52 3.66 -9.62 -5.14
C GLY A 52 3.08 -10.49 -4.03
N ASP A 53 3.47 -11.77 -3.99
CA ASP A 53 3.04 -12.71 -2.95
C ASP A 53 3.28 -12.12 -1.56
N MET A 54 4.49 -11.63 -1.31
CA MET A 54 4.83 -10.99 -0.04
C MET A 54 3.95 -9.77 0.22
N TYR A 55 3.71 -8.94 -0.79
CA TYR A 55 2.87 -7.75 -0.64
C TYR A 55 1.48 -8.15 -0.16
N GLU A 56 0.86 -9.13 -0.81
CA GLU A 56 -0.45 -9.61 -0.43
C GLU A 56 -0.42 -10.23 0.98
N SER A 57 0.62 -11.00 1.30
CA SER A 57 0.77 -11.59 2.63
C SER A 57 0.92 -10.52 3.71
N ALA A 58 1.72 -9.50 3.44
CA ALA A 58 2.16 -8.52 4.40
C ALA A 58 1.02 -7.62 4.89
N ASN A 59 0.60 -7.85 6.13
CA ASN A 59 -0.40 -7.04 6.80
C ASN A 59 0.18 -5.68 7.21
N SER A 60 1.51 -5.52 7.24
CA SER A 60 2.18 -4.25 7.49
C SER A 60 3.53 -4.19 6.75
N ARG A 61 4.08 -2.97 6.62
CA ARG A 61 5.39 -2.68 6.07
C ARG A 61 6.47 -3.47 6.80
N ASP A 62 6.45 -3.43 8.12
CA ASP A 62 7.38 -4.19 8.96
C ASP A 62 7.42 -5.66 8.52
N GLU A 63 6.25 -6.31 8.45
CA GLU A 63 6.13 -7.67 7.94
C GLU A 63 6.71 -7.75 6.52
N TYR A 64 6.30 -6.86 5.61
CA TYR A 64 6.79 -6.86 4.24
C TYR A 64 8.31 -6.92 4.16
N TYR A 65 9.00 -6.01 4.87
CA TYR A 65 10.45 -6.08 4.97
C TYR A 65 10.88 -7.42 5.56
N HIS A 66 10.31 -7.81 6.70
CA HIS A 66 10.70 -9.04 7.39
C HIS A 66 10.62 -10.27 6.50
N LEU A 67 9.44 -10.62 5.96
CA LEU A 67 9.31 -11.84 5.17
C LEU A 67 10.10 -11.79 3.86
N LEU A 68 10.29 -10.62 3.24
CA LEU A 68 11.19 -10.53 2.09
C LEU A 68 12.64 -10.79 2.50
N ALA A 69 13.13 -10.08 3.52
CA ALA A 69 14.48 -10.29 4.04
C ALA A 69 14.67 -11.77 4.41
N GLU A 70 13.69 -12.36 5.09
CA GLU A 70 13.71 -13.77 5.46
C GLU A 70 13.77 -14.64 4.21
N LYS A 71 12.96 -14.36 3.18
CA LYS A 71 13.00 -15.10 1.92
C LYS A 71 14.42 -15.08 1.35
N ILE A 72 15.00 -13.88 1.16
CA ILE A 72 16.40 -13.75 0.73
C ILE A 72 17.31 -14.62 1.61
N TYR A 73 17.22 -14.42 2.92
CA TYR A 73 18.06 -15.05 3.92
C TYR A 73 18.02 -16.56 3.76
N LYS A 74 16.82 -17.14 3.71
CA LYS A 74 16.62 -18.56 3.45
C LYS A 74 17.27 -18.98 2.14
N ILE A 75 17.00 -18.28 1.03
CA ILE A 75 17.63 -18.57 -0.25
C ILE A 75 19.14 -18.64 -0.05
N GLN A 76 19.79 -17.64 0.54
CA GLN A 76 21.23 -17.71 0.77
C GLN A 76 21.61 -18.88 1.69
N LYS A 77 20.91 -19.07 2.82
CA LYS A 77 21.22 -20.14 3.76
C LYS A 77 21.21 -21.51 3.08
N GLU A 78 20.24 -21.75 2.20
CA GLU A 78 20.11 -22.98 1.44
C GLU A 78 21.08 -23.02 0.25
N LEU A 79 20.89 -22.09 -0.69
CA LEU A 79 21.52 -22.01 -2.00
C LEU A 79 22.94 -21.40 -2.01
N GLU A 80 23.36 -20.80 -0.90
CA GLU A 80 24.56 -19.98 -0.71
C GLU A 80 25.27 -19.56 -1.99
N GLU A 81 24.79 -18.45 -2.58
CA GLU A 81 25.40 -17.77 -3.73
C GLU A 81 26.49 -16.80 -3.27
N LYS A 82 26.97 -16.90 -2.04
CA LYS A 82 28.00 -16.04 -1.45
C LYS A 82 29.23 -15.88 -2.34
N ARG A 83 29.58 -16.92 -3.11
CA ARG A 83 30.63 -16.89 -4.12
C ARG A 83 30.49 -15.68 -5.06
N ARG A 84 29.24 -15.37 -5.45
CA ARG A 84 28.89 -14.33 -6.39
C ARG A 84 28.27 -13.13 -5.66
N SER A 85 27.17 -13.38 -4.98
CA SER A 85 26.29 -12.38 -4.38
C SER A 85 27.02 -11.43 -3.40
N ARG A 86 26.65 -10.15 -3.46
CA ARG A 86 27.17 -9.12 -2.57
C ARG A 86 26.84 -9.48 -1.12
N LEU A 87 27.81 -9.30 -0.23
CA LEU A 87 27.74 -9.69 1.17
C LEU A 87 26.45 -9.24 1.86
N LYS B 1 29.41 -16.81 6.13
CA LYS B 1 28.07 -16.69 6.73
C LYS B 1 27.94 -15.40 7.56
N GLU B 2 27.95 -15.51 8.89
CA GLU B 2 27.69 -14.48 9.89
C GLU B 2 27.64 -13.03 9.37
N LYS B 3 28.80 -12.48 9.01
CA LYS B 3 28.93 -11.13 8.50
C LYS B 3 27.97 -10.89 7.34
N ARG B 4 28.05 -11.77 6.33
CA ARG B 4 27.18 -11.71 5.17
C ARG B 4 25.74 -11.83 5.66
N ILE B 5 25.46 -12.81 6.52
CA ILE B 5 24.11 -13.08 6.99
C ILE B 5 23.45 -11.82 7.55
N LYS B 6 24.18 -11.04 8.35
CA LYS B 6 23.67 -9.77 8.85
C LYS B 6 23.59 -8.71 7.76
N GLU B 7 24.67 -8.51 6.99
CA GLU B 7 24.71 -7.50 5.94
C GLU B 7 23.57 -7.69 4.93
N LEU B 8 23.34 -8.92 4.50
CA LEU B 8 22.23 -9.37 3.66
C LEU B 8 20.90 -8.85 4.21
N GLU B 9 20.60 -9.17 5.48
CA GLU B 9 19.37 -8.72 6.14
C GLU B 9 19.31 -7.19 6.14
N LEU B 10 20.35 -6.55 6.66
CA LEU B 10 20.44 -5.10 6.80
C LEU B 10 20.23 -4.38 5.47
N LEU B 11 20.84 -4.88 4.40
CA LEU B 11 20.72 -4.30 3.07
C LEU B 11 19.26 -4.25 2.64
N LEU B 12 18.56 -5.39 2.72
CA LEU B 12 17.14 -5.42 2.35
C LEU B 12 16.37 -4.44 3.22
N MET B 13 16.54 -4.49 4.55
CA MET B 13 15.92 -3.52 5.45
C MET B 13 16.17 -2.07 5.01
N SER B 14 17.41 -1.76 4.60
CA SER B 14 17.84 -0.41 4.27
C SER B 14 17.14 0.20 3.06
N THR B 15 16.83 -0.60 2.02
CA THR B 15 16.36 -0.17 0.70
C THR B 15 15.75 1.24 0.61
N GLU B 16 14.65 1.54 1.30
CA GLU B 16 13.99 2.85 1.20
C GLU B 16 14.94 4.03 1.40
N ASN B 17 15.90 3.89 2.30
CA ASN B 17 16.91 4.91 2.57
C ASN B 17 17.76 5.15 1.31
N GLU B 18 18.06 4.10 0.55
CA GLU B 18 18.80 4.17 -0.70
C GLU B 18 17.90 4.74 -1.81
N LEU B 19 16.64 4.28 -1.85
CA LEU B 19 15.61 4.75 -2.76
C LEU B 19 15.49 6.27 -2.70
N LYS B 20 15.31 6.78 -1.48
CA LYS B 20 15.22 8.20 -1.19
C LYS B 20 16.59 8.85 -1.40
N GLY B 21 17.66 8.24 -0.87
CA GLY B 21 19.03 8.70 -1.04
C GLY B 21 19.34 9.07 -2.49
N GLN B 22 18.97 8.20 -3.44
CA GLN B 22 19.03 8.51 -4.86
C GLN B 22 18.08 9.68 -5.17
N GLN B 23 16.78 9.50 -4.92
CA GLN B 23 15.77 10.50 -5.22
C GLN B 23 15.74 11.60 -4.14
N ALA B 24 16.84 12.35 -4.02
CA ALA B 24 17.08 13.30 -2.94
C ALA B 24 16.27 14.60 -3.11
N LEU B 25 14.95 14.49 -3.21
CA LEU B 25 14.04 15.62 -3.33
C LEU B 25 13.89 16.32 -1.97
N GLY A 1 0.93 -1.52 10.69
CA GLY A 1 2.10 -1.66 9.81
C GLY A 1 1.68 -2.07 8.39
N VAL A 2 1.49 -1.08 7.51
CA VAL A 2 1.04 -1.24 6.13
C VAL A 2 2.13 -1.84 5.23
N ARG A 3 2.63 -3.03 5.61
CA ARG A 3 3.73 -3.71 4.95
C ARG A 3 3.24 -4.56 3.78
N LYS A 4 2.19 -5.35 4.01
CA LYS A 4 1.48 -6.04 2.95
C LYS A 4 0.34 -5.12 2.52
N GLY A 5 0.09 -4.97 1.22
CA GLY A 5 -0.99 -4.13 0.72
C GLY A 5 -2.31 -4.41 1.44
N TRP A 6 -2.63 -5.70 1.56
CA TRP A 6 -3.87 -6.17 2.18
C TRP A 6 -4.02 -5.73 3.66
N HIS A 7 -2.96 -5.23 4.31
CA HIS A 7 -3.05 -4.60 5.62
C HIS A 7 -4.03 -3.43 5.61
N GLU A 8 -4.17 -2.75 4.47
CA GLU A 8 -5.19 -1.76 4.22
C GLU A 8 -6.57 -2.25 4.68
N HIS A 9 -6.84 -3.55 4.50
CA HIS A 9 -8.10 -4.19 4.80
C HIS A 9 -8.04 -4.93 6.14
N VAL A 10 -6.93 -5.59 6.44
CA VAL A 10 -6.73 -6.27 7.73
C VAL A 10 -6.07 -5.33 8.72
N THR A 11 -6.91 -4.60 9.46
CA THR A 11 -6.48 -3.67 10.49
C THR A 11 -5.94 -4.40 11.72
N GLN A 12 -5.16 -3.68 12.52
CA GLN A 12 -4.65 -4.16 13.80
C GLN A 12 -5.79 -4.71 14.68
N ASP A 13 -6.94 -4.04 14.65
CA ASP A 13 -8.16 -4.49 15.30
C ASP A 13 -8.46 -5.95 14.91
N LEU A 14 -8.57 -6.22 13.62
CA LEU A 14 -8.84 -7.56 13.12
C LEU A 14 -7.71 -8.51 13.54
N ARG A 15 -6.45 -8.11 13.38
CA ARG A 15 -5.32 -8.94 13.81
C ARG A 15 -5.47 -9.36 15.28
N SER A 16 -5.72 -8.38 16.15
CA SER A 16 -5.89 -8.61 17.58
C SER A 16 -7.08 -9.53 17.84
N HIS A 17 -8.20 -9.29 17.16
CA HIS A 17 -9.36 -10.15 17.28
C HIS A 17 -8.98 -11.57 16.89
N LEU A 18 -8.33 -11.76 15.75
CA LEU A 18 -7.87 -13.07 15.30
C LEU A 18 -6.95 -13.71 16.33
N VAL A 19 -5.99 -12.98 16.91
CA VAL A 19 -5.20 -13.46 18.05
C VAL A 19 -6.12 -14.01 19.16
N HIS A 20 -7.13 -13.24 19.59
CA HIS A 20 -8.08 -13.76 20.56
C HIS A 20 -8.72 -15.06 20.04
N LYS A 21 -9.23 -15.05 18.80
CA LYS A 21 -9.81 -16.24 18.18
C LYS A 21 -8.84 -17.44 18.28
N LEU A 22 -7.55 -17.25 18.00
CA LEU A 22 -6.56 -18.29 18.19
C LEU A 22 -6.65 -18.82 19.62
N VAL A 23 -6.52 -17.94 20.62
CA VAL A 23 -6.58 -18.37 22.01
C VAL A 23 -7.85 -19.16 22.28
N GLN A 24 -9.05 -18.59 22.09
CA GLN A 24 -10.28 -19.30 22.41
C GLN A 24 -10.46 -20.58 21.58
N ALA A 25 -10.09 -20.56 20.30
CA ALA A 25 -10.24 -21.74 19.44
C ALA A 25 -9.34 -22.88 19.94
N ILE A 26 -8.09 -22.59 20.28
CA ILE A 26 -7.17 -23.57 20.82
C ILE A 26 -7.60 -24.01 22.22
N PHE A 27 -7.93 -23.03 23.06
CA PHE A 27 -8.16 -23.13 24.49
C PHE A 27 -9.25 -22.10 24.89
N PRO A 28 -10.53 -22.49 24.90
CA PRO A 28 -11.63 -21.59 25.22
C PRO A 28 -11.40 -20.77 26.49
N THR A 29 -11.40 -19.44 26.36
CA THR A 29 -11.11 -18.52 27.44
C THR A 29 -12.29 -18.47 28.42
N PRO A 30 -12.10 -18.79 29.71
CA PRO A 30 -13.14 -18.64 30.72
C PRO A 30 -13.72 -17.23 30.76
N ASP A 31 -12.86 -16.20 30.73
CA ASP A 31 -13.26 -14.81 30.90
C ASP A 31 -12.08 -13.94 30.45
N PRO A 32 -12.28 -12.74 29.88
CA PRO A 32 -11.21 -11.79 29.64
C PRO A 32 -10.25 -11.63 30.83
N ALA A 33 -10.79 -11.54 32.05
CA ALA A 33 -9.99 -11.43 33.27
C ALA A 33 -9.00 -12.59 33.42
N ALA A 34 -9.27 -13.75 32.81
CA ALA A 34 -8.37 -14.89 32.85
C ALA A 34 -7.05 -14.60 32.13
N LEU A 35 -7.02 -13.66 31.17
CA LEU A 35 -5.87 -13.46 30.29
C LEU A 35 -4.56 -13.23 31.06
N LYS A 36 -4.62 -12.62 32.24
CA LYS A 36 -3.43 -12.36 33.06
C LYS A 36 -2.77 -13.65 33.60
N ASP A 37 -3.51 -14.76 33.67
CA ASP A 37 -2.96 -16.04 34.11
C ASP A 37 -1.71 -16.37 33.30
N ARG A 38 -0.62 -16.76 33.96
CA ARG A 38 0.68 -16.95 33.28
C ARG A 38 0.59 -17.87 32.07
N ARG A 39 -0.06 -19.03 32.21
CA ARG A 39 -0.21 -19.97 31.10
C ARG A 39 -0.98 -19.29 29.96
N MET A 40 -2.11 -18.67 30.28
CA MET A 40 -2.91 -17.99 29.28
C MET A 40 -2.08 -16.90 28.59
N GLU A 41 -1.37 -16.08 29.36
CA GLU A 41 -0.47 -15.04 28.88
C GLU A 41 0.53 -15.62 27.88
N ASN A 42 1.14 -16.76 28.22
CA ASN A 42 2.05 -17.45 27.31
C ASN A 42 1.31 -17.86 26.03
N LEU A 43 0.09 -18.38 26.15
CA LEU A 43 -0.70 -18.79 24.99
C LEU A 43 -1.06 -17.57 24.13
N VAL A 44 -1.39 -16.44 24.75
CA VAL A 44 -1.62 -15.16 24.10
C VAL A 44 -0.35 -14.76 23.34
N ALA A 45 0.81 -14.80 23.99
CA ALA A 45 2.09 -14.48 23.36
C ALA A 45 2.33 -15.38 22.14
N TYR A 46 2.14 -16.69 22.31
CA TYR A 46 2.22 -17.64 21.20
C TYR A 46 1.29 -17.21 20.07
N ALA A 47 0.01 -16.98 20.37
CA ALA A 47 -0.99 -16.58 19.40
C ALA A 47 -0.55 -15.30 18.65
N LYS A 48 -0.05 -14.30 19.37
CA LYS A 48 0.50 -13.09 18.76
C LYS A 48 1.62 -13.45 17.80
N LYS A 49 2.61 -14.21 18.27
CA LYS A 49 3.77 -14.63 17.49
C LYS A 49 3.30 -15.32 16.20
N VAL A 50 2.47 -16.34 16.36
CA VAL A 50 1.91 -17.10 15.26
C VAL A 50 1.16 -16.18 14.29
N GLU A 51 0.24 -15.34 14.78
CA GLU A 51 -0.46 -14.39 13.93
C GLU A 51 0.53 -13.53 13.15
N GLY A 52 1.56 -13.01 13.82
CA GLY A 52 2.63 -12.27 13.17
C GLY A 52 3.22 -13.08 12.02
N ASP A 53 3.74 -14.28 12.32
CA ASP A 53 4.33 -15.17 11.34
C ASP A 53 3.41 -15.36 10.14
N MET A 54 2.15 -15.70 10.40
CA MET A 54 1.15 -15.87 9.36
C MET A 54 0.99 -14.59 8.54
N TYR A 55 0.96 -13.43 9.20
CA TYR A 55 0.85 -12.16 8.52
C TYR A 55 2.00 -11.98 7.54
N GLU A 56 3.25 -12.14 8.00
CA GLU A 56 4.39 -11.99 7.12
C GLU A 56 4.37 -13.01 5.99
N SER A 57 3.98 -14.26 6.29
CA SER A 57 3.92 -15.34 5.32
C SER A 57 2.87 -15.06 4.23
N ALA A 58 1.67 -14.68 4.65
CA ALA A 58 0.50 -14.57 3.78
C ALA A 58 0.63 -13.47 2.72
N ASN A 59 0.75 -13.88 1.46
CA ASN A 59 0.69 -12.98 0.32
C ASN A 59 -0.60 -12.15 0.29
N SER A 60 -1.72 -12.70 0.78
CA SER A 60 -3.03 -12.07 0.61
C SER A 60 -3.98 -12.52 1.72
N ARG A 61 -4.99 -11.68 2.03
CA ARG A 61 -5.96 -11.88 3.09
C ARG A 61 -6.57 -13.29 3.08
N ASP A 62 -6.96 -13.77 1.90
CA ASP A 62 -7.44 -15.12 1.69
C ASP A 62 -6.44 -16.15 2.25
N GLU A 63 -5.16 -16.02 1.91
CA GLU A 63 -4.13 -16.93 2.39
C GLU A 63 -4.04 -16.79 3.91
N TYR A 64 -3.97 -15.56 4.40
CA TYR A 64 -3.91 -15.27 5.84
C TYR A 64 -5.02 -16.00 6.61
N TYR A 65 -6.28 -15.83 6.18
CA TYR A 65 -7.37 -16.57 6.78
C TYR A 65 -7.11 -18.09 6.68
N HIS A 66 -6.79 -18.57 5.48
CA HIS A 66 -6.56 -20.00 5.23
C HIS A 66 -5.50 -20.58 6.19
N LEU A 67 -4.24 -20.10 6.12
CA LEU A 67 -3.19 -20.70 6.92
C LEU A 67 -3.41 -20.52 8.43
N LEU A 68 -4.08 -19.44 8.87
CA LEU A 68 -4.48 -19.32 10.27
C LEU A 68 -5.47 -20.43 10.64
N ALA A 69 -6.58 -20.53 9.89
CA ALA A 69 -7.56 -21.57 10.14
C ALA A 69 -6.90 -22.95 10.13
N GLU A 70 -6.05 -23.23 9.15
CA GLU A 70 -5.29 -24.47 9.07
C GLU A 70 -4.45 -24.67 10.34
N LYS A 71 -3.72 -23.63 10.78
CA LYS A 71 -2.91 -23.75 11.99
C LYS A 71 -3.79 -24.11 13.19
N ILE A 72 -4.91 -23.41 13.37
CA ILE A 72 -5.86 -23.77 14.43
C ILE A 72 -6.25 -25.24 14.29
N TYR A 73 -6.70 -25.62 13.10
CA TYR A 73 -7.16 -26.96 12.76
C TYR A 73 -6.12 -27.99 13.22
N LYS A 74 -4.86 -27.79 12.80
CA LYS A 74 -3.74 -28.59 13.25
C LYS A 74 -3.62 -28.59 14.77
N ILE A 75 -3.44 -27.43 15.42
CA ILE A 75 -3.31 -27.37 16.88
C ILE A 75 -4.40 -28.22 17.52
N GLN A 76 -5.67 -27.96 17.22
CA GLN A 76 -6.76 -28.76 17.72
C GLN A 76 -6.54 -30.25 17.42
N LYS A 77 -6.34 -30.66 16.17
CA LYS A 77 -6.20 -32.07 15.84
C LYS A 77 -5.06 -32.74 16.62
N GLU A 78 -3.86 -32.19 16.48
CA GLU A 78 -2.64 -32.68 17.11
C GLU A 78 -2.85 -32.78 18.62
N LEU A 79 -3.37 -31.72 19.23
CA LEU A 79 -3.50 -31.56 20.67
C LEU A 79 -4.65 -32.43 21.22
N GLU A 80 -5.77 -32.49 20.50
CA GLU A 80 -6.93 -33.33 20.78
C GLU A 80 -6.49 -34.76 21.10
N GLU A 81 -5.63 -35.33 20.27
CA GLU A 81 -5.11 -36.67 20.53
C GLU A 81 -4.37 -36.73 21.87
N LYS A 82 -3.58 -35.71 22.23
CA LYS A 82 -2.90 -35.68 23.51
C LYS A 82 -3.90 -35.57 24.65
N ARG A 83 -4.86 -34.65 24.53
CA ARG A 83 -5.94 -34.46 25.49
C ARG A 83 -6.66 -35.79 25.75
N ARG A 84 -7.03 -36.51 24.69
CA ARG A 84 -7.59 -37.84 24.79
C ARG A 84 -6.62 -38.78 25.51
N SER A 85 -5.36 -38.81 25.08
CA SER A 85 -4.34 -39.68 25.64
C SER A 85 -3.83 -39.19 27.00
N ARG A 86 -4.72 -38.80 27.91
CA ARG A 86 -4.37 -38.32 29.25
C ARG A 86 -4.03 -39.49 30.17
N LEU A 87 -2.99 -40.24 29.81
CA LEU A 87 -2.61 -41.51 30.42
C LEU A 87 -1.12 -41.49 30.77
N LYS B 1 -15.30 -35.58 14.83
CA LYS B 1 -14.78 -35.15 13.52
C LYS B 1 -15.68 -34.06 12.92
N GLU B 2 -16.21 -34.27 11.71
CA GLU B 2 -17.10 -33.42 10.93
C GLU B 2 -17.49 -32.09 11.58
N LYS B 3 -18.44 -32.13 12.52
CA LYS B 3 -18.97 -30.93 13.15
C LYS B 3 -17.85 -30.12 13.80
N ARG B 4 -16.97 -30.77 14.56
CA ARG B 4 -15.89 -30.07 15.24
C ARG B 4 -14.97 -29.41 14.22
N ILE B 5 -14.66 -30.14 13.15
CA ILE B 5 -13.82 -29.65 12.07
C ILE B 5 -14.43 -28.39 11.47
N LYS B 6 -15.68 -28.51 11.01
CA LYS B 6 -16.33 -27.46 10.24
C LYS B 6 -16.58 -26.25 11.13
N GLU B 7 -17.08 -26.46 12.35
CA GLU B 7 -17.23 -25.40 13.32
C GLU B 7 -15.88 -24.72 13.56
N LEU B 8 -14.82 -25.49 13.78
CA LEU B 8 -13.49 -24.94 14.03
C LEU B 8 -13.04 -24.05 12.87
N GLU B 9 -13.15 -24.53 11.63
CA GLU B 9 -12.82 -23.70 10.47
C GLU B 9 -13.69 -22.43 10.46
N LEU B 10 -15.00 -22.64 10.45
CA LEU B 10 -16.02 -21.61 10.31
C LEU B 10 -15.81 -20.50 11.34
N LEU B 11 -15.57 -20.89 12.61
CA LEU B 11 -15.32 -19.99 13.71
C LEU B 11 -14.31 -18.91 13.31
N LEU B 12 -13.13 -19.34 12.84
CA LEU B 12 -12.09 -18.39 12.46
C LEU B 12 -12.54 -17.62 11.21
N MET B 13 -12.95 -18.33 10.16
CA MET B 13 -13.44 -17.69 8.93
C MET B 13 -14.42 -16.55 9.20
N SER B 14 -15.30 -16.73 10.18
CA SER B 14 -16.33 -15.76 10.52
C SER B 14 -15.78 -14.43 11.07
N THR B 15 -14.57 -14.42 11.66
CA THR B 15 -14.05 -13.28 12.41
C THR B 15 -14.43 -11.90 11.88
N GLU B 16 -14.09 -11.53 10.64
CA GLU B 16 -14.46 -10.22 10.10
C GLU B 16 -15.92 -9.82 10.35
N ASN B 17 -16.83 -10.79 10.19
CA ASN B 17 -18.26 -10.59 10.38
C ASN B 17 -18.53 -10.31 11.86
N GLU B 18 -17.96 -11.13 12.74
CA GLU B 18 -18.05 -10.97 14.19
C GLU B 18 -17.53 -9.58 14.58
N LEU B 19 -16.35 -9.23 14.07
CA LEU B 19 -15.66 -7.96 14.31
C LEU B 19 -16.61 -6.81 14.01
N LYS B 20 -17.05 -6.66 12.76
CA LYS B 20 -17.95 -5.57 12.41
C LYS B 20 -19.23 -5.65 13.25
N GLY B 21 -19.80 -6.86 13.38
CA GLY B 21 -20.98 -7.13 14.17
C GLY B 21 -20.86 -6.68 15.63
N GLN B 22 -19.64 -6.61 16.17
CA GLN B 22 -19.38 -6.18 17.54
C GLN B 22 -18.51 -4.92 17.59
N GLN B 23 -18.45 -4.15 16.49
CA GLN B 23 -17.61 -2.97 16.44
C GLN B 23 -18.29 -1.82 17.18
N ALA B 24 -18.23 -1.84 18.52
CA ALA B 24 -18.68 -0.75 19.37
C ALA B 24 -17.70 0.42 19.30
N LEU B 25 -17.48 0.97 18.09
CA LEU B 25 -16.53 2.04 17.83
C LEU B 25 -16.85 2.65 16.46
N GLY A 1 1.27 -1.73 -5.70
CA GLY A 1 -0.08 -1.72 -5.08
C GLY A 1 -0.88 -0.49 -5.50
N VAL A 2 -1.67 -0.63 -6.57
CA VAL A 2 -2.49 0.42 -7.16
C VAL A 2 -3.27 1.22 -6.10
N ARG A 3 -2.83 2.45 -5.82
CA ARG A 3 -3.47 3.33 -4.84
C ARG A 3 -3.17 4.81 -5.04
N LYS A 4 -1.95 5.18 -5.45
CA LYS A 4 -1.69 6.60 -5.71
C LYS A 4 -2.48 7.00 -6.95
N GLY A 5 -2.99 8.23 -7.00
CA GLY A 5 -3.78 8.73 -8.13
C GLY A 5 -3.15 8.42 -9.49
N TRP A 6 -1.83 8.52 -9.57
CA TRP A 6 -1.08 8.29 -10.80
C TRP A 6 -1.03 6.81 -11.19
N HIS A 7 -1.10 5.89 -10.22
CA HIS A 7 -1.04 4.44 -10.49
C HIS A 7 -2.06 4.05 -11.54
N GLU A 8 -3.29 4.57 -11.38
CA GLU A 8 -4.40 4.52 -12.31
C GLU A 8 -3.97 4.60 -13.78
N HIS A 9 -2.97 5.44 -14.07
CA HIS A 9 -2.59 5.81 -15.41
C HIS A 9 -1.47 4.92 -15.97
N VAL A 10 -0.79 4.13 -15.12
CA VAL A 10 0.41 3.38 -15.47
C VAL A 10 0.09 1.89 -15.52
N THR A 11 0.03 1.31 -16.72
CA THR A 11 -0.36 -0.06 -16.94
C THR A 11 0.73 -1.05 -16.54
N GLN A 12 0.32 -2.30 -16.31
CA GLN A 12 1.18 -3.44 -16.10
C GLN A 12 2.17 -3.57 -17.27
N ASP A 13 1.70 -3.44 -18.51
CA ASP A 13 2.58 -3.47 -19.68
C ASP A 13 3.62 -2.33 -19.63
N LEU A 14 3.21 -1.10 -19.31
CA LEU A 14 4.19 -0.02 -19.17
C LEU A 14 5.21 -0.37 -18.09
N ARG A 15 4.74 -0.82 -16.92
CA ARG A 15 5.63 -1.29 -15.85
C ARG A 15 6.60 -2.34 -16.39
N SER A 16 6.10 -3.33 -17.13
CA SER A 16 6.91 -4.39 -17.71
C SER A 16 7.99 -3.82 -18.65
N HIS A 17 7.60 -2.89 -19.53
CA HIS A 17 8.55 -2.31 -20.48
C HIS A 17 9.61 -1.50 -19.74
N LEU A 18 9.21 -0.70 -18.75
CA LEU A 18 10.15 0.03 -17.89
C LEU A 18 11.09 -0.93 -17.17
N VAL A 19 10.57 -2.01 -16.58
CA VAL A 19 11.36 -3.10 -16.02
C VAL A 19 12.34 -3.63 -17.06
N HIS A 20 11.91 -3.85 -18.31
CA HIS A 20 12.85 -4.22 -19.37
C HIS A 20 13.95 -3.17 -19.51
N LYS A 21 13.60 -1.88 -19.60
CA LYS A 21 14.61 -0.81 -19.62
C LYS A 21 15.60 -0.96 -18.45
N LEU A 22 15.11 -1.26 -17.24
CA LEU A 22 16.00 -1.55 -16.12
C LEU A 22 16.94 -2.73 -16.45
N VAL A 23 16.40 -3.86 -16.91
CA VAL A 23 17.23 -4.99 -17.30
C VAL A 23 18.29 -4.54 -18.31
N GLN A 24 17.92 -3.79 -19.35
CA GLN A 24 18.89 -3.24 -20.30
C GLN A 24 19.95 -2.40 -19.59
N ALA A 25 19.53 -1.49 -18.70
CA ALA A 25 20.45 -0.63 -17.95
C ALA A 25 21.46 -1.46 -17.16
N ILE A 26 21.00 -2.50 -16.48
CA ILE A 26 21.86 -3.38 -15.71
C ILE A 26 22.73 -4.23 -16.63
N PHE A 27 22.16 -4.71 -17.74
CA PHE A 27 22.75 -5.70 -18.61
C PHE A 27 22.01 -5.68 -19.97
N PRO A 28 22.54 -4.94 -20.96
CA PRO A 28 21.96 -4.83 -22.29
C PRO A 28 21.65 -6.19 -22.94
N THR A 29 20.41 -6.65 -22.82
CA THR A 29 19.98 -7.95 -23.29
C THR A 29 19.56 -7.83 -24.76
N PRO A 30 19.96 -8.78 -25.64
CA PRO A 30 19.79 -8.64 -27.08
C PRO A 30 18.33 -8.55 -27.52
N ASP A 31 17.48 -9.46 -27.06
CA ASP A 31 16.11 -9.62 -27.56
C ASP A 31 15.19 -9.94 -26.39
N PRO A 32 13.95 -9.41 -26.33
CA PRO A 32 12.95 -9.80 -25.34
C PRO A 32 12.92 -11.30 -25.05
N ALA A 33 12.91 -12.15 -26.08
CA ALA A 33 12.91 -13.59 -25.93
C ALA A 33 14.04 -14.07 -25.02
N ALA A 34 15.22 -13.44 -25.12
CA ALA A 34 16.39 -13.80 -24.34
C ALA A 34 16.16 -13.58 -22.84
N LEU A 35 15.15 -12.79 -22.45
CA LEU A 35 14.77 -12.67 -21.04
C LEU A 35 14.34 -14.02 -20.46
N LYS A 36 13.83 -14.95 -21.29
CA LYS A 36 13.27 -16.21 -20.83
C LYS A 36 14.38 -17.22 -20.50
N ASP A 37 15.37 -16.81 -19.70
CA ASP A 37 16.59 -17.56 -19.42
C ASP A 37 16.83 -17.64 -17.90
N ARG A 38 17.41 -18.76 -17.45
CA ARG A 38 17.70 -19.07 -16.06
C ARG A 38 18.46 -17.93 -15.37
N ARG A 39 19.52 -17.41 -15.99
CA ARG A 39 20.23 -16.27 -15.42
C ARG A 39 19.30 -15.06 -15.43
N MET A 40 18.81 -14.70 -16.63
CA MET A 40 18.05 -13.48 -16.85
C MET A 40 16.89 -13.31 -15.87
N GLU A 41 16.20 -14.40 -15.55
CA GLU A 41 15.16 -14.45 -14.51
C GLU A 41 15.55 -13.62 -13.29
N ASN A 42 16.80 -13.71 -12.85
CA ASN A 42 17.29 -13.01 -11.67
C ASN A 42 17.28 -11.50 -11.89
N LEU A 43 17.80 -11.07 -13.04
CA LEU A 43 17.83 -9.65 -13.41
C LEU A 43 16.41 -9.13 -13.54
N VAL A 44 15.54 -9.89 -14.22
CA VAL A 44 14.13 -9.60 -14.33
C VAL A 44 13.54 -9.41 -12.93
N ALA A 45 13.74 -10.38 -12.04
CA ALA A 45 13.25 -10.33 -10.67
C ALA A 45 13.73 -9.07 -9.95
N TYR A 46 15.04 -8.80 -9.97
CA TYR A 46 15.61 -7.59 -9.39
C TYR A 46 14.92 -6.35 -9.95
N ALA A 47 14.80 -6.26 -11.26
CA ALA A 47 14.19 -5.11 -11.92
C ALA A 47 12.73 -4.95 -11.48
N LYS A 48 11.96 -6.04 -11.45
CA LYS A 48 10.59 -6.02 -10.96
C LYS A 48 10.55 -5.51 -9.51
N LYS A 49 11.38 -6.09 -8.64
CA LYS A 49 11.48 -5.69 -7.24
C LYS A 49 11.76 -4.19 -7.11
N VAL A 50 12.84 -3.72 -7.75
CA VAL A 50 13.26 -2.34 -7.65
C VAL A 50 12.17 -1.42 -8.22
N GLU A 51 11.61 -1.73 -9.41
CA GLU A 51 10.51 -0.95 -9.94
C GLU A 51 9.29 -0.99 -9.01
N GLY A 52 9.05 -2.12 -8.33
CA GLY A 52 8.05 -2.20 -7.28
C GLY A 52 8.33 -1.13 -6.22
N ASP A 53 9.54 -1.12 -5.67
CA ASP A 53 9.94 -0.09 -4.71
C ASP A 53 9.66 1.31 -5.25
N MET A 54 10.05 1.57 -6.51
CA MET A 54 9.77 2.85 -7.15
C MET A 54 8.26 3.12 -7.22
N TYR A 55 7.44 2.12 -7.57
CA TYR A 55 6.00 2.24 -7.71
C TYR A 55 5.37 2.60 -6.37
N GLU A 56 5.86 2.01 -5.29
CA GLU A 56 5.44 2.34 -3.93
C GLU A 56 5.90 3.75 -3.54
N SER A 57 7.16 4.09 -3.81
CA SER A 57 7.79 5.34 -3.39
C SER A 57 7.19 6.55 -4.12
N ALA A 58 7.19 6.50 -5.45
CA ALA A 58 6.77 7.60 -6.30
C ALA A 58 5.31 7.98 -6.01
N ASN A 59 5.08 9.25 -5.67
CA ASN A 59 3.75 9.79 -5.47
C ASN A 59 3.34 10.70 -6.63
N SER A 60 3.94 10.49 -7.81
CA SER A 60 3.53 11.10 -9.06
C SER A 60 4.14 10.29 -10.21
N ARG A 61 3.55 10.38 -11.40
CA ARG A 61 4.07 9.73 -12.59
C ARG A 61 5.42 10.31 -12.97
N ASP A 62 5.51 11.64 -12.98
CA ASP A 62 6.76 12.37 -13.14
C ASP A 62 7.82 11.88 -12.14
N GLU A 63 7.47 11.71 -10.85
CA GLU A 63 8.41 11.16 -9.89
C GLU A 63 8.82 9.74 -10.31
N TYR A 64 7.86 8.89 -10.64
CA TYR A 64 8.13 7.52 -11.06
C TYR A 64 9.13 7.48 -12.21
N TYR A 65 8.93 8.30 -13.24
CA TYR A 65 9.92 8.44 -14.29
C TYR A 65 11.25 8.92 -13.72
N HIS A 66 11.23 10.01 -12.94
CA HIS A 66 12.44 10.60 -12.40
C HIS A 66 13.29 9.58 -11.65
N LEU A 67 12.76 8.97 -10.58
CA LEU A 67 13.58 8.05 -9.79
C LEU A 67 13.96 6.78 -10.54
N LEU A 68 13.14 6.28 -11.47
CA LEU A 68 13.56 5.16 -12.32
C LEU A 68 14.71 5.58 -13.23
N ALA A 69 14.56 6.70 -13.95
CA ALA A 69 15.60 7.24 -14.80
C ALA A 69 16.88 7.44 -14.00
N GLU A 70 16.79 8.06 -12.83
CA GLU A 70 17.92 8.28 -11.94
C GLU A 70 18.53 6.94 -11.53
N LYS A 71 17.72 5.95 -11.18
CA LYS A 71 18.21 4.62 -10.83
C LYS A 71 19.01 4.03 -12.00
N ILE A 72 18.48 4.09 -13.22
CA ILE A 72 19.22 3.68 -14.41
C ILE A 72 20.55 4.44 -14.52
N TYR A 73 20.47 5.77 -14.42
CA TYR A 73 21.60 6.67 -14.52
C TYR A 73 22.69 6.20 -13.54
N LYS A 74 22.32 6.01 -12.28
CA LYS A 74 23.18 5.46 -11.24
C LYS A 74 23.75 4.11 -11.66
N ILE A 75 22.91 3.10 -11.93
CA ILE A 75 23.34 1.78 -12.37
C ILE A 75 24.42 1.91 -13.42
N GLN A 76 24.12 2.54 -14.55
CA GLN A 76 25.08 2.72 -15.62
C GLN A 76 26.35 3.41 -15.13
N LYS A 77 26.23 4.57 -14.47
CA LYS A 77 27.40 5.32 -13.98
C LYS A 77 28.29 4.47 -13.07
N GLU A 78 27.71 3.89 -12.03
CA GLU A 78 28.40 3.03 -11.09
C GLU A 78 29.08 1.88 -11.85
N LEU A 79 28.30 1.16 -12.66
CA LEU A 79 28.66 -0.08 -13.31
C LEU A 79 29.57 0.11 -14.53
N GLU A 80 29.65 1.35 -15.06
CA GLU A 80 30.32 1.72 -16.30
C GLU A 80 31.64 0.98 -16.53
N GLU A 81 31.65 0.07 -17.50
CA GLU A 81 32.79 -0.69 -17.91
C GLU A 81 33.87 0.22 -18.51
N LYS A 82 33.49 1.29 -19.20
CA LYS A 82 34.43 2.14 -19.92
C LYS A 82 35.59 2.61 -19.04
N ARG A 83 35.31 3.09 -17.81
CA ARG A 83 36.38 3.55 -16.92
C ARG A 83 37.27 2.39 -16.47
N ARG A 84 36.70 1.18 -16.37
CA ARG A 84 37.38 0.00 -15.90
C ARG A 84 38.25 -0.61 -17.00
N SER A 85 37.84 -0.44 -18.26
CA SER A 85 38.49 -1.05 -19.43
C SER A 85 39.82 -0.39 -19.79
N ARG A 86 40.79 -0.45 -18.87
CA ARG A 86 42.13 0.12 -19.06
C ARG A 86 43.06 -0.91 -19.69
N LEU A 87 44.11 -0.42 -20.37
CA LEU A 87 45.10 -1.27 -21.01
C LEU A 87 45.82 -2.14 -19.98
N LYS B 1 30.25 12.52 -22.93
CA LYS B 1 29.70 12.35 -21.57
C LYS B 1 28.25 12.84 -21.54
N GLU B 2 28.05 14.16 -21.62
CA GLU B 2 26.73 14.78 -21.72
C GLU B 2 25.77 14.01 -22.62
N LYS B 3 26.24 13.61 -23.80
CA LYS B 3 25.49 12.81 -24.75
C LYS B 3 24.97 11.53 -24.09
N ARG B 4 25.86 10.77 -23.45
CA ARG B 4 25.49 9.47 -22.91
C ARG B 4 24.63 9.63 -21.66
N ILE B 5 24.82 10.72 -20.90
CA ILE B 5 23.91 11.06 -19.81
C ILE B 5 22.51 11.31 -20.39
N LYS B 6 22.41 12.25 -21.32
CA LYS B 6 21.13 12.73 -21.80
C LYS B 6 20.39 11.64 -22.56
N GLU B 7 21.07 10.93 -23.47
CA GLU B 7 20.49 9.80 -24.17
C GLU B 7 19.95 8.78 -23.16
N LEU B 8 20.75 8.39 -22.17
CA LEU B 8 20.35 7.43 -21.16
C LEU B 8 19.08 7.90 -20.42
N GLU B 9 19.13 9.12 -19.88
CA GLU B 9 18.03 9.72 -19.14
C GLU B 9 16.76 9.74 -20.02
N LEU B 10 16.90 10.33 -21.22
CA LEU B 10 15.83 10.52 -22.18
C LEU B 10 15.20 9.18 -22.58
N LEU B 11 16.02 8.15 -22.83
CA LEU B 11 15.55 6.84 -23.24
C LEU B 11 14.46 6.33 -22.29
N LEU B 12 14.73 6.36 -20.97
CA LEU B 12 13.76 5.91 -19.99
C LEU B 12 12.53 6.80 -20.05
N MET B 13 12.70 8.12 -19.94
CA MET B 13 11.60 9.08 -20.00
C MET B 13 10.70 8.85 -21.21
N SER B 14 11.29 8.48 -22.35
CA SER B 14 10.59 8.26 -23.60
C SER B 14 9.73 6.97 -23.63
N THR B 15 9.84 6.07 -22.65
CA THR B 15 9.23 4.74 -22.74
C THR B 15 7.76 4.77 -23.18
N GLU B 16 6.89 5.56 -22.53
CA GLU B 16 5.49 5.63 -22.97
C GLU B 16 5.36 6.04 -24.44
N ASN B 17 6.24 6.93 -24.90
CA ASN B 17 6.26 7.36 -26.30
C ASN B 17 6.73 6.22 -27.18
N GLU B 18 7.74 5.46 -26.73
CA GLU B 18 8.19 4.24 -27.38
C GLU B 18 7.01 3.27 -27.55
N LEU B 19 6.21 3.06 -26.50
CA LEU B 19 4.98 2.27 -26.56
C LEU B 19 4.03 2.85 -27.62
N LYS B 20 3.68 4.13 -27.49
CA LYS B 20 2.75 4.78 -28.42
C LYS B 20 3.25 4.70 -29.87
N GLY B 21 4.57 4.67 -30.09
CA GLY B 21 5.17 4.40 -31.38
C GLY B 21 4.91 2.95 -31.82
N GLN B 22 3.64 2.64 -32.14
CA GLN B 22 3.10 1.34 -32.49
C GLN B 22 3.81 0.16 -31.83
N GLN B 23 3.96 0.18 -30.51
CA GLN B 23 4.46 -0.93 -29.71
C GLN B 23 3.53 -1.10 -28.49
N ALA B 24 2.25 -1.37 -28.76
CA ALA B 24 1.23 -1.55 -27.75
C ALA B 24 1.39 -2.90 -27.05
N LEU B 25 2.45 -3.03 -26.23
CA LEU B 25 2.73 -4.22 -25.44
C LEU B 25 1.51 -4.62 -24.60
N GLY A 1 5.92 6.15 6.46
CA GLY A 1 6.04 6.04 4.99
C GLY A 1 4.66 5.91 4.34
N VAL A 2 4.17 4.68 4.23
CA VAL A 2 2.94 4.29 3.52
C VAL A 2 1.68 4.69 4.30
N ARG A 3 1.54 5.97 4.67
CA ARG A 3 0.42 6.44 5.46
C ARG A 3 -0.79 6.72 4.57
N LYS A 4 -1.97 6.28 5.02
CA LYS A 4 -3.23 6.48 4.31
C LYS A 4 -4.42 6.53 5.28
N GLY A 5 -4.17 6.75 6.58
CA GLY A 5 -5.17 6.61 7.63
C GLY A 5 -5.43 5.13 7.90
N TRP A 6 -5.99 4.43 6.91
CA TRP A 6 -6.36 3.03 7.00
C TRP A 6 -5.16 2.08 7.03
N HIS A 7 -3.94 2.59 6.77
CA HIS A 7 -2.71 1.82 6.71
C HIS A 7 -2.48 1.10 8.03
N GLU A 8 -2.86 1.78 9.12
CA GLU A 8 -2.85 1.37 10.50
C GLU A 8 -3.05 -0.13 10.72
N HIS A 9 -4.04 -0.74 10.05
CA HIS A 9 -4.45 -2.13 10.28
C HIS A 9 -4.14 -3.03 9.08
N VAL A 10 -3.24 -2.62 8.18
CA VAL A 10 -2.83 -3.40 7.01
C VAL A 10 -1.33 -3.64 7.06
N THR A 11 -0.93 -4.81 7.59
CA THR A 11 0.45 -5.20 7.78
C THR A 11 1.03 -5.85 6.53
N GLN A 12 2.36 -5.95 6.49
CA GLN A 12 3.09 -6.57 5.39
C GLN A 12 2.54 -7.95 5.06
N ASP A 13 2.26 -8.78 6.07
CA ASP A 13 1.70 -10.11 5.85
C ASP A 13 0.42 -10.03 5.01
N LEU A 14 -0.50 -9.11 5.34
CA LEU A 14 -1.71 -8.95 4.57
C LEU A 14 -1.38 -8.52 3.15
N ARG A 15 -0.52 -7.51 2.99
CA ARG A 15 -0.11 -7.04 1.66
C ARG A 15 0.42 -8.21 0.83
N SER A 16 1.35 -8.98 1.41
CA SER A 16 1.94 -10.18 0.83
C SER A 16 0.85 -11.17 0.41
N HIS A 17 -0.10 -11.45 1.32
CA HIS A 17 -1.17 -12.38 1.04
C HIS A 17 -2.00 -11.89 -0.15
N LEU A 18 -2.47 -10.64 -0.10
CA LEU A 18 -3.23 -10.02 -1.18
C LEU A 18 -2.46 -10.13 -2.51
N VAL A 19 -1.17 -9.77 -2.52
CA VAL A 19 -0.30 -10.00 -3.66
C VAL A 19 -0.37 -11.45 -4.12
N HIS A 20 -0.22 -12.46 -3.25
CA HIS A 20 -0.36 -13.83 -3.70
C HIS A 20 -1.77 -14.18 -4.19
N LYS A 21 -2.83 -13.49 -3.71
CA LYS A 21 -4.16 -13.62 -4.30
C LYS A 21 -4.11 -13.14 -5.76
N LEU A 22 -3.48 -11.99 -6.01
CA LEU A 22 -3.28 -11.51 -7.37
C LEU A 22 -2.54 -12.56 -8.22
N VAL A 23 -1.38 -13.03 -7.75
CA VAL A 23 -0.60 -14.01 -8.49
C VAL A 23 -1.46 -15.22 -8.83
N GLN A 24 -2.08 -15.87 -7.83
CA GLN A 24 -2.86 -17.08 -8.10
C GLN A 24 -4.05 -16.79 -9.02
N ALA A 25 -4.68 -15.62 -8.89
CA ALA A 25 -5.77 -15.23 -9.79
C ALA A 25 -5.32 -15.17 -11.25
N ILE A 26 -4.17 -14.54 -11.51
CA ILE A 26 -3.61 -14.50 -12.85
C ILE A 26 -3.20 -15.91 -13.27
N PHE A 27 -2.27 -16.49 -12.50
CA PHE A 27 -1.53 -17.70 -12.75
C PHE A 27 -1.63 -18.60 -11.51
N PRO A 28 -2.53 -19.60 -11.48
CA PRO A 28 -2.72 -20.46 -10.33
C PRO A 28 -1.47 -21.32 -10.09
N THR A 29 -0.51 -20.73 -9.39
CA THR A 29 0.84 -21.25 -9.21
C THR A 29 0.84 -22.55 -8.38
N PRO A 30 1.40 -23.64 -8.91
CA PRO A 30 1.46 -24.94 -8.25
C PRO A 30 2.02 -24.96 -6.82
N ASP A 31 3.19 -24.36 -6.58
CA ASP A 31 3.92 -24.51 -5.33
C ASP A 31 4.70 -23.24 -4.99
N PRO A 32 4.81 -22.83 -3.72
CA PRO A 32 5.69 -21.75 -3.28
C PRO A 32 7.08 -21.79 -3.91
N ALA A 33 7.70 -22.98 -3.99
CA ALA A 33 9.02 -23.15 -4.60
C ALA A 33 9.05 -22.58 -6.03
N ALA A 34 7.95 -22.69 -6.76
CA ALA A 34 7.84 -22.19 -8.12
C ALA A 34 8.14 -20.69 -8.18
N LEU A 35 7.93 -19.95 -7.09
CA LEU A 35 8.24 -18.52 -7.03
C LEU A 35 9.72 -18.23 -7.27
N LYS A 36 10.61 -19.24 -7.16
CA LYS A 36 12.01 -19.09 -7.51
C LYS A 36 12.22 -18.84 -9.01
N ASP A 37 11.27 -19.21 -9.87
CA ASP A 37 11.37 -18.99 -11.31
C ASP A 37 11.41 -17.48 -11.62
N ARG A 38 12.30 -17.05 -12.52
CA ARG A 38 12.48 -15.64 -12.88
C ARG A 38 11.17 -15.00 -13.38
N ARG A 39 10.49 -15.64 -14.34
CA ARG A 39 9.27 -15.08 -14.91
C ARG A 39 8.22 -14.93 -13.81
N MET A 40 8.07 -15.96 -12.97
CA MET A 40 7.19 -15.89 -11.83
C MET A 40 7.61 -14.76 -10.89
N GLU A 41 8.90 -14.61 -10.60
CA GLU A 41 9.38 -13.50 -9.78
C GLU A 41 8.98 -12.16 -10.40
N ASN A 42 9.06 -12.05 -11.73
CA ASN A 42 8.59 -10.87 -12.44
C ASN A 42 7.10 -10.66 -12.23
N LEU A 43 6.32 -11.75 -12.26
CA LEU A 43 4.88 -11.69 -12.04
C LEU A 43 4.57 -11.26 -10.61
N VAL A 44 5.30 -11.80 -9.64
CA VAL A 44 5.26 -11.37 -8.25
C VAL A 44 5.54 -9.86 -8.17
N ALA A 45 6.62 -9.40 -8.82
CA ALA A 45 6.96 -7.99 -8.86
C ALA A 45 5.81 -7.15 -9.43
N TYR A 46 5.25 -7.58 -10.57
CA TYR A 46 4.06 -6.94 -11.14
C TYR A 46 2.94 -6.88 -10.10
N ALA A 47 2.63 -7.99 -9.46
CA ALA A 47 1.55 -8.07 -8.48
C ALA A 47 1.82 -7.12 -7.31
N LYS A 48 3.05 -7.09 -6.80
CA LYS A 48 3.46 -6.12 -5.79
C LYS A 48 3.20 -4.69 -6.29
N LYS A 49 3.67 -4.38 -7.49
CA LYS A 49 3.49 -3.07 -8.10
C LYS A 49 2.01 -2.69 -8.12
N VAL A 50 1.17 -3.55 -8.71
CA VAL A 50 -0.25 -3.29 -8.85
C VAL A 50 -0.91 -3.15 -7.47
N GLU A 51 -0.59 -4.02 -6.50
CA GLU A 51 -1.05 -3.84 -5.12
C GLU A 51 -0.66 -2.45 -4.60
N GLY A 52 0.59 -2.04 -4.82
CA GLY A 52 1.05 -0.69 -4.49
C GLY A 52 0.16 0.37 -5.14
N ASP A 53 -0.05 0.26 -6.47
CA ASP A 53 -0.90 1.18 -7.21
C ASP A 53 -2.27 1.30 -6.55
N MET A 54 -2.89 0.16 -6.25
CA MET A 54 -4.16 0.13 -5.58
C MET A 54 -4.09 0.80 -4.20
N TYR A 55 -3.06 0.49 -3.41
CA TYR A 55 -2.85 1.10 -2.10
C TYR A 55 -2.85 2.62 -2.23
N GLU A 56 -2.03 3.15 -3.15
CA GLU A 56 -1.93 4.58 -3.40
C GLU A 56 -3.28 5.15 -3.87
N SER A 57 -3.96 4.46 -4.77
CA SER A 57 -5.25 4.91 -5.30
C SER A 57 -6.34 4.95 -4.21
N ALA A 58 -6.37 3.92 -3.35
CA ALA A 58 -7.43 3.68 -2.41
C ALA A 58 -7.36 4.57 -1.18
N ASN A 59 -8.14 5.65 -1.12
CA ASN A 59 -8.28 6.44 0.10
C ASN A 59 -9.26 5.76 1.08
N SER A 60 -9.10 4.45 1.32
CA SER A 60 -9.86 3.64 2.26
C SER A 60 -9.46 2.17 2.09
N ARG A 61 -9.46 1.42 3.19
CA ARG A 61 -9.29 -0.04 3.15
C ARG A 61 -10.43 -0.68 2.37
N ASP A 62 -11.65 -0.18 2.57
CA ASP A 62 -12.81 -0.70 1.85
C ASP A 62 -12.61 -0.52 0.35
N GLU A 63 -12.14 0.66 -0.06
CA GLU A 63 -11.80 0.92 -1.45
C GLU A 63 -10.71 -0.04 -1.90
N TYR A 64 -9.61 -0.16 -1.13
CA TYR A 64 -8.51 -1.06 -1.41
C TYR A 64 -9.00 -2.48 -1.69
N TYR A 65 -9.85 -3.02 -0.81
CA TYR A 65 -10.51 -4.28 -1.07
C TYR A 65 -11.29 -4.23 -2.38
N HIS A 66 -12.18 -3.25 -2.54
CA HIS A 66 -13.03 -3.16 -3.73
C HIS A 66 -12.23 -3.17 -5.03
N LEU A 67 -11.33 -2.20 -5.25
CA LEU A 67 -10.61 -2.13 -6.51
C LEU A 67 -9.65 -3.31 -6.72
N LEU A 68 -9.07 -3.90 -5.66
CA LEU A 68 -8.31 -5.14 -5.82
C LEU A 68 -9.23 -6.28 -6.24
N ALA A 69 -10.38 -6.45 -5.57
CA ALA A 69 -11.35 -7.48 -5.91
C ALA A 69 -11.79 -7.32 -7.37
N GLU A 70 -12.10 -6.09 -7.78
CA GLU A 70 -12.43 -5.76 -9.17
C GLU A 70 -11.28 -6.16 -10.10
N LYS A 71 -10.04 -5.76 -9.78
CA LYS A 71 -8.87 -6.13 -10.56
C LYS A 71 -8.82 -7.65 -10.73
N ILE A 72 -8.94 -8.41 -9.63
CA ILE A 72 -9.02 -9.87 -9.68
C ILE A 72 -10.16 -10.34 -10.57
N TYR A 73 -11.35 -9.76 -10.43
CA TYR A 73 -12.52 -10.12 -11.23
C TYR A 73 -12.17 -10.00 -12.72
N LYS A 74 -11.73 -8.81 -13.14
CA LYS A 74 -11.30 -8.57 -14.50
C LYS A 74 -10.24 -9.58 -14.94
N ILE A 75 -9.15 -9.72 -14.16
CA ILE A 75 -8.11 -10.69 -14.43
C ILE A 75 -8.74 -12.04 -14.73
N GLN A 76 -9.44 -12.63 -13.76
CA GLN A 76 -10.00 -13.95 -13.90
C GLN A 76 -10.85 -14.05 -15.15
N LYS A 77 -11.70 -13.07 -15.44
CA LYS A 77 -12.51 -13.11 -16.65
C LYS A 77 -11.64 -13.09 -17.92
N GLU A 78 -10.80 -12.06 -18.06
CA GLU A 78 -9.89 -11.92 -19.21
C GLU A 78 -9.05 -13.19 -19.41
N LEU A 79 -8.44 -13.68 -18.33
CA LEU A 79 -7.60 -14.87 -18.34
C LEU A 79 -8.44 -16.10 -18.67
N GLU A 80 -9.57 -16.34 -17.99
CA GLU A 80 -10.45 -17.49 -18.21
C GLU A 80 -10.78 -17.67 -19.69
N GLU A 81 -11.10 -16.56 -20.39
CA GLU A 81 -11.29 -16.60 -21.83
C GLU A 81 -10.11 -17.27 -22.54
N LYS A 82 -8.88 -16.96 -22.15
CA LYS A 82 -7.67 -17.53 -22.72
C LYS A 82 -7.42 -18.95 -22.21
N ARG A 83 -7.69 -19.22 -20.93
CA ARG A 83 -7.60 -20.57 -20.38
C ARG A 83 -8.46 -21.51 -21.23
N ARG A 84 -9.67 -21.08 -21.58
CA ARG A 84 -10.55 -21.80 -22.50
C ARG A 84 -10.01 -21.79 -23.93
N SER A 85 -9.91 -20.60 -24.53
CA SER A 85 -9.59 -20.41 -25.93
C SER A 85 -8.08 -20.32 -26.13
N ARG A 86 -7.47 -21.39 -26.64
CA ARG A 86 -6.04 -21.42 -26.92
C ARG A 86 -5.67 -20.34 -27.93
N LEU A 87 -6.55 -20.11 -28.92
CA LEU A 87 -6.40 -19.04 -29.89
C LEU A 87 -6.75 -17.71 -29.22
N LYS B 1 -21.44 -18.77 -13.95
CA LYS B 1 -21.08 -17.35 -13.92
C LYS B 1 -21.36 -16.78 -12.52
N GLU B 2 -22.49 -16.09 -12.33
CA GLU B 2 -23.04 -15.54 -11.09
C GLU B 2 -22.32 -16.00 -9.81
N LYS B 3 -22.51 -17.26 -9.42
CA LYS B 3 -21.92 -17.84 -8.23
C LYS B 3 -20.39 -17.67 -8.19
N ARG B 4 -19.72 -18.04 -9.28
CA ARG B 4 -18.27 -17.89 -9.42
C ARG B 4 -17.91 -16.41 -9.35
N ILE B 5 -18.69 -15.55 -10.00
CA ILE B 5 -18.46 -14.11 -9.94
C ILE B 5 -18.50 -13.62 -8.48
N LYS B 6 -19.59 -13.92 -7.77
CA LYS B 6 -19.77 -13.43 -6.41
C LYS B 6 -18.71 -14.02 -5.49
N GLU B 7 -18.53 -15.34 -5.52
CA GLU B 7 -17.50 -16.00 -4.73
C GLU B 7 -16.13 -15.38 -5.00
N LEU B 8 -15.76 -15.16 -6.26
CA LEU B 8 -14.49 -14.53 -6.60
C LEU B 8 -14.41 -13.12 -5.99
N GLU B 9 -15.43 -12.29 -6.21
CA GLU B 9 -15.46 -10.94 -5.67
C GLU B 9 -15.25 -10.97 -4.16
N LEU B 10 -16.02 -11.82 -3.47
CA LEU B 10 -15.96 -12.03 -2.03
C LEU B 10 -14.58 -12.55 -1.59
N LEU B 11 -13.98 -13.46 -2.35
CA LEU B 11 -12.74 -14.14 -1.99
C LEU B 11 -11.64 -13.16 -1.58
N LEU B 12 -11.45 -12.08 -2.33
CA LEU B 12 -10.41 -11.11 -2.00
C LEU B 12 -10.73 -10.42 -0.68
N MET B 13 -11.96 -9.93 -0.52
CA MET B 13 -12.43 -9.31 0.71
C MET B 13 -12.20 -10.25 1.89
N SER B 14 -12.51 -11.53 1.69
CA SER B 14 -12.30 -12.61 2.65
C SER B 14 -10.83 -12.81 3.03
N THR B 15 -9.84 -12.17 2.39
CA THR B 15 -8.44 -12.38 2.77
C THR B 15 -8.23 -12.23 4.28
N GLU B 16 -8.76 -11.18 4.89
CA GLU B 16 -8.60 -11.00 6.33
C GLU B 16 -9.21 -12.18 7.11
N ASN B 17 -10.33 -12.70 6.62
CA ASN B 17 -10.94 -13.90 7.17
C ASN B 17 -10.00 -15.11 7.00
N GLU B 18 -9.38 -15.27 5.82
CA GLU B 18 -8.35 -16.31 5.63
C GLU B 18 -7.24 -16.15 6.67
N LEU B 19 -6.71 -14.94 6.85
CA LEU B 19 -5.69 -14.66 7.86
C LEU B 19 -6.18 -15.07 9.25
N LYS B 20 -7.33 -14.56 9.67
CA LYS B 20 -7.91 -14.84 10.98
C LYS B 20 -8.08 -16.35 11.18
N GLY B 21 -8.58 -17.07 10.17
CA GLY B 21 -8.73 -18.51 10.21
C GLY B 21 -7.37 -19.20 10.35
N GLN B 22 -6.42 -18.86 9.47
CA GLN B 22 -5.07 -19.40 9.46
C GLN B 22 -4.38 -19.19 10.81
N GLN B 23 -4.65 -18.06 11.47
CA GLN B 23 -4.22 -17.81 12.83
C GLN B 23 -4.96 -18.75 13.81
N ALA B 24 -6.28 -18.65 13.85
CA ALA B 24 -7.12 -19.31 14.85
C ALA B 24 -7.35 -20.79 14.52
N LEU B 25 -6.27 -21.56 14.43
CA LEU B 25 -6.34 -23.00 14.21
C LEU B 25 -6.94 -23.69 15.43
N GLY A 1 3.93 5.68 -9.88
CA GLY A 1 2.90 4.66 -10.15
C GLY A 1 2.51 3.92 -8.87
N VAL A 2 1.22 3.88 -8.53
CA VAL A 2 0.78 3.15 -7.34
C VAL A 2 1.03 1.64 -7.47
N ARG A 3 0.93 1.09 -8.68
CA ARG A 3 1.13 -0.33 -8.91
C ARG A 3 2.62 -0.62 -9.09
N LYS A 4 3.22 -1.33 -8.13
CA LYS A 4 4.64 -1.70 -8.12
C LYS A 4 4.83 -3.18 -7.77
N GLY A 5 3.76 -3.97 -7.72
CA GLY A 5 3.80 -5.33 -7.20
C GLY A 5 3.83 -5.31 -5.67
N TRP A 6 4.89 -4.71 -5.11
CA TRP A 6 5.09 -4.61 -3.67
C TRP A 6 4.02 -3.73 -3.01
N HIS A 7 3.54 -2.72 -3.74
CA HIS A 7 2.65 -1.65 -3.27
C HIS A 7 1.60 -2.17 -2.28
N GLU A 8 0.83 -3.18 -2.71
CA GLU A 8 -0.29 -3.73 -1.98
C GLU A 8 0.11 -4.34 -0.64
N HIS A 9 1.37 -4.79 -0.50
CA HIS A 9 1.88 -5.37 0.73
C HIS A 9 2.04 -4.30 1.80
N VAL A 10 2.11 -3.02 1.40
CA VAL A 10 2.23 -1.89 2.30
C VAL A 10 0.84 -1.23 2.40
N THR A 11 0.14 -1.48 3.51
CA THR A 11 -1.23 -1.03 3.70
C THR A 11 -1.31 0.49 3.82
N GLN A 12 -2.53 1.02 3.60
CA GLN A 12 -2.84 2.41 3.87
C GLN A 12 -2.45 2.76 5.32
N ASP A 13 -2.77 1.87 6.26
CA ASP A 13 -2.39 2.05 7.65
C ASP A 13 -0.87 2.14 7.79
N LEU A 14 -0.10 1.27 7.14
CA LEU A 14 1.35 1.38 7.17
C LEU A 14 1.80 2.72 6.56
N ARG A 15 1.24 3.12 5.42
CA ARG A 15 1.56 4.44 4.83
C ARG A 15 1.33 5.54 5.87
N SER A 16 0.17 5.52 6.53
CA SER A 16 -0.17 6.46 7.59
C SER A 16 0.85 6.43 8.74
N HIS A 17 1.21 5.22 9.19
CA HIS A 17 2.16 4.99 10.26
C HIS A 17 3.53 5.57 9.88
N LEU A 18 3.97 5.34 8.64
CA LEU A 18 5.21 5.88 8.13
C LEU A 18 5.14 7.41 8.07
N VAL A 19 4.06 7.98 7.53
CA VAL A 19 3.83 9.43 7.57
C VAL A 19 4.00 9.96 9.00
N HIS A 20 3.34 9.34 9.98
CA HIS A 20 3.54 9.68 11.39
C HIS A 20 5.02 9.62 11.75
N LYS A 21 5.71 8.51 11.47
CA LYS A 21 7.14 8.40 11.70
C LYS A 21 7.92 9.56 11.07
N LEU A 22 7.59 9.97 9.84
CA LEU A 22 8.24 11.12 9.22
C LEU A 22 8.05 12.34 10.11
N VAL A 23 6.80 12.64 10.48
CA VAL A 23 6.53 13.78 11.35
C VAL A 23 7.38 13.68 12.62
N GLN A 24 7.37 12.53 13.32
CA GLN A 24 8.16 12.35 14.53
C GLN A 24 9.66 12.55 14.27
N ALA A 25 10.18 11.94 13.20
CA ALA A 25 11.60 11.94 12.90
C ALA A 25 12.07 13.36 12.61
N ILE A 26 11.29 14.13 11.85
CA ILE A 26 11.54 15.55 11.67
C ILE A 26 11.44 16.25 13.04
N PHE A 27 10.23 16.20 13.61
CA PHE A 27 9.78 16.93 14.78
C PHE A 27 9.13 15.97 15.80
N PRO A 28 9.84 15.52 16.84
CA PRO A 28 9.28 14.58 17.79
C PRO A 28 8.17 15.25 18.61
N THR A 29 6.91 14.89 18.33
CA THR A 29 5.76 15.51 18.96
C THR A 29 5.71 15.15 20.45
N PRO A 30 5.40 16.11 21.35
CA PRO A 30 5.12 15.82 22.75
C PRO A 30 4.12 14.68 22.94
N ASP A 31 3.10 14.62 22.08
CA ASP A 31 2.10 13.57 22.08
C ASP A 31 1.59 13.41 20.64
N PRO A 32 1.40 12.19 20.11
CA PRO A 32 0.72 11.97 18.83
C PRO A 32 -0.57 12.80 18.68
N ALA A 33 -1.34 12.92 19.76
CA ALA A 33 -2.57 13.72 19.77
C ALA A 33 -2.33 15.17 19.32
N ALA A 34 -1.11 15.68 19.46
CA ALA A 34 -0.75 17.04 19.05
C ALA A 34 -0.71 17.19 17.52
N LEU A 35 -0.71 16.09 16.75
CA LEU A 35 -0.66 16.16 15.29
C LEU A 35 -1.77 17.04 14.71
N LYS A 36 -2.97 17.01 15.29
CA LYS A 36 -4.11 17.78 14.80
C LYS A 36 -4.03 19.25 15.21
N ASP A 37 -2.94 19.91 14.85
CA ASP A 37 -2.65 21.30 15.18
C ASP A 37 -2.31 22.08 13.91
N ARG A 38 -2.71 23.36 13.86
CA ARG A 38 -2.58 24.23 12.71
C ARG A 38 -1.15 24.23 12.13
N ARG A 39 -0.14 24.27 12.99
CA ARG A 39 1.25 24.20 12.54
C ARG A 39 1.53 22.79 12.03
N MET A 40 1.32 21.78 12.88
CA MET A 40 1.64 20.39 12.61
C MET A 40 1.06 19.91 11.29
N GLU A 41 -0.15 20.34 10.93
CA GLU A 41 -0.77 20.08 9.64
C GLU A 41 0.20 20.25 8.47
N ASN A 42 1.10 21.23 8.54
CA ASN A 42 2.10 21.46 7.51
C ASN A 42 3.08 20.28 7.44
N LEU A 43 3.60 19.85 8.58
CA LEU A 43 4.52 18.72 8.66
C LEU A 43 3.81 17.46 8.21
N VAL A 44 2.56 17.25 8.66
CA VAL A 44 1.72 16.15 8.22
C VAL A 44 1.60 16.17 6.69
N ALA A 45 1.22 17.32 6.11
CA ALA A 45 1.09 17.47 4.67
C ALA A 45 2.40 17.12 3.96
N TYR A 46 3.52 17.69 4.41
CA TYR A 46 4.83 17.38 3.85
C TYR A 46 5.09 15.88 3.90
N ALA A 47 4.91 15.26 5.07
CA ALA A 47 5.12 13.84 5.26
C ALA A 47 4.25 13.03 4.30
N LYS A 48 2.96 13.35 4.17
CA LYS A 48 2.08 12.70 3.21
C LYS A 48 2.65 12.83 1.79
N LYS A 49 2.96 14.06 1.37
CA LYS A 49 3.53 14.34 0.06
C LYS A 49 4.78 13.47 -0.19
N VAL A 50 5.75 13.53 0.73
CA VAL A 50 7.01 12.82 0.59
C VAL A 50 6.76 11.30 0.59
N GLU A 51 5.95 10.77 1.51
CA GLU A 51 5.63 9.35 1.53
C GLU A 51 5.01 8.93 0.20
N GLY A 52 4.03 9.70 -0.29
CA GLY A 52 3.44 9.49 -1.60
C GLY A 52 4.53 9.42 -2.67
N ASP A 53 5.35 10.46 -2.76
CA ASP A 53 6.46 10.53 -3.72
C ASP A 53 7.30 9.27 -3.68
N MET A 54 7.75 8.86 -2.49
CA MET A 54 8.54 7.65 -2.35
C MET A 54 7.75 6.41 -2.80
N TYR A 55 6.47 6.30 -2.43
CA TYR A 55 5.62 5.19 -2.84
C TYR A 55 5.59 5.09 -4.37
N GLU A 56 5.35 6.22 -5.05
CA GLU A 56 5.34 6.29 -6.51
C GLU A 56 6.72 5.99 -7.11
N SER A 57 7.80 6.39 -6.45
CA SER A 57 9.16 6.21 -6.98
C SER A 57 9.67 4.78 -6.80
N ALA A 58 9.50 4.22 -5.60
CA ALA A 58 10.11 2.98 -5.16
C ALA A 58 9.75 1.76 -6.02
N ASN A 59 10.76 1.17 -6.66
CA ASN A 59 10.65 -0.08 -7.40
C ASN A 59 10.49 -1.32 -6.51
N SER A 60 10.63 -1.18 -5.19
CA SER A 60 10.61 -2.29 -4.25
C SER A 60 10.26 -1.73 -2.88
N ARG A 61 9.65 -2.55 -2.03
CA ARG A 61 9.45 -2.24 -0.62
C ARG A 61 10.78 -1.91 0.05
N ASP A 62 11.82 -2.67 -0.28
CA ASP A 62 13.16 -2.41 0.21
C ASP A 62 13.60 -0.99 -0.16
N GLU A 63 13.42 -0.61 -1.43
CA GLU A 63 13.72 0.74 -1.89
C GLU A 63 12.89 1.74 -1.09
N TYR A 64 11.58 1.55 -1.03
CA TYR A 64 10.64 2.39 -0.29
C TYR A 64 11.16 2.67 1.13
N TYR A 65 11.52 1.63 1.88
CA TYR A 65 12.13 1.81 3.19
C TYR A 65 13.44 2.61 3.07
N HIS A 66 14.36 2.14 2.24
CA HIS A 66 15.68 2.75 2.08
C HIS A 66 15.58 4.25 1.80
N LEU A 67 14.98 4.65 0.68
CA LEU A 67 14.94 6.07 0.31
C LEU A 67 14.12 6.90 1.30
N LEU A 68 13.10 6.35 1.98
CA LEU A 68 12.45 7.08 3.06
C LEU A 68 13.44 7.34 4.20
N ALA A 69 14.07 6.29 4.72
CA ALA A 69 15.05 6.44 5.80
C ALA A 69 16.14 7.43 5.40
N GLU A 70 16.70 7.28 4.19
CA GLU A 70 17.70 8.20 3.65
C GLU A 70 17.16 9.63 3.60
N LYS A 71 15.93 9.83 3.11
CA LYS A 71 15.31 11.15 3.04
C LYS A 71 15.25 11.76 4.44
N ILE A 72 14.73 11.03 5.43
CA ILE A 72 14.71 11.47 6.82
C ILE A 72 16.12 11.89 7.25
N TYR A 73 17.08 10.98 7.06
CA TYR A 73 18.48 11.16 7.40
C TYR A 73 18.98 12.50 6.85
N LYS A 74 18.83 12.70 5.53
CA LYS A 74 19.22 13.93 4.86
C LYS A 74 18.52 15.15 5.46
N ILE A 75 17.19 15.13 5.59
CA ILE A 75 16.45 16.23 6.18
C ILE A 75 17.08 16.59 7.53
N GLN A 76 17.27 15.62 8.42
CA GLN A 76 17.91 15.89 9.70
C GLN A 76 19.29 16.53 9.51
N LYS A 77 20.20 15.84 8.80
CA LYS A 77 21.57 16.31 8.56
C LYS A 77 21.60 17.77 8.07
N GLU A 78 20.78 18.06 7.06
CA GLU A 78 20.77 19.35 6.38
C GLU A 78 20.05 20.41 7.22
N LEU A 79 18.80 20.12 7.59
CA LEU A 79 17.88 21.08 8.21
C LEU A 79 18.24 21.33 9.67
N GLU A 80 18.58 20.27 10.41
CA GLU A 80 19.01 20.35 11.80
C GLU A 80 20.50 20.02 11.83
N GLU A 81 21.29 21.04 11.44
CA GLU A 81 22.71 21.03 11.15
C GLU A 81 23.48 19.85 11.75
N LYS A 82 23.90 18.91 10.88
CA LYS A 82 24.68 17.70 11.09
C LYS A 82 25.72 17.65 12.23
N ARG A 83 26.18 18.78 12.77
CA ARG A 83 27.09 18.85 13.91
C ARG A 83 26.32 19.11 15.22
N ARG A 84 25.33 20.00 15.15
CA ARG A 84 24.51 20.43 16.28
C ARG A 84 23.39 19.43 16.55
N SER A 85 22.84 18.85 15.47
CA SER A 85 21.64 18.05 15.49
C SER A 85 20.51 18.70 16.30
N ARG A 86 20.15 18.12 17.44
CA ARG A 86 19.05 18.61 18.28
C ARG A 86 19.50 19.72 19.23
N LEU A 87 20.81 20.03 19.30
CA LEU A 87 21.29 21.10 20.17
C LEU A 87 20.73 22.45 19.71
N LYS B 1 26.23 11.59 17.90
CA LYS B 1 26.16 11.84 16.44
C LYS B 1 25.88 10.53 15.69
N GLU B 2 26.80 9.56 15.75
CA GLU B 2 26.52 8.23 15.19
C GLU B 2 25.25 7.65 15.80
N LYS B 3 25.06 7.92 17.10
CA LYS B 3 23.83 7.64 17.81
C LYS B 3 22.63 8.15 17.00
N ARG B 4 22.67 9.43 16.60
CA ARG B 4 21.63 10.11 15.82
C ARG B 4 21.36 9.29 14.57
N ILE B 5 22.41 9.04 13.79
CA ILE B 5 22.31 8.29 12.54
C ILE B 5 21.56 6.98 12.78
N LYS B 6 22.00 6.20 13.77
CA LYS B 6 21.39 4.91 14.05
C LYS B 6 19.95 5.06 14.52
N GLU B 7 19.69 5.78 15.62
CA GLU B 7 18.33 5.91 16.13
C GLU B 7 17.39 6.43 15.05
N LEU B 8 17.83 7.42 14.27
CA LEU B 8 17.07 8.02 13.20
C LEU B 8 16.75 6.99 12.11
N GLU B 9 17.77 6.25 11.64
CA GLU B 9 17.57 5.21 10.63
C GLU B 9 16.60 4.15 11.16
N LEU B 10 16.92 3.60 12.33
CA LEU B 10 16.18 2.52 12.97
C LEU B 10 14.73 2.92 13.25
N LEU B 11 14.49 4.17 13.66
CA LEU B 11 13.15 4.69 13.92
C LEU B 11 12.21 4.36 12.76
N LEU B 12 12.62 4.67 11.52
CA LEU B 12 11.79 4.39 10.36
C LEU B 12 11.71 2.88 10.14
N MET B 13 12.86 2.20 10.04
CA MET B 13 12.91 0.76 9.81
C MET B 13 11.97 -0.03 10.73
N SER B 14 11.94 0.34 12.02
CA SER B 14 11.17 -0.35 13.04
C SER B 14 9.66 -0.46 12.71
N THR B 15 9.15 0.44 11.87
CA THR B 15 7.72 0.52 11.59
C THR B 15 7.13 -0.83 11.21
N GLU B 16 7.86 -1.67 10.48
CA GLU B 16 7.32 -2.97 10.10
C GLU B 16 6.94 -3.80 11.33
N ASN B 17 7.87 -3.99 12.27
CA ASN B 17 7.57 -4.76 13.46
C ASN B 17 6.55 -4.02 14.31
N GLU B 18 6.70 -2.70 14.44
CA GLU B 18 5.81 -1.88 15.25
C GLU B 18 4.36 -2.04 14.77
N LEU B 19 4.17 -1.95 13.46
CA LEU B 19 2.91 -2.16 12.78
C LEU B 19 2.43 -3.58 13.05
N LYS B 20 3.23 -4.60 12.68
CA LYS B 20 2.84 -5.99 12.83
C LYS B 20 2.38 -6.28 14.26
N GLY B 21 3.02 -5.68 15.26
CA GLY B 21 2.54 -5.71 16.63
C GLY B 21 1.20 -4.99 16.77
N GLN B 22 1.23 -3.65 16.77
CA GLN B 22 0.10 -2.81 17.11
C GLN B 22 -1.15 -3.12 16.27
N GLN B 23 -0.97 -3.29 14.95
CA GLN B 23 -2.06 -3.53 14.02
C GLN B 23 -2.69 -4.92 14.21
N ALA B 24 -1.98 -5.85 14.86
CA ALA B 24 -2.50 -7.18 15.16
C ALA B 24 -3.09 -7.23 16.57
N LEU B 25 -2.40 -6.60 17.53
CA LEU B 25 -2.78 -6.61 18.95
C LEU B 25 -4.20 -6.07 19.14
N GLY A 1 -6.66 3.01 1.37
CA GLY A 1 -6.59 3.21 2.84
C GLY A 1 -5.26 3.83 3.27
N VAL A 2 -4.18 3.07 3.15
CA VAL A 2 -2.84 3.49 3.58
C VAL A 2 -2.22 4.45 2.56
N ARG A 3 -2.84 5.63 2.40
CA ARG A 3 -2.53 6.67 1.41
C ARG A 3 -1.07 6.69 0.96
N LYS A 4 -0.17 6.93 1.93
CA LYS A 4 1.24 7.18 1.69
C LYS A 4 2.10 6.02 2.24
N GLY A 5 1.51 4.83 2.41
CA GLY A 5 2.17 3.69 3.01
C GLY A 5 2.36 3.90 4.51
N TRP A 6 3.31 4.78 4.86
CA TRP A 6 3.65 5.13 6.23
C TRP A 6 2.42 5.55 7.03
N HIS A 7 1.38 6.03 6.33
CA HIS A 7 0.04 6.29 6.84
C HIS A 7 -0.35 5.25 7.90
N GLU A 8 -0.08 3.98 7.63
CA GLU A 8 -0.38 2.86 8.51
C GLU A 8 0.06 3.07 9.96
N HIS A 9 1.18 3.79 10.16
CA HIS A 9 1.77 4.04 11.46
C HIS A 9 1.00 5.09 12.26
N VAL A 10 0.16 5.89 11.61
CA VAL A 10 -0.46 7.07 12.22
C VAL A 10 -1.98 6.93 12.34
N THR A 11 -2.52 7.19 13.53
CA THR A 11 -3.95 7.17 13.80
C THR A 11 -4.59 8.53 13.52
N GLN A 12 -5.89 8.51 13.30
CA GLN A 12 -6.70 9.71 13.11
C GLN A 12 -6.54 10.61 14.32
N ASP A 13 -6.58 10.01 15.52
CA ASP A 13 -6.29 10.68 16.78
C ASP A 13 -4.93 11.36 16.72
N LEU A 14 -3.88 10.64 16.28
CA LEU A 14 -2.56 11.25 16.15
C LEU A 14 -2.59 12.42 15.17
N ARG A 15 -3.19 12.28 13.98
CA ARG A 15 -3.33 13.40 13.04
C ARG A 15 -3.99 14.60 13.73
N SER A 16 -5.11 14.36 14.40
CA SER A 16 -5.86 15.36 15.14
C SER A 16 -4.97 16.06 16.17
N HIS A 17 -4.28 15.27 17.00
CA HIS A 17 -3.42 15.77 18.06
C HIS A 17 -2.21 16.50 17.47
N LEU A 18 -1.72 16.09 16.29
CA LEU A 18 -0.63 16.79 15.61
C LEU A 18 -1.10 18.17 15.13
N VAL A 19 -2.24 18.24 14.43
CA VAL A 19 -2.88 19.52 14.10
C VAL A 19 -3.01 20.38 15.34
N HIS A 20 -3.57 19.81 16.41
CA HIS A 20 -3.60 20.45 17.72
C HIS A 20 -2.21 20.96 18.11
N LYS A 21 -1.16 20.12 18.04
CA LYS A 21 0.18 20.50 18.41
C LYS A 21 0.63 21.73 17.63
N LEU A 22 0.29 21.80 16.32
CA LEU A 22 0.57 22.99 15.52
C LEU A 22 -0.06 24.22 16.18
N VAL A 23 -1.39 24.19 16.39
CA VAL A 23 -2.10 25.31 17.00
C VAL A 23 -1.43 25.64 18.34
N GLN A 24 -1.48 24.69 19.26
CA GLN A 24 -0.90 24.68 20.60
C GLN A 24 0.48 25.34 20.63
N ALA A 25 1.39 24.95 19.74
CA ALA A 25 2.74 25.51 19.69
C ALA A 25 2.71 26.96 19.25
N ILE A 26 2.09 27.24 18.11
CA ILE A 26 2.05 28.58 17.53
C ILE A 26 1.35 29.55 18.48
N PHE A 27 0.28 29.08 19.11
CA PHE A 27 -0.68 29.83 19.89
C PHE A 27 -1.25 28.89 20.97
N PRO A 28 -0.84 28.99 22.24
CA PRO A 28 -1.26 28.03 23.25
C PRO A 28 -2.75 28.16 23.54
N THR A 29 -3.49 27.05 23.41
CA THR A 29 -4.93 26.99 23.58
C THR A 29 -5.29 27.20 25.05
N PRO A 30 -6.07 28.24 25.42
CA PRO A 30 -6.56 28.42 26.77
C PRO A 30 -7.33 27.20 27.28
N ASP A 31 -8.20 26.62 26.43
CA ASP A 31 -9.06 25.50 26.75
C ASP A 31 -9.54 24.91 25.42
N PRO A 32 -9.76 23.60 25.29
CA PRO A 32 -10.36 23.01 24.09
C PRO A 32 -11.58 23.79 23.58
N ALA A 33 -12.49 24.19 24.48
CA ALA A 33 -13.67 24.97 24.11
C ALA A 33 -13.30 26.25 23.36
N ALA A 34 -12.14 26.84 23.67
CA ALA A 34 -11.67 28.05 23.01
C ALA A 34 -11.55 27.86 21.50
N LEU A 35 -11.36 26.62 21.02
CA LEU A 35 -11.32 26.33 19.60
C LEU A 35 -12.61 26.75 18.87
N LYS A 36 -13.72 26.95 19.59
CA LYS A 36 -14.95 27.48 19.04
C LYS A 36 -14.81 28.93 18.55
N ASP A 37 -13.81 29.67 19.05
CA ASP A 37 -13.58 31.05 18.61
C ASP A 37 -13.24 31.10 17.12
N ARG A 38 -13.60 32.20 16.44
CA ARG A 38 -13.42 32.36 15.00
C ARG A 38 -11.94 32.33 14.61
N ARG A 39 -11.12 33.16 15.25
CA ARG A 39 -9.68 33.24 14.97
C ARG A 39 -9.05 31.86 15.23
N MET A 40 -9.41 31.23 16.35
CA MET A 40 -8.95 29.87 16.61
C MET A 40 -9.37 28.95 15.48
N GLU A 41 -10.65 28.90 15.10
CA GLU A 41 -11.13 28.03 14.04
C GLU A 41 -10.35 28.26 12.74
N ASN A 42 -10.05 29.52 12.42
CA ASN A 42 -9.19 29.83 11.27
C ASN A 42 -7.79 29.24 11.45
N LEU A 43 -7.19 29.40 12.63
CA LEU A 43 -5.85 28.87 12.90
C LEU A 43 -5.85 27.34 12.85
N VAL A 44 -6.91 26.71 13.36
CA VAL A 44 -7.16 25.28 13.27
C VAL A 44 -7.25 24.88 11.80
N ALA A 45 -8.03 25.61 10.99
CA ALA A 45 -8.14 25.35 9.56
C ALA A 45 -6.75 25.41 8.90
N TYR A 46 -5.98 26.46 9.20
CA TYR A 46 -4.61 26.57 8.72
C TYR A 46 -3.81 25.33 9.13
N ALA A 47 -3.84 24.97 10.42
CA ALA A 47 -3.14 23.80 10.93
C ALA A 47 -3.53 22.54 10.17
N LYS A 48 -4.82 22.29 9.97
CA LYS A 48 -5.31 21.17 9.17
C LYS A 48 -4.73 21.21 7.77
N LYS A 49 -4.86 22.35 7.08
CA LYS A 49 -4.35 22.54 5.73
C LYS A 49 -2.87 22.18 5.67
N VAL A 50 -2.06 22.83 6.50
CA VAL A 50 -0.63 22.64 6.51
C VAL A 50 -0.28 21.19 6.88
N GLU A 51 -0.94 20.59 7.88
CA GLU A 51 -0.72 19.20 8.21
C GLU A 51 -0.99 18.31 7.00
N GLY A 52 -2.12 18.52 6.32
CA GLY A 52 -2.45 17.83 5.07
C GLY A 52 -1.34 18.01 4.03
N ASP A 53 -0.91 19.25 3.80
CA ASP A 53 0.16 19.56 2.86
C ASP A 53 1.41 18.72 3.18
N MET A 54 1.85 18.75 4.44
CA MET A 54 2.99 17.96 4.87
C MET A 54 2.73 16.47 4.67
N TYR A 55 1.52 16.00 4.99
CA TYR A 55 1.15 14.61 4.79
C TYR A 55 1.39 14.19 3.34
N GLU A 56 0.87 14.98 2.40
CA GLU A 56 1.04 14.74 0.97
C GLU A 56 2.52 14.83 0.58
N SER A 57 3.26 15.79 1.13
CA SER A 57 4.66 15.97 0.80
C SER A 57 5.53 14.82 1.31
N ALA A 58 5.28 14.36 2.53
CA ALA A 58 6.12 13.43 3.26
C ALA A 58 6.01 12.01 2.71
N ASN A 59 7.12 11.44 2.27
CA ASN A 59 7.18 10.03 1.85
C ASN A 59 7.65 9.15 3.02
N SER A 60 7.48 9.60 4.26
CA SER A 60 7.76 8.83 5.46
C SER A 60 7.12 9.53 6.64
N ARG A 61 6.69 8.77 7.65
CA ARG A 61 6.26 9.27 8.94
C ARG A 61 7.35 10.17 9.52
N ASP A 62 8.60 9.70 9.46
CA ASP A 62 9.73 10.43 10.01
C ASP A 62 9.87 11.79 9.30
N GLU A 63 9.72 11.80 7.96
CA GLU A 63 9.71 13.03 7.20
C GLU A 63 8.56 13.92 7.69
N TYR A 64 7.34 13.39 7.71
CA TYR A 64 6.15 14.07 8.19
C TYR A 64 6.40 14.77 9.53
N TYR A 65 6.95 14.06 10.52
CA TYR A 65 7.39 14.69 11.75
C TYR A 65 8.39 15.81 11.49
N HIS A 66 9.50 15.48 10.81
CA HIS A 66 10.60 16.41 10.62
C HIS A 66 10.16 17.72 9.96
N LEU A 67 9.56 17.67 8.77
CA LEU A 67 9.18 18.89 8.08
C LEU A 67 8.06 19.65 8.82
N LEU A 68 7.19 18.97 9.59
CA LEU A 68 6.27 19.68 10.47
C LEU A 68 7.05 20.44 11.54
N ALA A 69 7.94 19.75 12.27
CA ALA A 69 8.75 20.39 13.29
C ALA A 69 9.50 21.60 12.72
N GLU A 70 10.15 21.41 11.56
CA GLU A 70 10.84 22.49 10.87
C GLU A 70 9.88 23.64 10.55
N LYS A 71 8.72 23.34 9.97
CA LYS A 71 7.71 24.33 9.65
C LYS A 71 7.34 25.13 10.91
N ILE A 72 7.02 24.45 12.01
CA ILE A 72 6.76 25.10 13.29
C ILE A 72 7.93 26.01 13.66
N TYR A 73 9.16 25.48 13.61
CA TYR A 73 10.37 26.22 13.94
C TYR A 73 10.38 27.54 13.17
N LYS A 74 10.27 27.46 11.84
CA LYS A 74 10.22 28.65 10.99
C LYS A 74 9.07 29.57 11.38
N ILE A 75 7.84 29.07 11.53
CA ILE A 75 6.70 29.87 11.98
C ILE A 75 7.09 30.63 13.23
N GLN A 76 7.58 29.96 14.26
CA GLN A 76 7.90 30.59 15.53
C GLN A 76 8.92 31.70 15.32
N LYS A 77 10.01 31.40 14.61
CA LYS A 77 11.05 32.37 14.29
C LYS A 77 10.48 33.59 13.56
N GLU A 78 9.81 33.38 12.44
CA GLU A 78 9.29 34.44 11.59
C GLU A 78 8.19 35.25 12.28
N LEU A 79 7.20 34.54 12.82
CA LEU A 79 5.94 35.07 13.35
C LEU A 79 6.09 35.65 14.76
N GLU A 80 7.24 35.45 15.42
CA GLU A 80 7.49 35.79 16.81
C GLU A 80 6.82 37.09 17.27
N GLU A 81 6.97 38.16 16.48
CA GLU A 81 6.35 39.45 16.77
C GLU A 81 4.84 39.31 17.05
N LYS A 82 4.13 38.57 16.20
CA LYS A 82 2.70 38.33 16.36
C LYS A 82 2.45 37.33 17.49
N ARG A 83 3.32 36.32 17.64
CA ARG A 83 3.23 35.43 18.79
C ARG A 83 3.30 36.20 20.11
N ARG A 84 4.05 37.29 20.17
CA ARG A 84 3.98 38.19 21.32
C ARG A 84 2.66 38.98 21.24
N SER A 85 2.46 39.70 20.14
CA SER A 85 1.31 40.57 19.92
C SER A 85 0.04 39.78 19.54
N ARG A 86 -0.41 38.86 20.42
CA ARG A 86 -1.62 38.10 20.17
C ARG A 86 -2.88 38.93 20.41
N LEU A 87 -3.19 39.83 19.48
CA LEU A 87 -4.46 40.55 19.42
C LEU A 87 -4.86 40.84 17.98
N LYS B 1 17.55 30.52 24.36
CA LYS B 1 17.61 30.36 22.90
C LYS B 1 17.75 28.88 22.53
N GLU B 2 18.94 28.31 22.70
CA GLU B 2 19.25 26.92 22.39
C GLU B 2 18.15 25.98 22.88
N LYS B 3 17.87 26.08 24.18
CA LYS B 3 16.86 25.26 24.84
C LYS B 3 15.47 25.49 24.24
N ARG B 4 15.17 26.73 23.86
CA ARG B 4 13.88 27.09 23.27
C ARG B 4 13.75 26.40 21.91
N ILE B 5 14.76 26.56 21.06
CA ILE B 5 14.83 25.89 19.77
C ILE B 5 14.65 24.38 19.98
N LYS B 6 15.43 23.79 20.89
CA LYS B 6 15.43 22.35 21.04
C LYS B 6 14.09 21.84 21.56
N GLU B 7 13.54 22.44 22.63
CA GLU B 7 12.24 22.00 23.14
C GLU B 7 11.18 22.17 22.05
N LEU B 8 11.20 23.29 21.32
CA LEU B 8 10.27 23.53 20.23
C LEU B 8 10.36 22.41 19.19
N GLU B 9 11.57 22.14 18.69
CA GLU B 9 11.81 21.11 17.70
C GLU B 9 11.32 19.75 18.22
N LEU B 10 11.70 19.41 19.46
CA LEU B 10 11.37 18.15 20.11
C LEU B 10 9.86 17.98 20.34
N LEU B 11 9.17 19.08 20.70
CA LEU B 11 7.76 19.05 21.06
C LEU B 11 6.94 18.29 20.02
N LEU B 12 7.06 18.68 18.75
CA LEU B 12 6.29 18.03 17.69
C LEU B 12 6.70 16.55 17.56
N MET B 13 8.00 16.30 17.40
CA MET B 13 8.58 14.95 17.33
C MET B 13 7.97 14.03 18.39
N SER B 14 7.89 14.51 19.64
CA SER B 14 7.46 13.71 20.79
C SER B 14 5.97 13.36 20.78
N THR B 15 5.16 13.93 19.88
CA THR B 15 3.71 13.82 19.94
C THR B 15 3.21 12.40 20.18
N GLU B 16 3.57 11.40 19.36
CA GLU B 16 3.06 10.04 19.59
C GLU B 16 3.39 9.52 20.99
N ASN B 17 4.62 9.79 21.45
CA ASN B 17 5.08 9.38 22.77
C ASN B 17 4.19 10.01 23.84
N GLU B 18 4.01 11.33 23.76
CA GLU B 18 3.12 12.08 24.64
C GLU B 18 1.71 11.49 24.59
N LEU B 19 1.19 11.28 23.38
CA LEU B 19 -0.14 10.77 23.09
C LEU B 19 -0.37 9.47 23.84
N LYS B 20 0.45 8.44 23.57
CA LYS B 20 0.29 7.18 24.29
C LYS B 20 0.51 7.39 25.79
N GLY B 21 1.48 8.23 26.15
CA GLY B 21 1.75 8.66 27.51
C GLY B 21 0.48 9.08 28.26
N GLN B 22 -0.48 9.72 27.58
CA GLN B 22 -1.72 10.16 28.21
C GLN B 22 -2.47 9.03 28.93
N GLN B 23 -2.21 7.77 28.60
CA GLN B 23 -2.82 6.65 29.32
C GLN B 23 -2.47 6.64 30.82
N ALA B 24 -1.34 7.26 31.20
CA ALA B 24 -0.81 7.19 32.56
C ALA B 24 -1.59 8.10 33.52
N LEU B 25 -2.88 7.82 33.72
CA LEU B 25 -3.68 8.50 34.74
C LEU B 25 -3.13 8.18 36.13
N GLY A 1 -4.23 2.01 -0.51
CA GLY A 1 -4.01 1.95 -1.96
C GLY A 1 -4.07 3.33 -2.62
N VAL A 2 -3.21 4.26 -2.18
CA VAL A 2 -3.12 5.59 -2.77
C VAL A 2 -2.15 5.58 -3.95
N ARG A 3 -2.26 6.59 -4.83
CA ARG A 3 -1.52 6.83 -6.07
C ARG A 3 -0.45 5.77 -6.42
N LYS A 4 0.84 6.01 -6.16
CA LYS A 4 1.91 5.09 -6.58
C LYS A 4 2.11 3.92 -5.61
N GLY A 5 1.20 3.70 -4.66
CA GLY A 5 1.38 2.72 -3.60
C GLY A 5 2.39 3.22 -2.59
N TRP A 6 3.67 3.29 -2.98
CA TRP A 6 4.77 3.67 -2.11
C TRP A 6 4.51 5.01 -1.40
N HIS A 7 3.85 5.93 -2.12
CA HIS A 7 3.34 7.20 -1.61
C HIS A 7 2.75 7.07 -0.21
N GLU A 8 2.03 5.98 0.07
CA GLU A 8 1.39 5.73 1.34
C GLU A 8 2.33 5.92 2.54
N HIS A 9 3.61 5.58 2.40
CA HIS A 9 4.60 5.74 3.46
C HIS A 9 5.53 6.93 3.23
N VAL A 10 5.19 7.86 2.33
CA VAL A 10 5.90 9.11 2.13
C VAL A 10 4.90 10.27 2.21
N THR A 11 4.70 10.75 3.44
CA THR A 11 3.68 11.71 3.82
C THR A 11 4.17 13.15 3.64
N GLN A 12 3.21 14.08 3.62
CA GLN A 12 3.40 15.52 3.47
C GLN A 12 4.59 16.04 4.30
N ASP A 13 4.71 15.61 5.56
CA ASP A 13 5.80 16.08 6.41
C ASP A 13 7.17 15.63 5.89
N LEU A 14 7.29 14.38 5.47
CA LEU A 14 8.52 13.88 4.88
C LEU A 14 8.79 14.64 3.58
N ARG A 15 7.76 14.80 2.74
CA ARG A 15 7.89 15.61 1.53
C ARG A 15 8.42 17.00 1.86
N SER A 16 7.86 17.65 2.88
CA SER A 16 8.30 18.95 3.36
C SER A 16 9.77 18.94 3.76
N HIS A 17 10.17 17.97 4.58
CA HIS A 17 11.56 17.88 5.03
C HIS A 17 12.49 17.62 3.84
N LEU A 18 12.06 16.81 2.86
CA LEU A 18 12.82 16.60 1.64
C LEU A 18 12.95 17.90 0.84
N VAL A 19 11.86 18.63 0.64
CA VAL A 19 11.90 19.98 0.04
C VAL A 19 12.92 20.84 0.80
N HIS A 20 12.86 20.85 2.12
CA HIS A 20 13.84 21.57 2.94
C HIS A 20 15.26 21.12 2.60
N LYS A 21 15.53 19.80 2.57
CA LYS A 21 16.84 19.30 2.15
C LYS A 21 17.22 19.83 0.76
N LEU A 22 16.30 19.84 -0.21
CA LEU A 22 16.57 20.44 -1.51
C LEU A 22 17.04 21.88 -1.32
N VAL A 23 16.25 22.70 -0.61
CA VAL A 23 16.62 24.09 -0.37
C VAL A 23 18.02 24.16 0.22
N GLN A 24 18.30 23.43 1.32
CA GLN A 24 19.62 23.45 1.95
C GLN A 24 20.72 23.07 0.96
N ALA A 25 20.56 21.94 0.27
CA ALA A 25 21.58 21.39 -0.60
C ALA A 25 21.89 22.35 -1.76
N ILE A 26 20.87 23.01 -2.30
CA ILE A 26 21.05 24.04 -3.31
C ILE A 26 21.63 25.32 -2.69
N PHE A 27 21.16 25.66 -1.49
CA PHE A 27 21.38 26.94 -0.82
C PHE A 27 21.25 26.78 0.70
N PRO A 28 22.34 26.67 1.47
CA PRO A 28 22.25 26.51 2.92
C PRO A 28 21.65 27.78 3.54
N THR A 29 20.51 27.68 4.21
CA THR A 29 19.75 28.83 4.66
C THR A 29 20.43 29.49 5.88
N PRO A 30 20.84 30.76 5.82
CA PRO A 30 21.37 31.48 6.97
C PRO A 30 20.46 31.40 8.21
N ASP A 31 19.14 31.52 8.02
CA ASP A 31 18.16 31.44 9.09
C ASP A 31 16.81 31.07 8.49
N PRO A 32 16.00 30.20 9.11
CA PRO A 32 14.63 29.95 8.68
C PRO A 32 13.84 31.22 8.33
N ALA A 33 13.96 32.28 9.15
CA ALA A 33 13.30 33.55 8.90
C ALA A 33 13.60 34.09 7.50
N ALA A 34 14.81 33.85 6.98
CA ALA A 34 15.23 34.31 5.67
C ALA A 34 14.29 33.85 4.56
N LEU A 35 13.58 32.73 4.78
CA LEU A 35 12.61 32.21 3.83
C LEU A 35 11.54 33.24 3.45
N LYS A 36 11.35 34.30 4.26
CA LYS A 36 10.44 35.39 3.92
C LYS A 36 10.84 36.10 2.61
N ASP A 37 12.12 36.11 2.25
CA ASP A 37 12.59 36.87 1.10
C ASP A 37 12.04 36.28 -0.20
N ARG A 38 11.58 37.13 -1.12
CA ARG A 38 11.02 36.73 -2.42
C ARG A 38 11.89 35.68 -3.13
N ARG A 39 13.21 35.89 -3.19
CA ARG A 39 14.12 34.94 -3.83
C ARG A 39 14.00 33.57 -3.15
N MET A 40 14.01 33.55 -1.82
CA MET A 40 13.86 32.30 -1.10
C MET A 40 12.48 31.70 -1.37
N GLU A 41 11.42 32.49 -1.28
CA GLU A 41 10.07 32.01 -1.58
C GLU A 41 10.03 31.35 -2.96
N ASN A 42 10.66 31.97 -3.96
CA ASN A 42 10.77 31.40 -5.29
C ASN A 42 11.56 30.09 -5.27
N LEU A 43 12.69 30.04 -4.56
CA LEU A 43 13.49 28.82 -4.48
C LEU A 43 12.71 27.70 -3.78
N VAL A 44 12.02 28.02 -2.70
CA VAL A 44 11.12 27.13 -1.98
C VAL A 44 10.07 26.60 -2.96
N ALA A 45 9.41 27.50 -3.70
CA ALA A 45 8.43 27.11 -4.70
C ALA A 45 9.04 26.14 -5.72
N TYR A 46 10.22 26.46 -6.26
CA TYR A 46 10.92 25.56 -7.16
C TYR A 46 11.14 24.20 -6.52
N ALA A 47 11.66 24.17 -5.28
CA ALA A 47 11.92 22.94 -4.56
C ALA A 47 10.63 22.12 -4.38
N LYS A 48 9.54 22.76 -3.97
CA LYS A 48 8.23 22.12 -3.88
C LYS A 48 7.83 21.53 -5.23
N LYS A 49 7.85 22.34 -6.29
CA LYS A 49 7.52 21.92 -7.64
C LYS A 49 8.34 20.69 -8.05
N VAL A 50 9.66 20.76 -7.90
CA VAL A 50 10.54 19.68 -8.32
C VAL A 50 10.29 18.43 -7.48
N GLU A 51 10.15 18.55 -6.15
CA GLU A 51 9.76 17.42 -5.32
C GLU A 51 8.45 16.82 -5.85
N GLY A 52 7.45 17.65 -6.16
CA GLY A 52 6.22 17.22 -6.77
C GLY A 52 6.49 16.39 -8.02
N ASP A 53 7.26 16.96 -8.96
CA ASP A 53 7.64 16.29 -10.19
C ASP A 53 8.22 14.91 -9.92
N MET A 54 9.18 14.82 -9.00
CA MET A 54 9.77 13.55 -8.62
C MET A 54 8.73 12.60 -8.02
N TYR A 55 7.91 13.09 -7.09
CA TYR A 55 6.86 12.31 -6.44
C TYR A 55 5.92 11.69 -7.48
N GLU A 56 5.54 12.47 -8.49
CA GLU A 56 4.73 12.01 -9.61
C GLU A 56 5.50 11.02 -10.48
N SER A 57 6.74 11.33 -10.83
CA SER A 57 7.51 10.53 -11.78
C SER A 57 7.90 9.16 -11.22
N ALA A 58 8.30 9.12 -9.94
CA ALA A 58 8.91 7.97 -9.33
C ALA A 58 7.97 6.75 -9.21
N ASN A 59 8.32 5.70 -9.96
CA ASN A 59 7.69 4.38 -9.88
C ASN A 59 7.76 3.76 -8.47
N SER A 60 8.81 4.07 -7.70
CA SER A 60 9.07 3.45 -6.40
C SER A 60 9.66 4.48 -5.45
N ARG A 61 9.63 4.18 -4.14
CA ARG A 61 10.34 4.95 -3.13
C ARG A 61 11.84 5.00 -3.48
N ASP A 62 12.39 3.85 -3.86
CA ASP A 62 13.77 3.72 -4.34
C ASP A 62 14.03 4.74 -5.44
N GLU A 63 13.22 4.72 -6.50
CA GLU A 63 13.32 5.68 -7.60
C GLU A 63 13.26 7.10 -7.05
N TYR A 64 12.25 7.41 -6.25
CA TYR A 64 12.03 8.73 -5.66
C TYR A 64 13.28 9.26 -4.96
N TYR A 65 13.86 8.45 -4.07
CA TYR A 65 15.12 8.83 -3.43
C TYR A 65 16.21 9.01 -4.49
N HIS A 66 16.36 8.05 -5.40
CA HIS A 66 17.40 8.10 -6.43
C HIS A 66 17.32 9.40 -7.24
N LEU A 67 16.22 9.66 -7.96
CA LEU A 67 16.16 10.83 -8.82
C LEU A 67 16.19 12.15 -8.03
N LEU A 68 15.68 12.21 -6.80
CA LEU A 68 15.88 13.41 -5.98
C LEU A 68 17.35 13.61 -5.65
N ALA A 69 18.00 12.60 -5.08
CA ALA A 69 19.41 12.69 -4.73
C ALA A 69 20.23 13.02 -5.99
N GLU A 70 19.94 12.38 -7.12
CA GLU A 70 20.58 12.65 -8.39
C GLU A 70 20.37 14.10 -8.82
N LYS A 71 19.14 14.61 -8.73
CA LYS A 71 18.85 16.01 -9.05
C LYS A 71 19.77 16.92 -8.24
N ILE A 72 19.82 16.73 -6.92
CA ILE A 72 20.72 17.48 -6.04
C ILE A 72 22.17 17.35 -6.55
N TYR A 73 22.62 16.10 -6.70
CA TYR A 73 23.97 15.74 -7.14
C TYR A 73 24.34 16.54 -8.37
N LYS A 74 23.50 16.49 -9.41
CA LYS A 74 23.69 17.25 -10.62
C LYS A 74 23.83 18.74 -10.32
N ILE A 75 22.87 19.35 -9.61
CA ILE A 75 22.95 20.77 -9.27
C ILE A 75 24.32 21.07 -8.65
N GLN A 76 24.66 20.41 -7.55
CA GLN A 76 25.95 20.60 -6.89
C GLN A 76 27.11 20.46 -7.88
N LYS A 77 27.22 19.29 -8.52
CA LYS A 77 28.32 18.93 -9.40
C LYS A 77 28.50 19.95 -10.53
N GLU A 78 27.41 20.27 -11.21
CA GLU A 78 27.40 21.25 -12.29
C GLU A 78 27.78 22.65 -11.77
N LEU A 79 27.09 23.09 -10.73
CA LEU A 79 27.15 24.46 -10.24
C LEU A 79 28.51 24.78 -9.59
N GLU A 80 29.02 23.88 -8.75
CA GLU A 80 30.26 24.08 -8.00
C GLU A 80 31.44 24.42 -8.92
N GLU A 81 31.49 23.82 -10.11
CA GLU A 81 32.50 24.14 -11.12
C GLU A 81 32.54 25.65 -11.35
N LYS A 82 31.38 26.29 -11.44
CA LYS A 82 31.27 27.72 -11.70
C LYS A 82 31.70 28.55 -10.50
N ARG A 83 31.83 27.93 -9.32
CA ARG A 83 32.44 28.57 -8.16
C ARG A 83 33.97 28.42 -8.28
N ARG A 84 34.44 27.19 -8.44
CA ARG A 84 35.87 26.89 -8.38
C ARG A 84 36.67 27.47 -9.54
N SER A 85 36.12 27.46 -10.76
CA SER A 85 36.88 27.77 -11.98
C SER A 85 37.22 29.25 -12.19
N ARG A 86 37.63 29.97 -11.14
CA ARG A 86 38.12 31.34 -11.24
C ARG A 86 39.59 31.31 -11.65
N LEU A 87 39.84 30.89 -12.89
CA LEU A 87 41.17 30.73 -13.46
C LEU A 87 41.10 31.08 -14.94
N LYS B 1 35.52 17.89 -3.99
CA LYS B 1 35.23 17.29 -5.31
C LYS B 1 34.71 15.87 -5.20
N GLU B 2 35.42 15.01 -4.44
CA GLU B 2 35.14 13.59 -4.34
C GLU B 2 34.19 13.28 -3.18
N LYS B 3 34.70 13.36 -1.94
CA LYS B 3 33.99 12.93 -0.75
C LYS B 3 32.60 13.56 -0.67
N ARG B 4 32.50 14.82 -1.13
CA ARG B 4 31.26 15.57 -1.23
C ARG B 4 30.12 14.74 -1.82
N ILE B 5 30.42 13.92 -2.83
CA ILE B 5 29.46 13.10 -3.54
C ILE B 5 28.67 12.24 -2.54
N LYS B 6 29.38 11.50 -1.70
CA LYS B 6 28.76 10.49 -0.87
C LYS B 6 27.96 11.16 0.23
N GLU B 7 28.56 12.12 0.94
CA GLU B 7 27.85 12.88 1.96
C GLU B 7 26.63 13.58 1.37
N LEU B 8 26.74 14.11 0.15
CA LEU B 8 25.63 14.76 -0.55
C LEU B 8 24.49 13.77 -0.78
N GLU B 9 24.78 12.59 -1.36
CA GLU B 9 23.76 11.56 -1.53
C GLU B 9 23.12 11.23 -0.17
N LEU B 10 23.97 10.87 0.80
CA LEU B 10 23.55 10.45 2.12
C LEU B 10 22.68 11.51 2.82
N LEU B 11 23.05 12.79 2.71
CA LEU B 11 22.32 13.90 3.33
C LEU B 11 20.83 13.80 2.99
N LEU B 12 20.51 13.68 1.71
CA LEU B 12 19.12 13.55 1.27
C LEU B 12 18.59 12.19 1.76
N MET B 13 19.28 11.10 1.41
CA MET B 13 18.81 9.75 1.70
C MET B 13 18.45 9.56 3.18
N SER B 14 19.19 10.19 4.09
CA SER B 14 18.98 10.03 5.53
C SER B 14 17.68 10.65 6.05
N THR B 15 16.97 11.49 5.29
CA THR B 15 15.78 12.17 5.80
C THR B 15 14.79 11.17 6.44
N GLU B 16 14.51 10.07 5.73
CA GLU B 16 13.65 9.02 6.24
C GLU B 16 14.24 8.38 7.49
N ASN B 17 15.55 8.12 7.51
CA ASN B 17 16.23 7.58 8.68
C ASN B 17 16.00 8.49 9.89
N GLU B 18 16.15 9.80 9.71
CA GLU B 18 15.86 10.76 10.76
C GLU B 18 14.41 10.60 11.22
N LEU B 19 13.44 10.74 10.31
CA LEU B 19 12.03 10.69 10.67
C LEU B 19 11.63 9.36 11.34
N LYS B 20 12.18 8.24 10.91
CA LYS B 20 11.81 6.91 11.40
C LYS B 20 12.44 6.61 12.77
N GLY B 21 12.15 7.46 13.76
CA GLY B 21 12.46 7.24 15.17
C GLY B 21 13.61 8.10 15.68
N GLN B 22 14.67 8.25 14.87
CA GLN B 22 15.92 8.85 15.30
C GLN B 22 15.73 10.31 15.71
N GLN B 23 14.89 11.06 14.97
CA GLN B 23 14.54 12.43 15.31
C GLN B 23 13.65 12.44 16.55
N ALA B 24 14.25 12.30 17.73
CA ALA B 24 13.58 12.50 19.00
C ALA B 24 12.90 13.88 19.02
N LEU B 25 11.76 13.97 19.70
CA LEU B 25 10.98 15.20 19.76
C LEU B 25 11.57 16.15 20.81
N GLY A 1 0.38 5.70 -3.68
CA GLY A 1 1.06 4.55 -3.04
C GLY A 1 0.83 3.27 -3.82
N VAL A 2 -0.31 2.62 -3.60
CA VAL A 2 -0.66 1.38 -4.27
C VAL A 2 -0.83 1.62 -5.78
N ARG A 3 0.17 1.25 -6.58
CA ARG A 3 0.13 1.44 -8.03
C ARG A 3 -0.94 0.53 -8.65
N LYS A 4 -1.14 -0.65 -8.07
CA LYS A 4 -2.15 -1.62 -8.46
C LYS A 4 -2.86 -2.08 -7.19
N GLY A 5 -4.12 -2.51 -7.28
CA GLY A 5 -4.85 -3.04 -6.12
C GLY A 5 -4.02 -4.07 -5.36
N TRP A 6 -3.50 -5.06 -6.10
CA TRP A 6 -2.69 -6.14 -5.55
C TRP A 6 -1.40 -5.65 -4.88
N HIS A 7 -0.94 -4.43 -5.19
CA HIS A 7 0.26 -3.83 -4.58
C HIS A 7 0.15 -3.78 -3.06
N GLU A 8 -1.08 -3.60 -2.55
CA GLU A 8 -1.43 -3.72 -1.16
C GLU A 8 -0.69 -4.88 -0.46
N HIS A 9 -0.51 -6.00 -1.17
CA HIS A 9 0.01 -7.23 -0.60
C HIS A 9 1.45 -7.56 -1.00
N VAL A 10 2.15 -6.65 -1.71
CA VAL A 10 3.50 -6.91 -2.23
C VAL A 10 4.46 -5.82 -1.76
N THR A 11 5.41 -6.17 -0.89
CA THR A 11 6.33 -5.22 -0.28
C THR A 11 7.46 -4.83 -1.22
N GLN A 12 8.13 -3.73 -0.86
CA GLN A 12 9.37 -3.33 -1.51
C GLN A 12 10.41 -4.41 -1.33
N ASP A 13 10.54 -4.97 -0.12
CA ASP A 13 11.42 -6.09 0.15
C ASP A 13 11.15 -7.23 -0.83
N LEU A 14 9.87 -7.62 -0.98
CA LEU A 14 9.50 -8.65 -1.94
C LEU A 14 9.95 -8.28 -3.36
N ARG A 15 9.60 -7.08 -3.85
CA ARG A 15 10.10 -6.63 -5.16
C ARG A 15 11.62 -6.75 -5.26
N SER A 16 12.33 -6.27 -4.24
CA SER A 16 13.79 -6.25 -4.20
C SER A 16 14.35 -7.68 -4.27
N HIS A 17 13.79 -8.60 -3.49
CA HIS A 17 14.23 -10.00 -3.52
C HIS A 17 13.84 -10.65 -4.85
N LEU A 18 12.71 -10.27 -5.45
CA LEU A 18 12.37 -10.75 -6.78
C LEU A 18 13.40 -10.28 -7.80
N VAL A 19 13.77 -9.00 -7.78
CA VAL A 19 14.89 -8.48 -8.55
C VAL A 19 16.14 -9.34 -8.27
N HIS A 20 16.44 -9.64 -7.01
CA HIS A 20 17.53 -10.55 -6.67
C HIS A 20 17.40 -11.89 -7.40
N LYS A 21 16.22 -12.52 -7.37
CA LYS A 21 15.97 -13.76 -8.12
C LYS A 21 16.26 -13.56 -9.60
N LEU A 22 15.80 -12.46 -10.22
CA LEU A 22 16.15 -12.19 -11.60
C LEU A 22 17.67 -12.20 -11.77
N VAL A 23 18.38 -11.44 -10.94
CA VAL A 23 19.84 -11.41 -10.99
C VAL A 23 20.38 -12.84 -10.90
N GLN A 24 19.96 -13.66 -9.93
CA GLN A 24 20.46 -15.03 -9.79
C GLN A 24 20.17 -15.85 -11.04
N ALA A 25 18.93 -15.79 -11.54
CA ALA A 25 18.47 -16.61 -12.65
C ALA A 25 19.24 -16.28 -13.93
N ILE A 26 19.57 -15.00 -14.13
CA ILE A 26 20.39 -14.55 -15.24
C ILE A 26 21.88 -14.79 -14.95
N PHE A 27 22.29 -14.60 -13.71
CA PHE A 27 23.68 -14.54 -13.26
C PHE A 27 23.78 -14.89 -11.76
N PRO A 28 23.98 -16.16 -11.40
CA PRO A 28 24.17 -16.58 -10.01
C PRO A 28 25.27 -15.74 -9.35
N THR A 29 24.91 -14.95 -8.34
CA THR A 29 25.79 -13.97 -7.74
C THR A 29 26.68 -14.65 -6.70
N PRO A 30 28.00 -14.44 -6.71
CA PRO A 30 28.92 -15.11 -5.81
C PRO A 30 28.72 -14.66 -4.35
N ASP A 31 28.51 -13.37 -4.11
CA ASP A 31 28.32 -12.81 -2.77
C ASP A 31 27.54 -11.51 -2.90
N PRO A 32 26.58 -11.20 -2.00
CA PRO A 32 25.90 -9.92 -1.96
C PRO A 32 26.83 -8.71 -2.17
N ALA A 33 27.99 -8.68 -1.50
CA ALA A 33 28.95 -7.59 -1.64
C ALA A 33 29.36 -7.36 -3.10
N ALA A 34 29.38 -8.43 -3.91
CA ALA A 34 29.73 -8.34 -5.32
C ALA A 34 28.81 -7.40 -6.08
N LEU A 35 27.57 -7.18 -5.59
CA LEU A 35 26.63 -6.25 -6.20
C LEU A 35 27.20 -4.83 -6.32
N LYS A 36 28.23 -4.49 -5.52
CA LYS A 36 28.90 -3.19 -5.63
C LYS A 36 29.67 -3.03 -6.95
N ASP A 37 29.99 -4.12 -7.66
CA ASP A 37 30.69 -4.06 -8.94
C ASP A 37 29.84 -3.35 -10.00
N ARG A 38 30.48 -2.68 -10.96
CA ARG A 38 29.79 -1.87 -11.96
C ARG A 38 28.95 -2.73 -12.91
N ARG A 39 29.52 -3.83 -13.41
CA ARG A 39 28.83 -4.74 -14.32
C ARG A 39 27.62 -5.36 -13.61
N MET A 40 27.83 -5.84 -12.37
CA MET A 40 26.74 -6.28 -11.53
C MET A 40 25.69 -5.17 -11.40
N GLU A 41 26.08 -3.97 -11.01
CA GLU A 41 25.18 -2.84 -10.83
C GLU A 41 24.34 -2.60 -12.11
N ASN A 42 24.96 -2.71 -13.28
CA ASN A 42 24.23 -2.63 -14.53
C ASN A 42 23.18 -3.74 -14.63
N LEU A 43 23.54 -4.99 -14.32
CA LEU A 43 22.58 -6.09 -14.37
C LEU A 43 21.45 -5.88 -13.36
N VAL A 44 21.80 -5.45 -12.14
CA VAL A 44 20.86 -5.07 -11.10
C VAL A 44 19.90 -4.02 -11.65
N ALA A 45 20.43 -2.96 -12.27
CA ALA A 45 19.60 -1.92 -12.88
C ALA A 45 18.64 -2.52 -13.92
N TYR A 46 19.15 -3.36 -14.82
CA TYR A 46 18.29 -4.05 -15.79
C TYR A 46 17.19 -4.82 -15.07
N ALA A 47 17.55 -5.62 -14.06
CA ALA A 47 16.61 -6.42 -13.30
C ALA A 47 15.54 -5.54 -12.65
N LYS A 48 15.94 -4.44 -12.01
CA LYS A 48 15.02 -3.46 -11.46
C LYS A 48 14.06 -2.96 -12.54
N LYS A 49 14.62 -2.49 -13.66
CA LYS A 49 13.85 -1.97 -14.79
C LYS A 49 12.80 -3.00 -15.22
N VAL A 50 13.25 -4.21 -15.54
CA VAL A 50 12.38 -5.27 -16.03
C VAL A 50 11.32 -5.61 -14.99
N GLU A 51 11.69 -5.78 -13.71
CA GLU A 51 10.72 -6.00 -12.65
C GLU A 51 9.68 -4.87 -12.63
N GLY A 52 10.12 -3.61 -12.73
CA GLY A 52 9.23 -2.47 -12.87
C GLY A 52 8.26 -2.65 -14.04
N ASP A 53 8.80 -2.92 -15.24
CA ASP A 53 7.99 -3.16 -16.43
C ASP A 53 6.92 -4.22 -16.18
N MET A 54 7.34 -5.35 -15.60
CA MET A 54 6.41 -6.41 -15.25
C MET A 54 5.37 -5.93 -14.25
N TYR A 55 5.79 -5.17 -13.23
CA TYR A 55 4.88 -4.62 -12.23
C TYR A 55 3.78 -3.80 -12.92
N GLU A 56 4.18 -2.88 -13.81
CA GLU A 56 3.25 -2.03 -14.54
C GLU A 56 2.37 -2.86 -15.49
N SER A 57 2.92 -3.91 -16.11
CA SER A 57 2.14 -4.79 -16.97
C SER A 57 1.11 -5.62 -16.16
N ALA A 58 1.54 -6.10 -15.00
CA ALA A 58 0.81 -7.07 -14.20
C ALA A 58 -0.48 -6.52 -13.61
N ASN A 59 -1.60 -6.88 -14.22
CA ASN A 59 -2.93 -6.50 -13.75
C ASN A 59 -3.27 -7.21 -12.44
N SER A 60 -2.64 -8.36 -12.16
CA SER A 60 -2.80 -9.08 -10.90
C SER A 60 -1.47 -9.73 -10.51
N ARG A 61 -1.43 -10.19 -9.26
CA ARG A 61 -0.28 -10.84 -8.64
C ARG A 61 0.06 -12.13 -9.38
N ASP A 62 -0.96 -12.95 -9.67
CA ASP A 62 -0.82 -14.14 -10.49
C ASP A 62 -0.05 -13.83 -11.78
N GLU A 63 -0.50 -12.83 -12.54
CA GLU A 63 0.20 -12.37 -13.73
C GLU A 63 1.64 -11.97 -13.37
N TYR A 64 1.82 -11.10 -12.37
CA TYR A 64 3.14 -10.65 -11.93
C TYR A 64 4.12 -11.82 -11.78
N TYR A 65 3.73 -12.87 -11.05
CA TYR A 65 4.56 -14.05 -10.93
C TYR A 65 4.74 -14.73 -12.29
N HIS A 66 3.64 -14.98 -13.01
CA HIS A 66 3.68 -15.67 -14.28
C HIS A 66 4.66 -15.01 -15.26
N LEU A 67 4.45 -13.74 -15.63
CA LEU A 67 5.29 -13.12 -16.65
C LEU A 67 6.75 -12.96 -16.20
N LEU A 68 7.03 -12.76 -14.90
CA LEU A 68 8.41 -12.77 -14.42
C LEU A 68 9.04 -14.15 -14.60
N ALA A 69 8.37 -15.20 -14.10
CA ALA A 69 8.86 -16.56 -14.26
C ALA A 69 9.05 -16.89 -15.74
N GLU A 70 8.08 -16.54 -16.58
CA GLU A 70 8.15 -16.73 -18.02
C GLU A 70 9.37 -16.01 -18.58
N LYS A 71 9.59 -14.73 -18.22
CA LYS A 71 10.75 -13.96 -18.63
C LYS A 71 12.04 -14.73 -18.31
N ILE A 72 12.21 -15.18 -17.07
CA ILE A 72 13.35 -16.01 -16.69
C ILE A 72 13.47 -17.23 -17.60
N TYR A 73 12.38 -17.97 -17.73
CA TYR A 73 12.31 -19.22 -18.48
C TYR A 73 12.82 -18.96 -19.91
N LYS A 74 12.26 -17.95 -20.57
CA LYS A 74 12.69 -17.52 -21.89
C LYS A 74 14.17 -17.16 -21.91
N ILE A 75 14.66 -16.33 -20.98
CA ILE A 75 16.08 -16.02 -20.89
C ILE A 75 16.88 -17.31 -20.92
N GLN A 76 16.66 -18.22 -19.97
CA GLN A 76 17.39 -19.48 -19.93
C GLN A 76 17.30 -20.21 -21.28
N LYS A 77 16.08 -20.47 -21.77
CA LYS A 77 15.85 -21.19 -23.01
C LYS A 77 16.58 -20.59 -24.21
N GLU A 78 16.46 -19.27 -24.39
CA GLU A 78 17.07 -18.55 -25.49
C GLU A 78 18.59 -18.51 -25.34
N LEU A 79 19.06 -18.22 -24.13
CA LEU A 79 20.46 -17.94 -23.83
C LEU A 79 21.29 -19.22 -23.86
N GLU A 80 20.75 -20.33 -23.33
CA GLU A 80 21.37 -21.63 -23.42
C GLU A 80 21.29 -22.17 -24.84
N GLU A 81 22.06 -21.57 -25.76
CA GLU A 81 22.03 -21.85 -27.20
C GLU A 81 22.04 -23.35 -27.52
N LYS A 82 22.75 -24.13 -26.70
CA LYS A 82 22.80 -25.58 -26.77
C LYS A 82 21.39 -26.17 -26.93
N ARG A 83 20.44 -25.71 -26.12
CA ARG A 83 19.03 -26.13 -26.20
C ARG A 83 18.53 -25.98 -27.64
N ARG A 84 18.61 -24.76 -28.16
CA ARG A 84 18.13 -24.46 -29.50
C ARG A 84 18.87 -25.25 -30.57
N SER A 85 20.18 -25.46 -30.40
CA SER A 85 20.95 -26.27 -31.34
C SER A 85 20.42 -27.72 -31.35
N ARG A 86 20.22 -28.30 -30.17
CA ARG A 86 19.65 -29.63 -30.01
C ARG A 86 18.13 -29.54 -30.15
N LEU A 87 17.68 -29.06 -31.31
CA LEU A 87 16.31 -28.68 -31.61
C LEU A 87 15.26 -29.70 -31.17
N LYS B 1 15.54 -29.54 -18.70
CA LYS B 1 14.37 -30.31 -19.14
C LYS B 1 13.26 -30.27 -18.10
N GLU B 2 12.08 -30.81 -18.44
CA GLU B 2 10.84 -30.85 -17.65
C GLU B 2 10.95 -30.43 -16.17
N LYS B 3 11.57 -31.28 -15.36
CA LYS B 3 11.70 -31.04 -13.92
C LYS B 3 12.46 -29.73 -13.66
N ARG B 4 13.59 -29.54 -14.35
CA ARG B 4 14.37 -28.31 -14.28
C ARG B 4 13.52 -27.12 -14.72
N ILE B 5 12.77 -27.27 -15.81
CA ILE B 5 11.84 -26.24 -16.26
C ILE B 5 10.90 -25.85 -15.13
N LYS B 6 10.28 -26.84 -14.48
CA LYS B 6 9.34 -26.57 -13.40
C LYS B 6 10.05 -25.89 -12.23
N GLU B 7 11.22 -26.39 -11.81
CA GLU B 7 12.00 -25.77 -10.76
C GLU B 7 12.33 -24.31 -11.11
N LEU B 8 12.83 -24.05 -12.31
CA LEU B 8 13.17 -22.72 -12.79
C LEU B 8 11.95 -21.81 -12.74
N GLU B 9 10.82 -22.27 -13.30
CA GLU B 9 9.56 -21.54 -13.29
C GLU B 9 9.17 -21.21 -11.83
N LEU B 10 9.22 -22.23 -10.96
CA LEU B 10 8.85 -22.13 -9.55
C LEU B 10 9.75 -21.17 -8.77
N LEU B 11 11.06 -21.20 -9.02
CA LEU B 11 12.08 -20.46 -8.29
C LEU B 11 11.65 -19.01 -8.03
N LEU B 12 11.19 -18.32 -9.07
CA LEU B 12 10.76 -16.94 -8.96
C LEU B 12 9.63 -16.79 -7.93
N MET B 13 8.70 -17.74 -7.92
CA MET B 13 7.56 -17.74 -7.02
C MET B 13 7.98 -18.11 -5.60
N SER B 14 8.91 -19.06 -5.45
CA SER B 14 9.34 -19.59 -4.16
C SER B 14 9.76 -18.47 -3.19
N THR B 15 10.24 -17.34 -3.72
CA THR B 15 10.49 -16.11 -2.98
C THR B 15 9.41 -15.85 -1.94
N GLU B 16 8.13 -15.98 -2.32
CA GLU B 16 7.00 -15.71 -1.45
C GLU B 16 7.02 -16.58 -0.20
N ASN B 17 7.54 -17.80 -0.29
CA ASN B 17 7.67 -18.72 0.83
C ASN B 17 8.90 -18.36 1.66
N GLU B 18 10.03 -18.06 1.00
CA GLU B 18 11.22 -17.58 1.70
C GLU B 18 10.89 -16.34 2.54
N LEU B 19 10.12 -15.43 1.96
CA LEU B 19 9.62 -14.19 2.57
C LEU B 19 8.22 -14.39 3.18
N LYS B 20 7.85 -15.64 3.46
CA LYS B 20 6.55 -16.16 3.86
C LYS B 20 5.40 -15.14 3.87
N GLY B 21 5.00 -14.70 2.68
CA GLY B 21 3.94 -13.74 2.43
C GLY B 21 2.87 -14.33 1.50
N GLN B 22 2.04 -15.22 2.04
CA GLN B 22 1.02 -15.97 1.28
C GLN B 22 -0.31 -15.20 1.20
N GLN B 23 -0.40 -13.98 1.72
CA GLN B 23 -1.63 -13.18 1.60
C GLN B 23 -1.78 -12.66 0.16
N ALA B 24 -2.18 -13.55 -0.75
CA ALA B 24 -2.30 -13.27 -2.18
C ALA B 24 -2.85 -11.88 -2.48
N LEU B 25 -4.11 -11.63 -2.08
CA LEU B 25 -4.86 -10.41 -2.36
C LEU B 25 -5.79 -10.14 -1.19
N GLY A 1 2.32 -2.87 7.17
CA GLY A 1 1.75 -4.11 6.60
C GLY A 1 2.26 -4.37 5.18
N VAL A 2 1.76 -3.60 4.22
CA VAL A 2 2.10 -3.72 2.80
C VAL A 2 3.48 -3.12 2.52
N ARG A 3 4.52 -3.75 3.07
CA ARG A 3 5.88 -3.23 3.06
C ARG A 3 6.46 -3.02 1.66
N LYS A 4 6.05 -3.84 0.69
CA LYS A 4 6.46 -3.72 -0.70
C LYS A 4 5.27 -3.26 -1.55
N GLY A 5 5.50 -2.45 -2.57
CA GLY A 5 4.47 -2.08 -3.54
C GLY A 5 3.77 -3.31 -4.11
N TRP A 6 4.56 -4.35 -4.40
CA TRP A 6 4.07 -5.61 -4.95
C TRP A 6 3.37 -6.49 -3.91
N HIS A 7 3.46 -6.15 -2.61
CA HIS A 7 2.82 -6.92 -1.54
C HIS A 7 1.36 -7.17 -1.87
N GLU A 8 0.66 -6.13 -2.32
CA GLU A 8 -0.75 -6.19 -2.69
C GLU A 8 -1.06 -7.33 -3.66
N HIS A 9 -0.08 -7.70 -4.51
CA HIS A 9 -0.24 -8.78 -5.47
C HIS A 9 -0.07 -10.13 -4.79
N VAL A 10 0.93 -10.25 -3.90
CA VAL A 10 1.23 -11.49 -3.19
C VAL A 10 0.60 -11.46 -1.79
N THR A 11 -0.64 -11.93 -1.72
CA THR A 11 -1.41 -12.05 -0.50
C THR A 11 -0.74 -12.94 0.53
N GLN A 12 -1.24 -12.86 1.76
CA GLN A 12 -0.85 -13.71 2.87
C GLN A 12 -1.08 -15.18 2.52
N ASP A 13 -2.26 -15.50 2.01
CA ASP A 13 -2.58 -16.81 1.48
C ASP A 13 -1.61 -17.24 0.38
N LEU A 14 -1.29 -16.38 -0.60
CA LEU A 14 -0.34 -16.77 -1.63
C LEU A 14 1.03 -17.06 -1.01
N ARG A 15 1.58 -16.18 -0.15
CA ARG A 15 2.86 -16.50 0.46
C ARG A 15 2.80 -17.78 1.30
N SER A 16 1.67 -18.05 1.97
CA SER A 16 1.46 -19.33 2.64
C SER A 16 1.57 -20.50 1.65
N HIS A 17 0.89 -20.40 0.50
CA HIS A 17 0.93 -21.42 -0.54
C HIS A 17 2.36 -21.58 -1.08
N LEU A 18 3.09 -20.48 -1.26
CA LEU A 18 4.48 -20.53 -1.67
C LEU A 18 5.35 -21.21 -0.61
N VAL A 19 5.21 -20.85 0.67
CA VAL A 19 5.83 -21.59 1.78
C VAL A 19 5.56 -23.09 1.63
N HIS A 20 4.28 -23.48 1.46
CA HIS A 20 3.92 -24.86 1.19
C HIS A 20 4.74 -25.42 0.01
N LYS A 21 4.76 -24.75 -1.15
CA LYS A 21 5.58 -25.17 -2.28
C LYS A 21 7.03 -25.40 -1.86
N LEU A 22 7.63 -24.51 -1.06
CA LEU A 22 8.99 -24.72 -0.59
C LEU A 22 9.08 -26.07 0.12
N VAL A 23 8.22 -26.30 1.12
CA VAL A 23 8.21 -27.56 1.83
C VAL A 23 8.11 -28.72 0.84
N GLN A 24 7.13 -28.71 -0.07
CA GLN A 24 6.97 -29.78 -1.06
C GLN A 24 8.26 -30.00 -1.86
N ALA A 25 8.83 -28.92 -2.39
CA ALA A 25 10.00 -28.97 -3.26
C ALA A 25 11.23 -29.51 -2.52
N ILE A 26 11.39 -29.14 -1.25
CA ILE A 26 12.43 -29.67 -0.39
C ILE A 26 12.15 -31.13 -0.03
N PHE A 27 10.89 -31.46 0.30
CA PHE A 27 10.48 -32.74 0.86
C PHE A 27 8.95 -32.86 0.78
N PRO A 28 8.40 -33.57 -0.21
CA PRO A 28 6.96 -33.76 -0.38
C PRO A 28 6.28 -34.23 0.91
N THR A 29 5.22 -33.54 1.35
CA THR A 29 4.55 -33.84 2.60
C THR A 29 3.83 -35.20 2.49
N PRO A 30 4.14 -36.19 3.35
CA PRO A 30 3.42 -37.46 3.38
C PRO A 30 1.90 -37.28 3.47
N ASP A 31 1.43 -36.34 4.31
CA ASP A 31 0.02 -36.05 4.48
C ASP A 31 -0.08 -34.67 5.14
N PRO A 32 -1.07 -33.81 4.83
CA PRO A 32 -1.30 -32.56 5.53
C PRO A 32 -1.21 -32.70 7.05
N ALA A 33 -1.82 -33.74 7.64
CA ALA A 33 -1.76 -34.00 9.07
C ALA A 33 -0.32 -34.04 9.59
N ALA A 34 0.61 -34.55 8.77
CA ALA A 34 2.02 -34.67 9.13
C ALA A 34 2.59 -33.32 9.56
N LEU A 35 2.07 -32.21 9.03
CA LEU A 35 2.51 -30.86 9.37
C LEU A 35 2.48 -30.61 10.88
N LYS A 36 1.66 -31.36 11.64
CA LYS A 36 1.58 -31.21 13.08
C LYS A 36 2.82 -31.73 13.81
N ASP A 37 3.68 -32.54 13.16
CA ASP A 37 4.81 -33.20 13.80
C ASP A 37 6.09 -32.40 13.64
N ARG A 38 6.90 -32.34 14.71
CA ARG A 38 8.25 -31.79 14.79
C ARG A 38 9.01 -31.89 13.47
N ARG A 39 9.08 -33.12 12.93
CA ARG A 39 9.82 -33.45 11.72
C ARG A 39 9.42 -32.57 10.55
N MET A 40 8.11 -32.30 10.39
CA MET A 40 7.63 -31.37 9.39
C MET A 40 7.77 -29.93 9.86
N GLU A 41 7.36 -29.64 11.10
CA GLU A 41 7.36 -28.30 11.66
C GLU A 41 8.69 -27.58 11.43
N ASN A 42 9.81 -28.30 11.53
CA ASN A 42 11.12 -27.74 11.19
C ASN A 42 11.17 -27.20 9.77
N LEU A 43 10.68 -27.98 8.78
CA LEU A 43 10.70 -27.54 7.39
C LEU A 43 9.69 -26.42 7.19
N VAL A 44 8.51 -26.52 7.80
CA VAL A 44 7.51 -25.46 7.75
C VAL A 44 8.15 -24.16 8.25
N ALA A 45 8.79 -24.20 9.42
CA ALA A 45 9.47 -23.06 10.02
C ALA A 45 10.54 -22.51 9.10
N TYR A 46 11.47 -23.37 8.64
CA TYR A 46 12.52 -22.97 7.70
C TYR A 46 11.91 -22.30 6.48
N ALA A 47 10.90 -22.92 5.87
CA ALA A 47 10.24 -22.39 4.70
C ALA A 47 9.63 -21.00 4.98
N LYS A 48 8.91 -20.85 6.10
CA LYS A 48 8.40 -19.56 6.54
C LYS A 48 9.54 -18.53 6.63
N LYS A 49 10.60 -18.86 7.37
CA LYS A 49 11.76 -18.00 7.53
C LYS A 49 12.32 -17.57 6.17
N VAL A 50 12.65 -18.55 5.32
CA VAL A 50 13.30 -18.28 4.04
C VAL A 50 12.38 -17.50 3.10
N GLU A 51 11.09 -17.89 3.01
CA GLU A 51 10.11 -17.14 2.25
C GLU A 51 10.04 -15.71 2.76
N GLY A 52 9.98 -15.53 4.08
CA GLY A 52 10.06 -14.22 4.73
C GLY A 52 11.25 -13.44 4.20
N ASP A 53 12.46 -13.99 4.34
CA ASP A 53 13.69 -13.38 3.86
C ASP A 53 13.54 -12.91 2.41
N MET A 54 13.09 -13.79 1.52
CA MET A 54 12.88 -13.43 0.13
C MET A 54 11.85 -12.31 -0.02
N TYR A 55 10.73 -12.39 0.70
CA TYR A 55 9.68 -11.37 0.63
C TYR A 55 10.26 -10.00 0.99
N GLU A 56 11.04 -9.94 2.06
CA GLU A 56 11.67 -8.70 2.51
C GLU A 56 12.75 -8.24 1.53
N SER A 57 13.52 -9.16 0.95
CA SER A 57 14.61 -8.82 0.03
C SER A 57 14.08 -8.35 -1.33
N ALA A 58 13.12 -9.09 -1.89
CA ALA A 58 12.64 -8.94 -3.25
C ALA A 58 11.98 -7.59 -3.46
N ASN A 59 12.56 -6.75 -4.32
CA ASN A 59 12.00 -5.45 -4.68
C ASN A 59 11.04 -5.58 -5.87
N SER A 60 10.52 -6.78 -6.15
CA SER A 60 9.50 -7.05 -7.15
C SER A 60 8.97 -8.46 -6.93
N ARG A 61 7.70 -8.68 -7.29
CA ARG A 61 7.11 -10.01 -7.34
C ARG A 61 7.93 -10.92 -8.27
N ASP A 62 8.37 -10.38 -9.40
CA ASP A 62 9.20 -11.11 -10.36
C ASP A 62 10.47 -11.62 -9.65
N GLU A 63 11.16 -10.72 -8.94
CA GLU A 63 12.33 -11.08 -8.17
C GLU A 63 11.96 -12.16 -7.17
N TYR A 64 10.94 -11.91 -6.35
CA TYR A 64 10.44 -12.83 -5.34
C TYR A 64 10.24 -14.25 -5.91
N TYR A 65 9.52 -14.39 -7.01
CA TYR A 65 9.39 -15.68 -7.68
C TYR A 65 10.76 -16.23 -8.09
N HIS A 66 11.54 -15.43 -8.83
CA HIS A 66 12.86 -15.84 -9.32
C HIS A 66 13.75 -16.38 -8.20
N LEU A 67 14.11 -15.55 -7.22
CA LEU A 67 15.07 -15.96 -6.20
C LEU A 67 14.51 -17.09 -5.31
N LEU A 68 13.18 -17.22 -5.15
CA LEU A 68 12.64 -18.40 -4.48
C LEU A 68 12.90 -19.66 -5.32
N ALA A 69 12.52 -19.65 -6.60
CA ALA A 69 12.77 -20.78 -7.48
C ALA A 69 14.27 -21.12 -7.48
N GLU A 70 15.12 -20.10 -7.60
CA GLU A 70 16.56 -20.27 -7.55
C GLU A 70 17.00 -20.86 -6.21
N LYS A 71 16.44 -20.39 -5.09
CA LYS A 71 16.74 -20.94 -3.77
C LYS A 71 16.41 -22.43 -3.73
N ILE A 72 15.18 -22.81 -4.11
CA ILE A 72 14.79 -24.22 -4.20
C ILE A 72 15.83 -24.99 -5.03
N TYR A 73 16.07 -24.50 -6.25
CA TYR A 73 17.00 -25.10 -7.19
C TYR A 73 18.34 -25.35 -6.52
N LYS A 74 18.90 -24.31 -5.90
CA LYS A 74 20.15 -24.39 -5.17
C LYS A 74 20.08 -25.43 -4.07
N ILE A 75 19.06 -25.41 -3.19
CA ILE A 75 18.92 -26.45 -2.16
C ILE A 75 19.03 -27.83 -2.81
N GLN A 76 18.16 -28.13 -3.78
CA GLN A 76 18.19 -29.42 -4.47
C GLN A 76 19.60 -29.74 -4.99
N LYS A 77 20.14 -28.86 -5.85
CA LYS A 77 21.42 -29.05 -6.50
C LYS A 77 22.56 -29.23 -5.49
N GLU A 78 22.73 -28.29 -4.58
CA GLU A 78 23.77 -28.30 -3.57
C GLU A 78 23.65 -29.55 -2.69
N LEU A 79 22.46 -29.80 -2.17
CA LEU A 79 22.21 -30.87 -1.21
C LEU A 79 22.44 -32.24 -1.87
N GLU A 80 22.03 -32.38 -3.14
CA GLU A 80 22.32 -33.54 -3.96
C GLU A 80 23.83 -33.66 -4.20
N GLU A 81 24.42 -32.65 -4.85
CA GLU A 81 25.79 -32.69 -5.35
C GLU A 81 26.80 -32.40 -4.24
N LYS A 82 26.81 -33.28 -3.23
CA LYS A 82 27.80 -33.30 -2.17
C LYS A 82 29.22 -33.30 -2.76
N ARG A 83 29.39 -33.98 -3.90
CA ARG A 83 30.58 -33.94 -4.74
C ARG A 83 31.18 -32.53 -4.82
N ARG A 84 30.32 -31.52 -5.06
CA ARG A 84 30.73 -30.13 -5.10
C ARG A 84 30.70 -29.55 -3.69
N SER A 85 29.53 -29.58 -3.07
CA SER A 85 29.26 -28.87 -1.82
C SER A 85 30.20 -29.23 -0.67
N ARG A 86 30.78 -30.43 -0.67
CA ARG A 86 31.68 -30.91 0.37
C ARG A 86 33.14 -30.88 -0.09
N LEU A 87 33.43 -30.34 -1.28
CA LEU A 87 34.79 -30.34 -1.83
C LEU A 87 35.74 -29.53 -0.95
N LYS B 1 17.85 -35.31 -15.30
CA LYS B 1 18.44 -34.05 -14.82
C LYS B 1 17.63 -32.86 -15.35
N GLU B 2 17.84 -32.48 -16.61
CA GLU B 2 17.15 -31.37 -17.28
C GLU B 2 15.66 -31.29 -16.94
N LYS B 3 14.94 -32.41 -17.08
CA LYS B 3 13.52 -32.47 -16.81
C LYS B 3 13.23 -32.15 -15.35
N ARG B 4 14.06 -32.69 -14.44
CA ARG B 4 13.92 -32.43 -13.01
C ARG B 4 14.16 -30.95 -12.75
N ILE B 5 15.20 -30.38 -13.36
CA ILE B 5 15.49 -28.95 -13.28
C ILE B 5 14.25 -28.14 -13.69
N LYS B 6 13.69 -28.44 -14.86
CA LYS B 6 12.54 -27.69 -15.36
C LYS B 6 11.32 -27.88 -14.47
N GLU B 7 10.94 -29.13 -14.15
CA GLU B 7 9.84 -29.41 -13.25
C GLU B 7 10.00 -28.65 -11.93
N LEU B 8 11.18 -28.77 -11.31
CA LEU B 8 11.52 -28.11 -10.06
C LEU B 8 11.33 -26.59 -10.18
N GLU B 9 11.93 -25.98 -11.20
CA GLU B 9 11.84 -24.54 -11.40
C GLU B 9 10.38 -24.13 -11.61
N LEU B 10 9.70 -24.83 -12.52
CA LEU B 10 8.36 -24.53 -12.98
C LEU B 10 7.33 -24.71 -11.86
N LEU B 11 7.50 -25.71 -11.00
CA LEU B 11 6.62 -26.00 -9.89
C LEU B 11 6.35 -24.73 -9.08
N LEU B 12 7.41 -24.05 -8.65
CA LEU B 12 7.27 -22.83 -7.85
C LEU B 12 6.60 -21.75 -8.70
N MET B 13 7.13 -21.48 -9.91
CA MET B 13 6.57 -20.50 -10.83
C MET B 13 5.05 -20.68 -11.00
N SER B 14 4.60 -21.93 -11.09
CA SER B 14 3.21 -22.25 -11.36
C SER B 14 2.23 -21.74 -10.30
N THR B 15 2.64 -21.55 -9.04
CA THR B 15 1.72 -21.27 -7.94
C THR B 15 0.61 -20.28 -8.28
N GLU B 16 0.98 -19.11 -8.82
CA GLU B 16 0.02 -18.08 -9.21
C GLU B 16 -1.02 -18.60 -10.22
N ASN B 17 -0.60 -19.48 -11.13
CA ASN B 17 -1.47 -20.05 -12.16
C ASN B 17 -2.30 -21.17 -11.56
N GLU B 18 -1.71 -21.99 -10.69
CA GLU B 18 -2.45 -22.98 -9.89
C GLU B 18 -3.58 -22.27 -9.14
N LEU B 19 -3.30 -21.10 -8.56
CA LEU B 19 -4.32 -20.22 -7.98
C LEU B 19 -5.47 -19.94 -8.96
N LYS B 20 -5.17 -19.74 -10.25
CA LYS B 20 -6.19 -19.57 -11.29
C LYS B 20 -6.69 -20.93 -11.82
N GLY B 21 -6.53 -22.02 -11.04
CA GLY B 21 -6.96 -23.35 -11.40
C GLY B 21 -6.16 -23.95 -12.57
N GLN B 22 -4.94 -23.47 -12.81
CA GLN B 22 -4.17 -23.79 -14.01
C GLN B 22 -2.73 -24.16 -13.63
N GLN B 23 -2.52 -25.34 -13.03
CA GLN B 23 -1.19 -25.87 -12.76
C GLN B 23 -0.55 -26.45 -14.04
N ALA B 24 -0.65 -25.72 -15.15
CA ALA B 24 -0.07 -26.12 -16.43
C ALA B 24 1.37 -25.62 -16.55
N LEU B 25 1.61 -24.40 -16.08
CA LEU B 25 2.90 -23.73 -16.14
C LEU B 25 2.95 -22.60 -15.11
N GLY A 1 1.92 -2.00 -6.87
CA GLY A 1 1.38 -3.22 -6.22
C GLY A 1 0.59 -2.89 -4.95
N VAL A 2 -0.51 -2.15 -5.12
CA VAL A 2 -1.33 -1.69 -4.00
C VAL A 2 -2.18 -2.85 -3.47
N ARG A 3 -1.53 -3.81 -2.81
CA ARG A 3 -2.16 -5.01 -2.29
C ARG A 3 -2.93 -4.69 -1.01
N LYS A 4 -4.26 -4.84 -1.05
CA LYS A 4 -5.16 -4.61 0.08
C LYS A 4 -6.08 -5.82 0.28
N GLY A 5 -5.80 -6.94 -0.40
CA GLY A 5 -6.70 -8.08 -0.47
C GLY A 5 -7.86 -7.74 -1.40
N TRP A 6 -8.70 -6.80 -0.96
CA TRP A 6 -9.88 -6.36 -1.69
C TRP A 6 -9.51 -5.52 -2.93
N HIS A 7 -8.29 -4.98 -2.99
CA HIS A 7 -7.79 -4.20 -4.12
C HIS A 7 -8.14 -4.89 -5.44
N GLU A 8 -7.92 -6.20 -5.49
CA GLU A 8 -8.27 -7.13 -6.54
C GLU A 8 -9.64 -6.83 -7.17
N HIS A 9 -10.61 -6.51 -6.33
CA HIS A 9 -12.02 -6.39 -6.68
C HIS A 9 -12.36 -4.96 -7.15
N VAL A 10 -11.41 -4.03 -7.11
CA VAL A 10 -11.62 -2.64 -7.47
C VAL A 10 -10.46 -2.16 -8.35
N THR A 11 -10.62 -2.34 -9.66
CA THR A 11 -9.65 -2.00 -10.68
C THR A 11 -9.79 -0.54 -11.10
N GLN A 12 -8.85 -0.09 -11.96
CA GLN A 12 -8.83 1.25 -12.53
C GLN A 12 -10.20 1.65 -13.08
N ASP A 13 -10.90 0.71 -13.72
CA ASP A 13 -12.21 0.96 -14.31
C ASP A 13 -13.17 1.46 -13.23
N LEU A 14 -13.34 0.67 -12.17
CA LEU A 14 -14.22 1.04 -11.07
C LEU A 14 -13.68 2.28 -10.36
N ARG A 15 -12.38 2.40 -10.15
CA ARG A 15 -11.81 3.62 -9.56
C ARG A 15 -12.24 4.86 -10.37
N SER A 16 -12.07 4.82 -11.69
CA SER A 16 -12.49 5.91 -12.58
C SER A 16 -13.99 6.17 -12.43
N HIS A 17 -14.80 5.12 -12.54
CA HIS A 17 -16.25 5.19 -12.41
C HIS A 17 -16.63 5.87 -11.07
N LEU A 18 -15.97 5.48 -9.98
CA LEU A 18 -16.17 6.09 -8.67
C LEU A 18 -15.74 7.55 -8.66
N VAL A 19 -14.56 7.90 -9.18
CA VAL A 19 -14.12 9.28 -9.29
C VAL A 19 -15.18 10.11 -10.03
N HIS A 20 -15.67 9.64 -11.17
CA HIS A 20 -16.78 10.28 -11.88
C HIS A 20 -17.95 10.48 -10.91
N LYS A 21 -18.38 9.43 -10.21
CA LYS A 21 -19.45 9.56 -9.20
C LYS A 21 -19.12 10.55 -8.10
N LEU A 22 -17.87 10.67 -7.64
CA LEU A 22 -17.48 11.74 -6.73
C LEU A 22 -17.81 13.08 -7.37
N VAL A 23 -17.31 13.31 -8.59
CA VAL A 23 -17.60 14.55 -9.29
C VAL A 23 -19.11 14.77 -9.36
N GLN A 24 -19.90 13.79 -9.81
CA GLN A 24 -21.34 13.95 -9.93
C GLN A 24 -22.00 14.27 -8.59
N ALA A 25 -21.69 13.50 -7.55
CA ALA A 25 -22.35 13.63 -6.26
C ALA A 25 -22.02 14.96 -5.59
N ILE A 26 -20.76 15.41 -5.71
CA ILE A 26 -20.37 16.73 -5.26
C ILE A 26 -21.01 17.80 -6.16
N PHE A 27 -20.92 17.59 -7.48
CA PHE A 27 -21.23 18.54 -8.54
C PHE A 27 -21.85 17.81 -9.74
N PRO A 28 -23.19 17.70 -9.84
CA PRO A 28 -23.81 17.02 -10.96
C PRO A 28 -23.54 17.80 -12.25
N THR A 29 -22.77 17.24 -13.19
CA THR A 29 -22.27 17.98 -14.34
C THR A 29 -23.36 18.11 -15.41
N PRO A 30 -23.77 19.33 -15.79
CA PRO A 30 -24.71 19.55 -16.89
C PRO A 30 -24.31 18.82 -18.17
N ASP A 31 -23.01 18.81 -18.50
CA ASP A 31 -22.47 18.11 -19.67
C ASP A 31 -21.10 17.57 -19.31
N PRO A 32 -20.78 16.29 -19.57
CA PRO A 32 -19.45 15.74 -19.44
C PRO A 32 -18.35 16.65 -20.02
N ALA A 33 -18.58 17.26 -21.18
CA ALA A 33 -17.61 18.16 -21.79
C ALA A 33 -17.16 19.26 -20.82
N ALA A 34 -18.05 19.72 -19.94
CA ALA A 34 -17.77 20.75 -18.96
C ALA A 34 -16.58 20.38 -18.07
N LEU A 35 -16.25 19.09 -17.94
CA LEU A 35 -15.08 18.63 -17.20
C LEU A 35 -13.80 19.34 -17.62
N LYS A 36 -13.72 19.86 -18.86
CA LYS A 36 -12.53 20.59 -19.32
C LYS A 36 -12.28 21.88 -18.52
N ASP A 37 -13.29 22.48 -17.90
CA ASP A 37 -13.15 23.76 -17.23
C ASP A 37 -12.20 23.65 -16.04
N ARG A 38 -11.31 24.62 -15.85
CA ARG A 38 -10.32 24.67 -14.77
C ARG A 38 -10.89 24.23 -13.41
N ARG A 39 -12.05 24.77 -13.02
CA ARG A 39 -12.67 24.43 -11.75
C ARG A 39 -13.00 22.94 -11.70
N MET A 40 -13.56 22.41 -12.78
CA MET A 40 -13.85 21.00 -12.88
C MET A 40 -12.57 20.20 -12.86
N GLU A 41 -11.55 20.58 -13.62
CA GLU A 41 -10.25 19.90 -13.60
C GLU A 41 -9.71 19.82 -12.17
N ASN A 42 -9.80 20.92 -11.43
CA ASN A 42 -9.42 20.95 -10.02
C ASN A 42 -10.24 19.94 -9.22
N LEU A 43 -11.55 19.94 -9.41
CA LEU A 43 -12.45 19.05 -8.68
C LEU A 43 -12.17 17.58 -9.02
N VAL A 44 -11.89 17.29 -10.30
CA VAL A 44 -11.51 15.99 -10.82
C VAL A 44 -10.21 15.56 -10.12
N ALA A 45 -9.19 16.42 -10.12
CA ALA A 45 -7.95 16.16 -9.42
C ALA A 45 -8.20 15.83 -7.94
N TYR A 46 -8.99 16.68 -7.27
CA TYR A 46 -9.38 16.44 -5.89
C TYR A 46 -10.02 15.06 -5.74
N ALA A 47 -11.01 14.75 -6.56
CA ALA A 47 -11.73 13.49 -6.54
C ALA A 47 -10.77 12.31 -6.72
N LYS A 48 -9.85 12.39 -7.68
CA LYS A 48 -8.82 11.37 -7.87
C LYS A 48 -8.01 11.20 -6.58
N LYS A 49 -7.46 12.30 -6.06
CA LYS A 49 -6.68 12.31 -4.83
C LYS A 49 -7.45 11.61 -3.70
N VAL A 50 -8.66 12.08 -3.45
CA VAL A 50 -9.53 11.56 -2.41
C VAL A 50 -9.81 10.06 -2.65
N GLU A 51 -10.17 9.64 -3.86
CA GLU A 51 -10.37 8.24 -4.17
C GLU A 51 -9.11 7.43 -3.82
N GLY A 52 -7.93 7.89 -4.24
CA GLY A 52 -6.67 7.27 -3.88
C GLY A 52 -6.53 7.16 -2.35
N ASP A 53 -6.71 8.27 -1.65
CA ASP A 53 -6.63 8.33 -0.19
C ASP A 53 -7.53 7.26 0.44
N MET A 54 -8.79 7.20 0.00
CA MET A 54 -9.71 6.19 0.49
C MET A 54 -9.24 4.77 0.14
N TYR A 55 -8.75 4.55 -1.07
CA TYR A 55 -8.22 3.26 -1.48
C TYR A 55 -7.11 2.81 -0.53
N GLU A 56 -6.21 3.74 -0.17
CA GLU A 56 -5.16 3.49 0.80
C GLU A 56 -5.72 3.25 2.20
N SER A 57 -6.68 4.06 2.64
CA SER A 57 -7.20 4.00 4.00
C SER A 57 -8.04 2.74 4.26
N ALA A 58 -8.89 2.37 3.29
CA ALA A 58 -9.90 1.36 3.46
C ALA A 58 -9.30 -0.05 3.54
N ASN A 59 -9.49 -0.71 4.69
CA ASN A 59 -9.08 -2.11 4.85
C ASN A 59 -10.10 -3.08 4.24
N SER A 60 -11.18 -2.60 3.63
CA SER A 60 -12.16 -3.44 2.97
C SER A 60 -12.86 -2.66 1.85
N ARG A 61 -13.43 -3.37 0.87
CA ARG A 61 -14.20 -2.78 -0.21
C ARG A 61 -15.45 -2.08 0.34
N ASP A 62 -16.13 -2.73 1.27
CA ASP A 62 -17.25 -2.14 1.99
C ASP A 62 -16.82 -0.85 2.70
N GLU A 63 -15.68 -0.84 3.41
CA GLU A 63 -15.18 0.38 4.02
C GLU A 63 -14.96 1.43 2.93
N TYR A 64 -14.24 1.07 1.87
CA TYR A 64 -13.96 1.94 0.74
C TYR A 64 -15.24 2.61 0.21
N TYR A 65 -16.28 1.84 -0.07
CA TYR A 65 -17.58 2.39 -0.44
C TYR A 65 -18.09 3.34 0.66
N HIS A 66 -18.14 2.85 1.90
CA HIS A 66 -18.68 3.61 3.02
C HIS A 66 -17.99 4.96 3.19
N LEU A 67 -16.68 4.99 3.46
CA LEU A 67 -16.00 6.25 3.72
C LEU A 67 -16.01 7.18 2.49
N LEU A 68 -16.08 6.65 1.26
CA LEU A 68 -16.30 7.50 0.09
C LEU A 68 -17.67 8.17 0.18
N ALA A 69 -18.74 7.39 0.29
CA ALA A 69 -20.10 7.93 0.40
C ALA A 69 -20.18 8.94 1.55
N GLU A 70 -19.68 8.57 2.73
CA GLU A 70 -19.60 9.45 3.88
C GLU A 70 -18.84 10.73 3.51
N LYS A 71 -17.66 10.63 2.91
CA LYS A 71 -16.89 11.80 2.52
C LYS A 71 -17.72 12.73 1.64
N ILE A 72 -18.34 12.22 0.57
CA ILE A 72 -19.23 13.02 -0.27
C ILE A 72 -20.26 13.74 0.59
N TYR A 73 -20.99 12.95 1.39
CA TYR A 73 -22.07 13.41 2.26
C TYR A 73 -21.57 14.58 3.11
N LYS A 74 -20.44 14.37 3.79
CA LYS A 74 -19.77 15.40 4.57
C LYS A 74 -19.43 16.61 3.70
N ILE A 75 -18.75 16.47 2.56
CA ILE A 75 -18.42 17.62 1.72
C ILE A 75 -19.68 18.45 1.50
N GLN A 76 -20.74 17.84 0.96
CA GLN A 76 -21.99 18.55 0.74
C GLN A 76 -22.45 19.28 2.01
N LYS A 77 -22.62 18.54 3.11
CA LYS A 77 -23.12 19.11 4.36
C LYS A 77 -22.25 20.25 4.90
N GLU A 78 -20.96 19.99 5.05
CA GLU A 78 -19.98 20.91 5.60
C GLU A 78 -19.90 22.17 4.73
N LEU A 79 -19.71 22.02 3.42
CA LEU A 79 -19.47 23.15 2.53
C LEU A 79 -20.77 23.88 2.16
N GLU A 80 -21.90 23.17 2.11
CA GLU A 80 -23.23 23.56 1.64
C GLU A 80 -23.37 24.99 1.10
N GLU A 81 -23.36 26.01 1.95
CA GLU A 81 -23.55 27.39 1.50
C GLU A 81 -22.53 27.80 0.43
N LYS A 82 -21.27 27.40 0.60
CA LYS A 82 -20.23 27.59 -0.41
C LYS A 82 -20.61 26.82 -1.68
N ARG A 83 -21.15 25.61 -1.55
CA ARG A 83 -21.59 24.84 -2.71
C ARG A 83 -22.68 25.59 -3.47
N ARG A 84 -23.66 26.14 -2.76
CA ARG A 84 -24.70 26.96 -3.37
C ARG A 84 -24.04 28.14 -4.11
N SER A 85 -23.17 28.87 -3.41
CA SER A 85 -22.42 29.98 -3.97
C SER A 85 -21.30 29.48 -4.90
N ARG A 86 -21.65 28.97 -6.09
CA ARG A 86 -20.74 28.46 -7.12
C ARG A 86 -19.81 29.52 -7.74
N LEU A 87 -19.03 30.24 -6.93
CA LEU A 87 -18.08 31.26 -7.36
C LEU A 87 -16.66 30.69 -7.31
N LYS B 1 -34.53 17.54 3.02
CA LYS B 1 -33.22 16.97 3.37
C LYS B 1 -33.16 15.47 3.06
N GLU B 2 -34.05 14.69 3.69
CA GLU B 2 -34.16 13.24 3.58
C GLU B 2 -33.70 12.69 2.22
N LYS B 3 -34.45 13.04 1.18
CA LYS B 3 -34.25 12.51 -0.15
C LYS B 3 -32.94 13.02 -0.75
N ARG B 4 -32.55 14.25 -0.45
CA ARG B 4 -31.26 14.80 -0.89
C ARG B 4 -30.14 13.94 -0.31
N ILE B 5 -30.16 13.71 1.01
CA ILE B 5 -29.23 12.84 1.69
C ILE B 5 -29.23 11.45 1.02
N LYS B 6 -30.39 10.83 0.89
CA LYS B 6 -30.45 9.46 0.43
C LYS B 6 -29.98 9.33 -1.01
N GLU B 7 -30.44 10.19 -1.91
CA GLU B 7 -29.98 10.23 -3.29
C GLU B 7 -28.46 10.43 -3.33
N LEU B 8 -27.96 11.42 -2.58
CA LEU B 8 -26.54 11.72 -2.51
C LEU B 8 -25.73 10.48 -2.12
N GLU B 9 -26.12 9.84 -1.01
CA GLU B 9 -25.47 8.63 -0.54
C GLU B 9 -25.55 7.53 -1.62
N LEU B 10 -26.78 7.24 -2.06
CA LEU B 10 -27.10 6.16 -2.99
C LEU B 10 -26.32 6.28 -4.29
N LEU B 11 -26.19 7.50 -4.85
CA LEU B 11 -25.53 7.72 -6.14
C LEU B 11 -24.16 7.06 -6.18
N LEU B 12 -23.35 7.23 -5.13
CA LEU B 12 -22.04 6.57 -5.05
C LEU B 12 -22.25 5.06 -4.91
N MET B 13 -23.02 4.64 -3.91
CA MET B 13 -23.26 3.22 -3.61
C MET B 13 -23.65 2.42 -4.87
N SER B 14 -24.47 3.03 -5.73
CA SER B 14 -24.96 2.42 -6.96
C SER B 14 -23.86 2.04 -7.95
N THR B 15 -22.63 2.55 -7.81
CA THR B 15 -21.61 2.39 -8.85
C THR B 15 -21.43 0.91 -9.24
N GLU B 16 -21.11 0.03 -8.30
CA GLU B 16 -20.97 -1.40 -8.60
C GLU B 16 -22.18 -1.97 -9.33
N ASN B 17 -23.38 -1.66 -8.87
CA ASN B 17 -24.61 -2.11 -9.52
C ASN B 17 -24.61 -1.66 -10.98
N GLU B 18 -24.27 -0.39 -11.21
CA GLU B 18 -24.19 0.18 -12.53
C GLU B 18 -23.06 -0.46 -13.37
N LEU B 19 -21.95 -0.82 -12.71
CA LEU B 19 -20.76 -1.43 -13.29
C LEU B 19 -21.05 -2.83 -13.83
N LYS B 20 -22.07 -3.52 -13.32
CA LYS B 20 -22.49 -4.83 -13.80
C LYS B 20 -23.19 -4.67 -15.16
N GLY B 21 -22.45 -4.21 -16.15
CA GLY B 21 -22.91 -3.93 -17.50
C GLY B 21 -23.67 -2.61 -17.54
N GLN B 22 -24.85 -2.60 -16.90
CA GLN B 22 -25.90 -1.58 -16.92
C GLN B 22 -25.48 -0.25 -17.58
N GLN B 23 -24.55 0.47 -16.96
CA GLN B 23 -23.92 1.64 -17.56
C GLN B 23 -22.50 1.72 -17.01
N ALA B 24 -21.69 0.70 -17.32
CA ALA B 24 -20.35 0.52 -16.79
C ALA B 24 -19.34 1.50 -17.39
N LEU B 25 -19.54 2.80 -17.17
CA LEU B 25 -18.66 3.87 -17.59
C LEU B 25 -18.06 4.53 -16.34
N GLY A 1 2.66 -4.07 -8.26
CA GLY A 1 1.55 -3.88 -7.31
C GLY A 1 1.96 -4.24 -5.89
N VAL A 2 2.19 -5.53 -5.65
CA VAL A 2 2.55 -6.04 -4.32
C VAL A 2 4.04 -5.79 -4.03
N ARG A 3 4.45 -4.52 -4.04
CA ARG A 3 5.84 -4.08 -4.01
C ARG A 3 6.71 -4.83 -2.99
N LYS A 4 6.28 -4.85 -1.72
CA LYS A 4 7.05 -5.45 -0.64
C LYS A 4 6.63 -6.90 -0.37
N GLY A 5 5.87 -7.53 -1.28
CA GLY A 5 5.38 -8.87 -1.08
C GLY A 5 4.20 -8.90 -0.10
N TRP A 6 4.46 -8.52 1.16
CA TRP A 6 3.48 -8.55 2.25
C TRP A 6 2.17 -7.86 1.86
N HIS A 7 2.24 -6.83 1.00
CA HIS A 7 1.13 -6.16 0.34
C HIS A 7 0.01 -7.15 -0.03
N GLU A 8 0.38 -8.32 -0.58
CA GLU A 8 -0.49 -9.40 -0.94
C GLU A 8 -1.54 -9.68 0.14
N HIS A 9 -1.14 -9.63 1.40
CA HIS A 9 -1.97 -9.92 2.56
C HIS A 9 -2.51 -8.65 3.21
N VAL A 10 -2.56 -7.54 2.48
CA VAL A 10 -3.15 -6.27 2.92
C VAL A 10 -3.84 -5.63 1.72
N THR A 11 -5.13 -5.91 1.58
CA THR A 11 -5.95 -5.51 0.46
C THR A 11 -6.37 -4.04 0.55
N GLN A 12 -6.83 -3.50 -0.59
CA GLN A 12 -7.35 -2.15 -0.71
C GLN A 12 -8.37 -1.88 0.40
N ASP A 13 -9.25 -2.85 0.67
CA ASP A 13 -10.25 -2.76 1.74
C ASP A 13 -9.58 -2.50 3.10
N LEU A 14 -8.55 -3.25 3.45
CA LEU A 14 -7.85 -3.06 4.72
C LEU A 14 -7.15 -1.70 4.71
N ARG A 15 -6.48 -1.34 3.61
CA ARG A 15 -5.88 -0.01 3.46
C ARG A 15 -6.94 1.08 3.74
N SER A 16 -8.10 0.96 3.11
CA SER A 16 -9.24 1.86 3.29
C SER A 16 -9.68 1.90 4.76
N HIS A 17 -9.82 0.73 5.39
CA HIS A 17 -10.22 0.62 6.78
C HIS A 17 -9.21 1.34 7.69
N LEU A 18 -7.91 1.12 7.45
CA LEU A 18 -6.85 1.78 8.19
C LEU A 18 -6.89 3.31 7.96
N VAL A 19 -7.04 3.76 6.71
CA VAL A 19 -7.27 5.15 6.39
C VAL A 19 -8.43 5.70 7.23
N HIS A 20 -9.55 5.00 7.26
CA HIS A 20 -10.70 5.38 8.09
C HIS A 20 -10.26 5.50 9.55
N LYS A 21 -9.56 4.50 10.09
CA LYS A 21 -9.00 4.59 11.45
C LYS A 21 -8.16 5.85 11.64
N LEU A 22 -7.29 6.21 10.68
CA LEU A 22 -6.54 7.45 10.79
C LEU A 22 -7.49 8.63 10.98
N VAL A 23 -8.48 8.77 10.08
CA VAL A 23 -9.45 9.84 10.22
C VAL A 23 -10.10 9.78 11.61
N GLN A 24 -10.66 8.66 12.03
CA GLN A 24 -11.29 8.54 13.35
C GLN A 24 -10.35 8.96 14.47
N ALA A 25 -9.12 8.44 14.46
CA ALA A 25 -8.14 8.69 15.50
C ALA A 25 -7.84 10.18 15.64
N ILE A 26 -7.71 10.88 14.51
CA ILE A 26 -7.50 12.33 14.52
C ILE A 26 -8.80 13.04 14.94
N PHE A 27 -9.90 12.70 14.25
CA PHE A 27 -11.20 13.34 14.27
C PHE A 27 -12.29 12.27 14.09
N PRO A 28 -12.93 11.79 15.16
CA PRO A 28 -14.06 10.89 15.08
C PRO A 28 -15.18 11.48 14.21
N THR A 29 -15.63 10.78 13.16
CA THR A 29 -16.61 11.31 12.23
C THR A 29 -18.02 11.05 12.77
N PRO A 30 -18.87 12.08 12.95
CA PRO A 30 -20.25 11.91 13.38
C PRO A 30 -21.05 10.87 12.60
N ASP A 31 -20.88 10.81 11.27
CA ASP A 31 -21.68 9.95 10.40
C ASP A 31 -20.89 9.68 9.11
N PRO A 32 -20.94 8.47 8.52
CA PRO A 32 -20.36 8.19 7.22
C PRO A 32 -20.62 9.29 6.18
N ALA A 33 -21.86 9.78 6.07
CA ALA A 33 -22.20 10.84 5.12
C ALA A 33 -21.30 12.07 5.29
N ALA A 34 -20.89 12.36 6.53
CA ALA A 34 -20.01 13.49 6.83
C ALA A 34 -18.70 13.40 6.06
N LEU A 35 -18.29 12.21 5.61
CA LEU A 35 -17.10 12.05 4.78
C LEU A 35 -17.15 12.93 3.52
N LYS A 36 -18.33 13.30 3.04
CA LYS A 36 -18.48 14.18 1.89
C LYS A 36 -18.09 15.64 2.18
N ASP A 37 -18.06 16.06 3.45
CA ASP A 37 -17.71 17.44 3.82
C ASP A 37 -16.29 17.76 3.33
N ARG A 38 -16.07 18.91 2.68
CA ARG A 38 -14.78 19.27 2.09
C ARG A 38 -13.60 19.06 3.05
N ARG A 39 -13.65 19.65 4.26
CA ARG A 39 -12.57 19.46 5.23
C ARG A 39 -12.37 17.98 5.49
N MET A 40 -13.46 17.23 5.69
CA MET A 40 -13.36 15.80 5.93
C MET A 40 -12.72 15.08 4.74
N GLU A 41 -13.11 15.42 3.51
CA GLU A 41 -12.47 14.89 2.30
C GLU A 41 -10.98 15.18 2.31
N ASN A 42 -10.58 16.36 2.81
CA ASN A 42 -9.16 16.69 2.96
C ASN A 42 -8.50 15.77 4.00
N LEU A 43 -9.14 15.53 5.15
CA LEU A 43 -8.60 14.58 6.13
C LEU A 43 -8.45 13.20 5.50
N VAL A 44 -9.49 12.73 4.81
CA VAL A 44 -9.48 11.48 4.07
C VAL A 44 -8.27 11.47 3.10
N ALA A 45 -8.10 12.52 2.30
CA ALA A 45 -7.00 12.63 1.36
C ALA A 45 -5.66 12.51 2.07
N TYR A 46 -5.44 13.30 3.13
CA TYR A 46 -4.24 13.21 3.96
C TYR A 46 -4.02 11.78 4.45
N ALA A 47 -5.06 11.17 5.01
CA ALA A 47 -4.99 9.81 5.53
C ALA A 47 -4.59 8.83 4.42
N LYS A 48 -5.23 8.91 3.25
CA LYS A 48 -4.86 8.10 2.09
C LYS A 48 -3.39 8.29 1.75
N LYS A 49 -2.95 9.54 1.58
CA LYS A 49 -1.57 9.88 1.28
C LYS A 49 -0.62 9.22 2.29
N VAL A 50 -0.83 9.49 3.58
CA VAL A 50 0.06 9.02 4.62
C VAL A 50 0.03 7.49 4.71
N GLU A 51 -1.15 6.87 4.66
CA GLU A 51 -1.27 5.42 4.64
C GLU A 51 -0.52 4.84 3.44
N GLY A 52 -0.70 5.41 2.26
CA GLY A 52 0.05 5.02 1.06
C GLY A 52 1.55 5.07 1.32
N ASP A 53 2.04 6.21 1.85
CA ASP A 53 3.44 6.35 2.20
C ASP A 53 3.91 5.22 3.11
N MET A 54 3.17 4.94 4.18
CA MET A 54 3.52 3.83 5.06
C MET A 54 3.49 2.50 4.31
N TYR A 55 2.49 2.28 3.46
CA TYR A 55 2.34 1.06 2.68
C TYR A 55 3.63 0.79 1.89
N GLU A 56 4.19 1.82 1.26
CA GLU A 56 5.43 1.67 0.51
C GLU A 56 6.67 1.66 1.40
N SER A 57 6.67 2.40 2.51
CA SER A 57 7.83 2.45 3.41
C SER A 57 8.04 1.12 4.15
N ALA A 58 6.97 0.59 4.73
CA ALA A 58 6.99 -0.58 5.58
C ALA A 58 7.45 -1.82 4.81
N ASN A 59 8.49 -2.50 5.31
CA ASN A 59 9.02 -3.71 4.68
C ASN A 59 8.43 -4.97 5.33
N SER A 60 7.30 -4.84 6.03
CA SER A 60 6.55 -5.93 6.64
C SER A 60 5.19 -5.37 7.08
N ARG A 61 4.15 -6.21 7.03
CA ARG A 61 2.81 -5.87 7.56
C ARG A 61 2.93 -5.40 9.02
N ASP A 62 3.71 -6.13 9.81
CA ASP A 62 4.02 -5.75 11.19
C ASP A 62 4.49 -4.29 11.27
N GLU A 63 5.49 -3.94 10.46
CA GLU A 63 6.00 -2.57 10.41
C GLU A 63 4.86 -1.64 10.04
N TYR A 64 4.14 -1.93 8.95
CA TYR A 64 3.02 -1.13 8.48
C TYR A 64 2.04 -0.80 9.59
N TYR A 65 1.59 -1.81 10.35
CA TYR A 65 0.77 -1.54 11.53
C TYR A 65 1.52 -0.64 12.53
N HIS A 66 2.72 -1.06 12.94
CA HIS A 66 3.48 -0.37 13.98
C HIS A 66 3.69 1.12 13.67
N LEU A 67 4.32 1.44 12.53
CA LEU A 67 4.61 2.83 12.20
C LEU A 67 3.34 3.64 11.92
N LEU A 68 2.23 3.02 11.48
CA LEU A 68 0.96 3.73 11.40
C LEU A 68 0.49 4.11 12.81
N ALA A 69 0.43 3.14 13.72
CA ALA A 69 0.07 3.41 15.11
C ALA A 69 0.96 4.52 15.67
N GLU A 70 2.27 4.40 15.50
CA GLU A 70 3.22 5.42 15.93
C GLU A 70 2.88 6.78 15.30
N LYS A 71 2.64 6.82 13.99
CA LYS A 71 2.29 8.05 13.29
C LYS A 71 1.06 8.70 13.95
N ILE A 72 -0.03 7.93 14.12
CA ILE A 72 -1.21 8.41 14.84
C ILE A 72 -0.81 9.00 16.20
N TYR A 73 -0.07 8.22 16.97
CA TYR A 73 0.37 8.56 18.31
C TYR A 73 1.06 9.94 18.27
N LYS A 74 2.09 10.08 17.43
CA LYS A 74 2.81 11.33 17.27
C LYS A 74 1.89 12.47 16.84
N ILE A 75 1.06 12.27 15.80
CA ILE A 75 0.08 13.26 15.39
C ILE A 75 -0.68 13.74 16.62
N GLN A 76 -1.38 12.85 17.33
CA GLN A 76 -2.12 13.23 18.52
C GLN A 76 -1.26 14.03 19.49
N LYS A 77 -0.10 13.49 19.88
CA LYS A 77 0.77 14.14 20.86
C LYS A 77 1.19 15.55 20.42
N GLU A 78 1.74 15.68 19.23
CA GLU A 78 2.18 16.95 18.67
C GLU A 78 1.00 17.92 18.53
N LEU A 79 -0.14 17.40 18.06
CA LEU A 79 -1.29 18.18 17.65
C LEU A 79 -2.12 18.66 18.84
N GLU A 80 -2.19 17.87 19.92
CA GLU A 80 -3.04 18.09 21.08
C GLU A 80 -3.15 19.57 21.48
N GLU A 81 -2.02 20.25 21.58
CA GLU A 81 -1.95 21.67 21.95
C GLU A 81 -2.94 22.55 21.15
N LYS A 82 -3.15 22.26 19.86
CA LYS A 82 -4.00 23.05 18.97
C LYS A 82 -5.24 22.28 18.51
N ARG A 83 -5.19 20.95 18.48
CA ARG A 83 -6.15 20.00 17.88
C ARG A 83 -7.50 20.59 17.49
N ARG A 84 -8.29 21.04 18.48
CA ARG A 84 -9.64 21.57 18.30
C ARG A 84 -9.76 22.57 17.14
N SER A 85 -8.70 23.35 16.89
CA SER A 85 -8.61 24.29 15.78
C SER A 85 -8.94 23.65 14.43
N ARG A 86 -8.62 22.38 14.23
CA ARG A 86 -8.88 21.65 12.99
C ARG A 86 -10.37 21.32 12.87
N LEU A 87 -11.20 22.36 12.71
CA LEU A 87 -12.64 22.27 12.53
C LEU A 87 -12.99 22.94 11.20
N LYS B 1 -3.48 10.10 30.88
CA LYS B 1 -2.77 10.04 29.58
C LYS B 1 -2.57 8.59 29.14
N GLU B 2 -2.09 7.73 30.04
CA GLU B 2 -1.70 6.37 29.74
C GLU B 2 -2.79 5.60 28.99
N LYS B 3 -4.02 5.68 29.50
CA LYS B 3 -5.17 5.07 28.87
C LYS B 3 -5.41 5.66 27.48
N ARG B 4 -5.21 6.96 27.30
CA ARG B 4 -5.39 7.60 26.00
C ARG B 4 -4.36 7.03 25.04
N ILE B 5 -3.09 7.05 25.44
CA ILE B 5 -1.99 6.45 24.67
C ILE B 5 -2.36 5.02 24.26
N LYS B 6 -2.70 4.18 25.25
CA LYS B 6 -2.92 2.77 24.97
C LYS B 6 -4.14 2.56 24.07
N GLU B 7 -5.26 3.19 24.37
CA GLU B 7 -6.45 3.13 23.52
C GLU B 7 -6.12 3.58 22.09
N LEU B 8 -5.44 4.71 21.96
CA LEU B 8 -5.04 5.28 20.69
C LEU B 8 -4.20 4.28 19.89
N GLU B 9 -3.17 3.71 20.51
CA GLU B 9 -2.30 2.72 19.89
C GLU B 9 -3.14 1.48 19.48
N LEU B 10 -3.88 0.93 20.45
CA LEU B 10 -4.68 -0.27 20.32
C LEU B 10 -5.69 -0.14 19.17
N LEU B 11 -6.35 1.01 19.08
CA LEU B 11 -7.35 1.29 18.04
C LEU B 11 -6.85 0.86 16.68
N LEU B 12 -5.65 1.31 16.28
CA LEU B 12 -5.11 0.98 14.98
C LEU B 12 -4.76 -0.52 14.93
N MET B 13 -4.00 -1.02 15.91
CA MET B 13 -3.65 -2.44 16.00
C MET B 13 -4.87 -3.34 15.78
N SER B 14 -6.01 -2.98 16.37
CA SER B 14 -7.21 -3.80 16.36
C SER B 14 -7.88 -3.91 14.99
N THR B 15 -7.48 -3.10 14.00
CA THR B 15 -8.19 -3.05 12.71
C THR B 15 -8.39 -4.44 12.13
N GLU B 16 -7.37 -5.29 12.11
CA GLU B 16 -7.51 -6.66 11.64
C GLU B 16 -8.59 -7.43 12.40
N ASN B 17 -8.60 -7.32 13.73
CA ASN B 17 -9.57 -7.98 14.60
C ASN B 17 -10.98 -7.48 14.30
N GLU B 18 -11.14 -6.17 14.08
CA GLU B 18 -12.39 -5.57 13.65
C GLU B 18 -12.79 -6.12 12.27
N LEU B 19 -11.83 -6.15 11.34
CA LEU B 19 -12.01 -6.54 9.95
C LEU B 19 -12.58 -7.96 9.88
N LYS B 20 -11.94 -8.93 10.53
CA LYS B 20 -12.33 -10.34 10.41
C LYS B 20 -13.57 -10.70 11.25
N GLY B 21 -14.62 -9.87 11.21
CA GLY B 21 -15.93 -10.17 11.77
C GLY B 21 -16.03 -10.08 13.30
N GLN B 22 -15.11 -10.75 14.01
CA GLN B 22 -15.13 -11.00 15.45
C GLN B 22 -15.78 -9.91 16.31
N GLN B 23 -15.42 -8.64 16.12
CA GLN B 23 -15.92 -7.56 16.97
C GLN B 23 -17.43 -7.35 16.85
N ALA B 24 -18.04 -7.72 15.72
CA ALA B 24 -19.46 -7.50 15.46
C ALA B 24 -20.33 -8.48 16.25
N LEU B 25 -20.29 -8.39 17.58
CA LEU B 25 -21.08 -9.21 18.48
C LEU B 25 -21.29 -8.42 19.78
N GLY A 1 -0.32 -10.20 -0.52
CA GLY A 1 -1.39 -10.02 -1.50
C GLY A 1 -0.80 -9.61 -2.85
N VAL A 2 -1.30 -8.52 -3.45
CA VAL A 2 -0.88 -8.10 -4.78
C VAL A 2 0.38 -7.25 -4.71
N ARG A 3 0.29 -6.11 -4.02
CA ARG A 3 1.34 -5.09 -4.01
C ARG A 3 2.51 -5.54 -3.16
N LYS A 4 2.17 -6.01 -1.97
CA LYS A 4 3.07 -6.39 -0.90
C LYS A 4 2.54 -7.68 -0.28
N GLY A 5 3.39 -8.48 0.36
CA GLY A 5 2.96 -9.68 1.08
C GLY A 5 1.79 -9.39 2.03
N TRP A 6 1.86 -8.24 2.70
CA TRP A 6 0.87 -7.82 3.68
C TRP A 6 -0.39 -7.22 3.03
N HIS A 7 -0.38 -6.95 1.72
CA HIS A 7 -1.47 -6.26 1.02
C HIS A 7 -2.84 -6.87 1.35
N GLU A 8 -2.90 -8.20 1.38
CA GLU A 8 -4.07 -8.98 1.72
C GLU A 8 -4.81 -8.46 2.96
N HIS A 9 -4.06 -7.96 3.95
CA HIS A 9 -4.63 -7.49 5.20
C HIS A 9 -5.39 -6.19 4.98
N VAL A 10 -4.67 -5.18 4.53
CA VAL A 10 -5.18 -3.81 4.48
C VAL A 10 -5.92 -3.58 3.16
N THR A 11 -7.20 -3.94 3.18
CA THR A 11 -8.12 -3.76 2.08
C THR A 11 -8.48 -2.29 1.86
N GLN A 12 -9.00 -2.00 0.66
CA GLN A 12 -9.42 -0.67 0.23
C GLN A 12 -10.30 0.03 1.28
N ASP A 13 -11.23 -0.69 1.90
CA ASP A 13 -12.11 -0.12 2.92
C ASP A 13 -11.29 0.39 4.12
N LEU A 14 -10.32 -0.40 4.58
CA LEU A 14 -9.46 0.03 5.66
C LEU A 14 -8.60 1.21 5.19
N ARG A 15 -8.01 1.13 4.00
CA ARG A 15 -7.29 2.27 3.42
C ARG A 15 -8.16 3.53 3.46
N SER A 16 -9.43 3.41 3.04
CA SER A 16 -10.39 4.49 3.03
C SER A 16 -10.58 5.06 4.44
N HIS A 17 -10.82 4.21 5.44
CA HIS A 17 -10.98 4.66 6.81
C HIS A 17 -9.70 5.33 7.34
N LEU A 18 -8.53 4.79 6.98
CA LEU A 18 -7.25 5.38 7.37
C LEU A 18 -7.09 6.78 6.74
N VAL A 19 -7.34 6.91 5.43
CA VAL A 19 -7.41 8.20 4.75
C VAL A 19 -8.38 9.12 5.51
N HIS A 20 -9.58 8.64 5.84
CA HIS A 20 -10.53 9.40 6.65
C HIS A 20 -9.88 9.88 7.95
N LYS A 21 -9.17 9.01 8.68
CA LYS A 21 -8.42 9.41 9.86
C LYS A 21 -7.41 10.52 9.54
N LEU A 22 -6.63 10.39 8.46
CA LEU A 22 -5.72 11.44 8.05
C LEU A 22 -6.49 12.76 7.91
N VAL A 23 -7.58 12.74 7.15
CA VAL A 23 -8.43 13.92 7.01
C VAL A 23 -8.81 14.44 8.39
N GLN A 24 -9.34 13.59 9.29
CA GLN A 24 -9.77 14.05 10.61
C GLN A 24 -8.63 14.70 11.38
N ALA A 25 -7.48 14.04 11.43
CA ALA A 25 -6.31 14.48 12.17
C ALA A 25 -5.84 15.86 11.71
N ILE A 26 -5.94 16.13 10.40
CA ILE A 26 -5.57 17.41 9.82
C ILE A 26 -6.72 18.43 9.97
N PHE A 27 -7.96 17.98 9.76
CA PHE A 27 -9.15 18.79 9.62
C PHE A 27 -10.39 17.95 9.98
N PRO A 28 -10.96 18.07 11.19
CA PRO A 28 -12.15 17.32 11.56
C PRO A 28 -13.30 17.67 10.60
N THR A 29 -13.77 16.68 9.84
CA THR A 29 -14.70 16.92 8.75
C THR A 29 -16.11 17.23 9.30
N PRO A 30 -16.74 18.35 8.91
CA PRO A 30 -18.08 18.72 9.34
C PRO A 30 -19.13 17.62 9.13
N ASP A 31 -19.23 17.07 7.92
CA ASP A 31 -20.29 16.15 7.53
C ASP A 31 -19.81 15.41 6.27
N PRO A 32 -20.16 14.13 6.06
CA PRO A 32 -19.85 13.41 4.84
C PRO A 32 -20.09 14.23 3.56
N ALA A 33 -21.24 14.90 3.45
CA ALA A 33 -21.55 15.72 2.28
C ALA A 33 -20.47 16.77 2.02
N ALA A 34 -19.87 17.30 3.08
CA ALA A 34 -18.83 18.32 2.98
C ALA A 34 -17.62 17.82 2.17
N LEU A 35 -17.43 16.49 2.07
CA LEU A 35 -16.37 15.92 1.24
C LEU A 35 -16.46 16.42 -0.20
N LYS A 36 -17.64 16.82 -0.69
CA LYS A 36 -17.81 17.36 -2.03
C LYS A 36 -17.15 18.75 -2.20
N ASP A 37 -16.93 19.50 -1.12
CA ASP A 37 -16.38 20.85 -1.24
C ASP A 37 -14.94 20.79 -1.76
N ARG A 38 -14.62 21.52 -2.83
CA ARG A 38 -13.28 21.53 -3.44
C ARG A 38 -12.15 21.61 -2.41
N ARG A 39 -12.26 22.50 -1.42
CA ARG A 39 -11.23 22.67 -0.40
C ARG A 39 -10.99 21.35 0.34
N MET A 40 -12.06 20.60 0.58
CA MET A 40 -11.96 19.30 1.20
C MET A 40 -11.48 18.27 0.18
N GLU A 41 -12.04 18.24 -1.02
CA GLU A 41 -11.63 17.30 -2.08
C GLU A 41 -10.11 17.31 -2.27
N ASN A 42 -9.50 18.49 -2.30
CA ASN A 42 -8.05 18.60 -2.39
C ASN A 42 -7.37 17.89 -1.22
N LEU A 43 -7.89 18.07 0.00
CA LEU A 43 -7.33 17.44 1.19
C LEU A 43 -7.53 15.92 1.16
N VAL A 44 -8.71 15.47 0.73
CA VAL A 44 -8.99 14.06 0.50
C VAL A 44 -7.96 13.50 -0.48
N ALA A 45 -7.74 14.17 -1.61
CA ALA A 45 -6.76 13.77 -2.60
C ALA A 45 -5.36 13.66 -1.98
N TYR A 46 -4.92 14.71 -1.27
CA TYR A 46 -3.66 14.67 -0.52
C TYR A 46 -3.59 13.44 0.38
N ALA A 47 -4.63 13.22 1.19
CA ALA A 47 -4.65 12.12 2.15
C ALA A 47 -4.54 10.77 1.43
N LYS A 48 -5.31 10.59 0.36
CA LYS A 48 -5.22 9.41 -0.49
C LYS A 48 -3.78 9.24 -1.01
N LYS A 49 -3.21 10.30 -1.60
CA LYS A 49 -1.85 10.28 -2.12
C LYS A 49 -0.86 9.85 -1.03
N VAL A 50 -0.87 10.52 0.12
CA VAL A 50 0.09 10.23 1.18
C VAL A 50 -0.11 8.80 1.71
N GLU A 51 -1.35 8.37 1.95
CA GLU A 51 -1.63 6.99 2.32
C GLU A 51 -1.09 6.01 1.28
N GLY A 52 -1.33 6.28 0.00
CA GLY A 52 -0.77 5.49 -1.09
C GLY A 52 0.76 5.40 -0.96
N ASP A 53 1.42 6.55 -0.83
CA ASP A 53 2.86 6.62 -0.64
C ASP A 53 3.30 5.71 0.51
N MET A 54 2.64 5.83 1.66
CA MET A 54 2.93 4.96 2.80
C MET A 54 2.76 3.49 2.43
N TYR A 55 1.65 3.13 1.77
CA TYR A 55 1.38 1.76 1.35
C TYR A 55 2.54 1.21 0.52
N GLU A 56 3.00 1.98 -0.48
CA GLU A 56 4.08 1.56 -1.33
C GLU A 56 5.44 1.61 -0.62
N SER A 57 5.61 2.48 0.38
CA SER A 57 6.83 2.53 1.17
C SER A 57 6.95 1.35 2.15
N ALA A 58 5.85 0.99 2.80
CA ALA A 58 5.84 0.04 3.91
C ALA A 58 6.11 -1.40 3.50
N ASN A 59 7.23 -1.96 3.98
CA ASN A 59 7.59 -3.36 3.81
C ASN A 59 6.62 -4.30 4.54
N SER A 60 5.87 -3.82 5.53
CA SER A 60 5.03 -4.65 6.37
C SER A 60 3.90 -3.81 6.96
N ARG A 61 2.74 -4.41 7.21
CA ARG A 61 1.57 -3.77 7.81
C ARG A 61 1.97 -2.96 9.06
N ASP A 62 2.78 -3.56 9.92
CA ASP A 62 3.32 -2.90 11.11
C ASP A 62 3.97 -1.57 10.75
N GLU A 63 4.82 -1.59 9.71
CA GLU A 63 5.48 -0.38 9.24
C GLU A 63 4.44 0.60 8.72
N TYR A 64 3.53 0.12 7.87
CA TYR A 64 2.44 0.93 7.32
C TYR A 64 1.69 1.68 8.42
N TYR A 65 1.31 0.99 9.50
CA TYR A 65 0.71 1.65 10.65
C TYR A 65 1.70 2.66 11.26
N HIS A 66 2.92 2.22 11.55
CA HIS A 66 3.94 3.07 12.17
C HIS A 66 4.13 4.38 11.40
N LEU A 67 4.59 4.33 10.14
CA LEU A 67 4.88 5.56 9.42
C LEU A 67 3.63 6.42 9.18
N LEU A 68 2.42 5.85 9.07
CA LEU A 68 1.21 6.66 9.02
C LEU A 68 0.99 7.39 10.34
N ALA A 69 0.97 6.66 11.47
CA ALA A 69 0.80 7.27 12.77
C ALA A 69 1.86 8.35 12.99
N GLU A 70 3.13 8.05 12.66
CA GLU A 70 4.22 9.00 12.74
C GLU A 70 3.96 10.21 11.86
N LYS A 71 3.51 10.02 10.61
CA LYS A 71 3.16 11.13 9.73
C LYS A 71 2.13 12.04 10.39
N ILE A 72 1.03 11.47 10.90
CA ILE A 72 0.04 12.23 11.67
C ILE A 72 0.72 12.99 12.81
N TYR A 73 1.49 12.28 13.62
CA TYR A 73 2.18 12.80 14.79
C TYR A 73 2.99 14.04 14.39
N LYS A 74 3.84 13.90 13.38
CA LYS A 74 4.63 15.01 12.84
C LYS A 74 3.74 16.16 12.39
N ILE A 75 2.72 15.90 11.56
CA ILE A 75 1.79 16.93 11.12
C ILE A 75 1.26 17.70 12.32
N GLN A 76 0.72 17.01 13.32
CA GLN A 76 0.21 17.67 14.51
C GLN A 76 1.31 18.47 15.23
N LYS A 77 2.47 17.86 15.49
CA LYS A 77 3.57 18.54 16.17
C LYS A 77 3.98 19.83 15.46
N GLU A 78 4.16 19.75 14.14
CA GLU A 78 4.60 20.87 13.32
C GLU A 78 3.50 21.92 13.18
N LEU A 79 2.34 21.47 12.69
CA LEU A 79 1.22 22.30 12.26
C LEU A 79 0.34 22.79 13.42
N GLU A 80 0.40 22.13 14.58
CA GLU A 80 -0.34 22.48 15.80
C GLU A 80 -1.84 22.72 15.57
N GLU A 81 -2.46 21.96 14.66
CA GLU A 81 -3.90 22.01 14.44
C GLU A 81 -4.64 21.23 15.52
N LYS A 82 -4.59 21.73 16.75
CA LYS A 82 -5.20 21.13 17.93
C LYS A 82 -6.71 21.38 17.92
N ARG A 83 -7.46 20.52 17.21
CA ARG A 83 -8.91 20.49 17.22
C ARG A 83 -9.33 19.20 17.93
N ARG A 84 -10.39 18.52 17.47
CA ARG A 84 -10.73 17.18 17.94
C ARG A 84 -9.51 16.25 17.82
N SER A 85 -8.65 16.52 16.85
CA SER A 85 -7.34 15.95 16.63
C SER A 85 -6.46 15.84 17.88
N ARG A 86 -6.73 16.63 18.94
CA ARG A 86 -6.08 16.44 20.23
C ARG A 86 -6.20 14.97 20.66
N LEU A 87 -7.39 14.39 20.45
CA LEU A 87 -7.64 12.97 20.66
C LEU A 87 -7.06 12.20 19.48
N LYS B 1 0.55 17.22 26.89
CA LYS B 1 1.56 16.65 25.97
C LYS B 1 1.32 15.15 25.79
N GLU B 2 1.66 14.35 26.81
CA GLU B 2 1.62 12.90 26.75
C GLU B 2 0.26 12.40 26.27
N LYS B 3 -0.81 12.98 26.83
CA LYS B 3 -2.18 12.70 26.42
C LYS B 3 -2.35 12.90 24.91
N ARG B 4 -1.86 14.02 24.38
CA ARG B 4 -1.97 14.32 22.97
C ARG B 4 -1.24 13.23 22.19
N ILE B 5 0.05 13.07 22.48
CA ILE B 5 0.92 12.16 21.75
C ILE B 5 0.31 10.76 21.74
N LYS B 6 -0.03 10.22 22.92
CA LYS B 6 -0.47 8.86 23.03
C LYS B 6 -1.86 8.67 22.43
N GLU B 7 -2.83 9.56 22.73
CA GLU B 7 -4.15 9.43 22.13
C GLU B 7 -4.04 9.53 20.60
N LEU B 8 -3.31 10.52 20.09
CA LEU B 8 -3.08 10.72 18.67
C LEU B 8 -2.52 9.44 18.03
N GLU B 9 -1.42 8.92 18.58
CA GLU B 9 -0.78 7.71 18.07
C GLU B 9 -1.77 6.53 18.11
N LEU B 10 -2.37 6.29 19.28
CA LEU B 10 -3.28 5.19 19.53
C LEU B 10 -4.48 5.23 18.59
N LEU B 11 -5.05 6.42 18.35
CA LEU B 11 -6.23 6.57 17.52
C LEU B 11 -6.01 5.92 16.15
N LEU B 12 -4.92 6.27 15.46
CA LEU B 12 -4.66 5.73 14.14
C LEU B 12 -4.50 4.22 14.23
N MET B 13 -3.67 3.73 15.15
CA MET B 13 -3.49 2.31 15.39
C MET B 13 -4.84 1.60 15.60
N SER B 14 -5.75 2.24 16.34
CA SER B 14 -7.06 1.71 16.67
C SER B 14 -8.02 1.64 15.48
N THR B 15 -7.70 2.22 14.32
CA THR B 15 -8.63 2.25 13.19
C THR B 15 -9.13 0.84 12.85
N GLU B 16 -8.24 -0.15 12.84
CA GLU B 16 -8.63 -1.53 12.57
C GLU B 16 -9.71 -2.01 13.55
N ASN B 17 -9.53 -1.73 14.84
CA ASN B 17 -10.49 -2.10 15.86
C ASN B 17 -11.83 -1.40 15.60
N GLU B 18 -11.78 -0.09 15.36
CA GLU B 18 -12.97 0.71 15.06
C GLU B 18 -13.71 0.13 13.85
N LEU B 19 -12.97 -0.18 12.78
CA LEU B 19 -13.50 -0.76 11.55
C LEU B 19 -14.18 -2.11 11.85
N LYS B 20 -13.47 -3.00 12.55
CA LYS B 20 -14.00 -4.29 12.98
C LYS B 20 -15.20 -4.14 13.91
N GLY B 21 -15.28 -3.04 14.66
CA GLY B 21 -16.36 -2.71 15.58
C GLY B 21 -17.76 -2.96 15.02
N GLN B 22 -17.95 -2.85 13.71
CA GLN B 22 -19.20 -3.15 13.01
C GLN B 22 -19.46 -4.67 13.00
N GLN B 23 -19.60 -5.28 14.18
CA GLN B 23 -19.89 -6.69 14.36
C GLN B 23 -21.37 -6.95 14.03
N ALA B 24 -21.73 -6.88 12.75
CA ALA B 24 -23.07 -7.13 12.25
C ALA B 24 -23.43 -8.62 12.31
N LEU B 25 -23.46 -9.19 13.51
CA LEU B 25 -23.82 -10.59 13.72
C LEU B 25 -25.31 -10.81 13.41
N GLY A 1 -5.47 3.56 0.66
CA GLY A 1 -4.57 2.55 0.06
C GLY A 1 -3.67 1.90 1.12
N VAL A 2 -2.73 2.69 1.66
CA VAL A 2 -1.62 2.29 2.52
C VAL A 2 -0.79 1.16 1.91
N ARG A 3 -1.33 -0.06 1.86
CA ARG A 3 -0.72 -1.21 1.20
C ARG A 3 -1.81 -2.19 0.76
N LYS A 4 -2.47 -2.87 1.70
CA LYS A 4 -3.52 -3.83 1.37
C LYS A 4 -4.89 -3.16 1.14
N GLY A 5 -4.99 -1.84 1.03
CA GLY A 5 -6.27 -1.18 0.88
C GLY A 5 -7.00 -1.11 2.22
N TRP A 6 -7.46 -2.26 2.72
CA TRP A 6 -8.16 -2.39 4.00
C TRP A 6 -7.33 -1.80 5.15
N HIS A 7 -6.00 -1.84 5.02
CA HIS A 7 -5.05 -1.16 5.88
C HIS A 7 -5.47 0.28 6.20
N GLU A 8 -6.07 0.99 5.25
CA GLU A 8 -6.55 2.35 5.46
C GLU A 8 -7.55 2.45 6.62
N HIS A 9 -8.36 1.41 6.82
CA HIS A 9 -9.32 1.34 7.90
C HIS A 9 -8.59 1.06 9.20
N VAL A 10 -7.74 0.04 9.18
CA VAL A 10 -7.04 -0.43 10.37
C VAL A 10 -5.79 0.41 10.62
N THR A 11 -6.00 1.52 11.32
CA THR A 11 -4.97 2.46 11.72
C THR A 11 -4.16 1.94 12.91
N GLN A 12 -2.99 2.54 13.11
CA GLN A 12 -2.03 2.15 14.13
C GLN A 12 -2.70 2.02 15.51
N ASP A 13 -3.64 2.90 15.86
CA ASP A 13 -4.29 2.85 17.16
C ASP A 13 -5.03 1.52 17.33
N LEU A 14 -5.79 1.11 16.32
CA LEU A 14 -6.47 -0.18 16.36
C LEU A 14 -5.43 -1.30 16.38
N ARG A 15 -4.39 -1.23 15.54
CA ARG A 15 -3.30 -2.20 15.58
C ARG A 15 -2.75 -2.34 17.01
N SER A 16 -2.50 -1.21 17.66
CA SER A 16 -1.95 -1.13 19.02
C SER A 16 -2.91 -1.78 20.02
N HIS A 17 -4.21 -1.49 19.94
CA HIS A 17 -5.19 -2.09 20.84
C HIS A 17 -5.33 -3.60 20.55
N LEU A 18 -5.21 -4.01 19.29
CA LEU A 18 -5.20 -5.43 18.92
C LEU A 18 -3.96 -6.12 19.50
N VAL A 19 -2.78 -5.52 19.36
CA VAL A 19 -1.56 -5.96 20.04
C VAL A 19 -1.84 -6.10 21.54
N HIS A 20 -2.49 -5.10 22.14
CA HIS A 20 -2.91 -5.19 23.52
C HIS A 20 -3.76 -6.46 23.73
N LYS A 21 -4.78 -6.70 22.91
CA LYS A 21 -5.58 -7.91 23.03
C LYS A 21 -4.73 -9.17 22.93
N LEU A 22 -3.73 -9.22 22.03
CA LEU A 22 -2.81 -10.36 22.01
C LEU A 22 -2.22 -10.55 23.39
N VAL A 23 -1.62 -9.49 23.96
CA VAL A 23 -1.06 -9.57 25.30
C VAL A 23 -2.13 -10.08 26.27
N GLN A 24 -3.30 -9.44 26.35
CA GLN A 24 -4.36 -9.82 27.27
C GLN A 24 -4.73 -11.29 27.14
N ALA A 25 -4.98 -11.77 25.93
CA ALA A 25 -5.40 -13.13 25.67
C ALA A 25 -4.34 -14.13 26.14
N ILE A 26 -3.07 -13.85 25.89
CA ILE A 26 -1.95 -14.71 26.27
C ILE A 26 -1.64 -14.57 27.77
N PHE A 27 -1.83 -13.36 28.30
CA PHE A 27 -1.39 -12.92 29.61
C PHE A 27 -2.28 -11.75 30.08
N PRO A 28 -3.38 -12.02 30.80
CA PRO A 28 -4.35 -10.99 31.17
C PRO A 28 -3.70 -9.96 32.11
N THR A 29 -3.30 -8.82 31.55
CA THR A 29 -2.50 -7.82 32.23
C THR A 29 -3.42 -6.75 32.84
N PRO A 30 -3.20 -6.37 34.11
CA PRO A 30 -4.09 -5.47 34.85
C PRO A 30 -4.17 -4.07 34.24
N ASP A 31 -3.03 -3.44 33.94
CA ASP A 31 -2.98 -2.03 33.57
C ASP A 31 -1.89 -1.83 32.52
N PRO A 32 -2.08 -0.96 31.50
CA PRO A 32 -1.03 -0.57 30.58
C PRO A 32 0.31 -0.30 31.24
N ALA A 33 0.34 0.41 32.38
CA ALA A 33 1.56 0.68 33.12
C ALA A 33 2.34 -0.60 33.43
N ALA A 34 1.64 -1.70 33.72
CA ALA A 34 2.25 -2.99 34.03
C ALA A 34 3.13 -3.48 32.88
N LEU A 35 2.86 -3.03 31.64
CA LEU A 35 3.65 -3.40 30.48
C LEU A 35 5.11 -2.97 30.59
N LYS A 36 5.45 -2.07 31.52
CA LYS A 36 6.83 -1.68 31.78
C LYS A 36 7.68 -2.84 32.32
N ASP A 37 7.08 -3.93 32.79
CA ASP A 37 7.79 -5.13 33.24
C ASP A 37 8.54 -5.79 32.06
N ARG A 38 9.69 -6.42 32.31
CA ARG A 38 10.54 -7.01 31.28
C ARG A 38 9.82 -8.11 30.47
N ARG A 39 9.18 -9.05 31.16
CA ARG A 39 8.43 -10.14 30.53
C ARG A 39 7.41 -9.53 29.59
N MET A 40 6.69 -8.52 30.10
CA MET A 40 5.66 -7.86 29.34
C MET A 40 6.25 -7.15 28.14
N GLU A 41 7.31 -6.35 28.31
CA GLU A 41 7.96 -5.69 27.20
C GLU A 41 8.33 -6.68 26.09
N ASN A 42 8.87 -7.84 26.48
CA ASN A 42 9.17 -8.91 25.53
C ASN A 42 7.90 -9.41 24.84
N LEU A 43 6.85 -9.71 25.61
CA LEU A 43 5.59 -10.22 25.06
C LEU A 43 4.94 -9.18 24.14
N VAL A 44 5.04 -7.90 24.50
CA VAL A 44 4.60 -6.75 23.73
C VAL A 44 5.38 -6.72 22.41
N ALA A 45 6.72 -6.82 22.47
CA ALA A 45 7.53 -6.90 21.26
C ALA A 45 7.05 -8.04 20.35
N TYR A 46 6.89 -9.24 20.91
CA TYR A 46 6.36 -10.38 20.18
C TYR A 46 5.01 -10.05 19.55
N ALA A 47 4.07 -9.52 20.35
CA ALA A 47 2.73 -9.19 19.90
C ALA A 47 2.76 -8.18 18.75
N LYS A 48 3.55 -7.10 18.89
CA LYS A 48 3.76 -6.12 17.82
C LYS A 48 4.26 -6.82 16.56
N LYS A 49 5.34 -7.58 16.67
CA LYS A 49 5.93 -8.32 15.56
C LYS A 49 4.86 -9.15 14.86
N VAL A 50 4.20 -10.02 15.62
CA VAL A 50 3.23 -10.96 15.07
C VAL A 50 2.06 -10.21 14.44
N GLU A 51 1.51 -9.18 15.10
CA GLU A 51 0.47 -8.35 14.53
C GLU A 51 0.93 -7.73 13.20
N GLY A 52 2.15 -7.19 13.15
CA GLY A 52 2.73 -6.71 11.92
C GLY A 52 2.73 -7.79 10.83
N ASP A 53 3.24 -8.98 11.17
CA ASP A 53 3.25 -10.12 10.28
C ASP A 53 1.85 -10.38 9.72
N MET A 54 0.85 -10.46 10.59
CA MET A 54 -0.54 -10.64 10.18
C MET A 54 -1.01 -9.50 9.27
N TYR A 55 -0.71 -8.26 9.64
CA TYR A 55 -1.07 -7.08 8.86
C TYR A 55 -0.59 -7.23 7.42
N GLU A 56 0.67 -7.63 7.23
CA GLU A 56 1.22 -7.87 5.91
C GLU A 56 0.61 -9.10 5.25
N SER A 57 0.43 -10.20 5.98
CA SER A 57 -0.05 -11.45 5.42
C SER A 57 -1.51 -11.36 4.96
N ALA A 58 -2.34 -10.65 5.71
CA ALA A 58 -3.78 -10.65 5.54
C ALA A 58 -4.25 -9.90 4.30
N ASN A 59 -4.75 -10.66 3.32
CA ASN A 59 -5.44 -10.15 2.13
C ASN A 59 -6.53 -9.14 2.49
N SER A 60 -7.46 -9.46 3.40
CA SER A 60 -8.53 -8.60 3.87
C SER A 60 -8.44 -8.41 5.39
N ARG A 61 -9.14 -7.37 5.87
CA ARG A 61 -9.36 -7.14 7.29
C ARG A 61 -10.03 -8.38 7.91
N ASP A 62 -10.93 -9.02 7.16
CA ASP A 62 -11.57 -10.27 7.56
C ASP A 62 -10.50 -11.32 7.90
N GLU A 63 -9.58 -11.51 6.96
CA GLU A 63 -8.46 -12.44 7.11
C GLU A 63 -7.65 -12.04 8.34
N TYR A 64 -7.29 -10.75 8.44
CA TYR A 64 -6.53 -10.22 9.57
C TYR A 64 -7.16 -10.59 10.91
N TYR A 65 -8.46 -10.33 11.08
CA TYR A 65 -9.16 -10.78 12.28
C TYR A 65 -9.03 -12.29 12.45
N HIS A 66 -9.35 -13.05 11.39
CA HIS A 66 -9.32 -14.51 11.48
C HIS A 66 -7.94 -15.03 11.91
N LEU A 67 -6.89 -14.79 11.13
CA LEU A 67 -5.59 -15.36 11.46
C LEU A 67 -5.02 -14.82 12.77
N LEU A 68 -5.36 -13.60 13.21
CA LEU A 68 -5.00 -13.16 14.55
C LEU A 68 -5.72 -13.99 15.61
N ALA A 69 -7.05 -14.09 15.53
CA ALA A 69 -7.82 -14.89 16.48
C ALA A 69 -7.30 -16.33 16.52
N GLU A 70 -7.09 -16.93 15.33
CA GLU A 70 -6.49 -18.25 15.21
C GLU A 70 -5.14 -18.29 15.91
N LYS A 71 -4.24 -17.33 15.64
CA LYS A 71 -2.94 -17.28 16.27
C LYS A 71 -3.08 -17.29 17.80
N ILE A 72 -3.92 -16.41 18.36
CA ILE A 72 -4.23 -16.42 19.78
C ILE A 72 -4.64 -17.83 20.22
N TYR A 73 -5.64 -18.40 19.54
CA TYR A 73 -6.20 -19.71 19.83
C TYR A 73 -5.05 -20.73 19.94
N LYS A 74 -4.23 -20.80 18.91
CA LYS A 74 -3.07 -21.69 18.87
C LYS A 74 -2.12 -21.42 20.03
N ILE A 75 -1.73 -20.16 20.30
CA ILE A 75 -0.87 -19.85 21.44
C ILE A 75 -1.48 -20.38 22.74
N GLN A 76 -2.77 -20.11 22.97
CA GLN A 76 -3.46 -20.57 24.15
C GLN A 76 -3.40 -22.10 24.26
N LYS A 77 -3.71 -22.80 23.17
CA LYS A 77 -3.70 -24.26 23.13
C LYS A 77 -2.28 -24.84 23.34
N GLU A 78 -1.33 -24.35 22.55
CA GLU A 78 0.03 -24.87 22.48
C GLU A 78 0.88 -24.37 23.66
N LEU A 79 1.01 -23.05 23.76
CA LEU A 79 1.93 -22.39 24.67
C LEU A 79 1.37 -22.32 26.07
N GLU A 80 0.13 -21.82 26.26
CA GLU A 80 -0.39 -21.53 27.60
C GLU A 80 -0.89 -22.79 28.34
N GLU A 81 -0.18 -23.91 28.17
CA GLU A 81 -0.36 -25.12 28.95
C GLU A 81 0.28 -24.93 30.33
N LYS A 82 1.43 -24.27 30.39
CA LYS A 82 2.13 -23.84 31.61
C LYS A 82 1.41 -22.64 32.24
N ARG A 83 0.08 -22.70 32.31
CA ARG A 83 -0.81 -21.60 32.63
C ARG A 83 -0.33 -20.67 33.76
N ARG A 84 -0.09 -21.22 34.96
CA ARG A 84 0.29 -20.40 36.11
C ARG A 84 1.67 -19.77 35.95
N SER A 85 2.54 -20.37 35.12
CA SER A 85 3.94 -19.97 34.99
C SER A 85 4.07 -18.69 34.16
N ARG A 86 3.69 -17.55 34.75
CA ARG A 86 3.81 -16.21 34.17
C ARG A 86 5.29 -15.77 34.09
N LEU A 87 6.11 -16.52 33.36
CA LEU A 87 7.55 -16.28 33.24
C LEU A 87 7.85 -15.38 32.04
N LYS B 1 -14.23 -26.49 27.67
CA LYS B 1 -13.33 -25.66 26.84
C LYS B 1 -14.08 -24.84 25.80
N GLU B 2 -15.22 -25.32 25.30
CA GLU B 2 -15.89 -24.71 24.16
C GLU B 2 -16.16 -23.22 24.36
N LYS B 3 -16.70 -22.88 25.53
CA LYS B 3 -16.93 -21.48 25.91
C LYS B 3 -15.63 -20.69 25.82
N ARG B 4 -14.54 -21.26 26.32
CA ARG B 4 -13.22 -20.62 26.32
C ARG B 4 -12.78 -20.40 24.87
N ILE B 5 -12.83 -21.45 24.04
CA ILE B 5 -12.54 -21.37 22.61
C ILE B 5 -13.31 -20.22 21.98
N LYS B 6 -14.64 -20.20 22.16
CA LYS B 6 -15.48 -19.24 21.47
C LYS B 6 -15.20 -17.83 21.97
N GLU B 7 -15.21 -17.60 23.28
CA GLU B 7 -14.91 -16.28 23.84
C GLU B 7 -13.53 -15.80 23.37
N LEU B 8 -12.52 -16.67 23.45
CA LEU B 8 -11.17 -16.39 23.01
C LEU B 8 -11.17 -15.94 21.53
N GLU B 9 -11.82 -16.71 20.67
CA GLU B 9 -11.94 -16.38 19.25
C GLU B 9 -12.64 -15.02 19.06
N LEU B 10 -13.83 -14.88 19.63
CA LEU B 10 -14.70 -13.73 19.45
C LEU B 10 -14.08 -12.44 20.00
N LEU B 11 -13.38 -12.50 21.14
CA LEU B 11 -12.77 -11.33 21.77
C LEU B 11 -12.01 -10.50 20.74
N LEU B 12 -11.08 -11.13 20.02
CA LEU B 12 -10.27 -10.42 19.04
C LEU B 12 -11.17 -9.83 17.95
N MET B 13 -12.00 -10.66 17.32
CA MET B 13 -12.94 -10.23 16.29
C MET B 13 -13.73 -8.98 16.72
N SER B 14 -14.24 -9.00 17.96
CA SER B 14 -15.09 -7.94 18.50
C SER B 14 -14.34 -6.63 18.79
N THR B 15 -13.00 -6.62 18.72
CA THR B 15 -12.19 -5.49 19.19
C THR B 15 -12.67 -4.15 18.66
N GLU B 16 -13.16 -4.07 17.42
CA GLU B 16 -13.73 -2.83 16.91
C GLU B 16 -14.89 -2.32 17.79
N ASN B 17 -15.83 -3.21 18.12
CA ASN B 17 -16.95 -2.87 19.00
C ASN B 17 -16.45 -2.54 20.41
N GLU B 18 -15.46 -3.32 20.87
CA GLU B 18 -14.82 -3.08 22.15
C GLU B 18 -14.30 -1.63 22.20
N LEU B 19 -13.48 -1.29 21.20
CA LEU B 19 -12.81 -0.01 21.06
C LEU B 19 -13.83 1.12 20.98
N LYS B 20 -14.81 0.96 20.07
CA LYS B 20 -15.82 1.99 19.82
C LYS B 20 -16.72 2.19 21.04
N GLY B 21 -17.03 1.13 21.80
CA GLY B 21 -17.97 1.24 22.91
C GLY B 21 -17.61 0.34 24.10
N GLN B 22 -17.69 -0.98 23.94
CA GLN B 22 -17.59 -1.89 25.06
C GLN B 22 -16.14 -2.13 25.50
N GLN B 23 -15.49 -1.09 26.03
CA GLN B 23 -14.06 -1.02 26.36
C GLN B 23 -13.58 -2.01 27.43
N ALA B 24 -13.65 -3.31 27.15
CA ALA B 24 -13.09 -4.37 28.00
C ALA B 24 -11.57 -4.44 27.83
N LEU B 25 -10.87 -3.37 28.22
CA LEU B 25 -9.42 -3.29 28.15
C LEU B 25 -8.77 -4.39 28.99
#